data_3BJH
# 
_entry.id   3BJH 
# 
_audit_conform.dict_name       mmcif_pdbx.dic 
_audit_conform.dict_version    5.397 
_audit_conform.dict_location   http://mmcif.pdb.org/dictionaries/ascii/mmcif_pdbx.dic 
# 
loop_
_database_2.database_id 
_database_2.database_code 
_database_2.pdbx_database_accession 
_database_2.pdbx_DOI 
PDB   3BJH         pdb_00003bjh 10.2210/pdb3bjh/pdb 
RCSB  RCSB045596   ?            ?                   
WWPDB D_1000045596 ?            ?                   
# 
loop_
_pdbx_audit_revision_history.ordinal 
_pdbx_audit_revision_history.data_content_type 
_pdbx_audit_revision_history.major_revision 
_pdbx_audit_revision_history.minor_revision 
_pdbx_audit_revision_history.revision_date 
1 'Structure model' 1 0 2007-12-18 
2 'Structure model' 1 1 2011-07-13 
3 'Structure model' 1 2 2024-10-30 
# 
_pdbx_audit_revision_details.ordinal             1 
_pdbx_audit_revision_details.revision_ordinal    1 
_pdbx_audit_revision_details.data_content_type   'Structure model' 
_pdbx_audit_revision_details.provider            repository 
_pdbx_audit_revision_details.type                'Initial release' 
_pdbx_audit_revision_details.description         ? 
_pdbx_audit_revision_details.details             ? 
# 
loop_
_pdbx_audit_revision_group.ordinal 
_pdbx_audit_revision_group.revision_ordinal 
_pdbx_audit_revision_group.data_content_type 
_pdbx_audit_revision_group.group 
1 2 'Structure model' Advisory                    
2 2 'Structure model' 'Version format compliance' 
3 3 'Structure model' 'Data collection'           
4 3 'Structure model' 'Database references'       
5 3 'Structure model' 'Derived calculations'      
6 3 'Structure model' 'Structure summary'         
# 
loop_
_pdbx_audit_revision_category.ordinal 
_pdbx_audit_revision_category.revision_ordinal 
_pdbx_audit_revision_category.data_content_type 
_pdbx_audit_revision_category.category 
1 3 'Structure model' chem_comp_atom            
2 3 'Structure model' chem_comp_bond            
3 3 'Structure model' database_2                
4 3 'Structure model' pdbx_entry_details        
5 3 'Structure model' pdbx_modification_feature 
6 3 'Structure model' struct_site               
# 
loop_
_pdbx_audit_revision_item.ordinal 
_pdbx_audit_revision_item.revision_ordinal 
_pdbx_audit_revision_item.data_content_type 
_pdbx_audit_revision_item.item 
1 3 'Structure model' '_database_2.pdbx_DOI'                
2 3 'Structure model' '_database_2.pdbx_database_accession' 
3 3 'Structure model' '_struct_site.pdbx_auth_asym_id'      
4 3 'Structure model' '_struct_site.pdbx_auth_comp_id'      
5 3 'Structure model' '_struct_site.pdbx_auth_seq_id'       
# 
_pdbx_database_PDB_obs_spr.id               SPRSDE 
_pdbx_database_PDB_obs_spr.date             2007-12-18 
_pdbx_database_PDB_obs_spr.pdb_id           3BJH 
_pdbx_database_PDB_obs_spr.replace_pdb_id   1R5R 
_pdbx_database_PDB_obs_spr.details          ? 
# 
_pdbx_database_status.status_code                     REL 
_pdbx_database_status.entry_id                        3BJH 
_pdbx_database_status.recvd_initial_deposition_date   2007-12-04 
_pdbx_database_status.deposit_site                    RCSB 
_pdbx_database_status.process_site                    PDBJ 
_pdbx_database_status.status_code_sf                  REL 
_pdbx_database_status.status_code_mr                  ? 
_pdbx_database_status.SG_entry                        ? 
_pdbx_database_status.pdb_format_compatible           Y 
_pdbx_database_status.status_code_cs                  ? 
_pdbx_database_status.status_code_nmr_data            ? 
_pdbx_database_status.methods_development_category    ? 
# 
loop_
_pdbx_database_related.db_name 
_pdbx_database_related.db_id 
_pdbx_database_related.details 
_pdbx_database_related.content_type 
PDB 3BFA 'the same protein complexed with the Queen mandibular pheromone' unspecified 
PDB 3BFB 'the same protein with the 9-keto-2(E)-decenoic acid'            unspecified 
PDB 3BFH 'the same protein with the hexadecanoic acid'                    unspecified 
PDB 2H8V 'the same protein without ligand'                                unspecified 
# 
loop_
_audit_author.name 
_audit_author.pdbx_ordinal 
'Lartigue, A.'    1 
'Gruez, A.'       2 
'Briand, L.'      3 
'Blon, F.'        4 
'Bezirard, V.'    5 
'Walsh, M.'       6 
'Pernollet, J.C.' 7 
'Tegoni, M.'      8 
'Cambillau, C.'   9 
# 
loop_
_citation.id 
_citation.title 
_citation.journal_abbrev 
_citation.journal_volume 
_citation.page_first 
_citation.page_last 
_citation.year 
_citation.journal_id_ASTM 
_citation.country 
_citation.journal_id_ISSN 
_citation.journal_id_CSD 
_citation.book_publisher 
_citation.pdbx_database_id_PubMed 
_citation.pdbx_database_id_DOI 
primary 
'Sulfur single-wavelength anomalous diffraction crystal structure of a pheromone-binding protein from the honeybee Apis mellifera L.' 
J.Biol.Chem. 279 4459 4464 2004 JBCHA3 US 0021-9258 0071 ? 14594955 10.1074/jbc.M311212200    
1       'Structural Basis of the Honey Bee PBP Pheromone and pH-induced Conformational Change' J.Mol.Biol.  ?   ?    ?    2008 
JMOBAK UK 1089-8638 0070 ? 18508083 10.1016/j.jmb.2008.04.048 
# 
loop_
_citation_author.citation_id 
_citation_author.name 
_citation_author.ordinal 
_citation_author.identifier_ORCID 
primary 'Lartigue, A.'    1  ? 
primary 'Gruez, A.'       2  ? 
primary 'Briand, L.'      3  ? 
primary 'Blon, F.'        4  ? 
primary 'Walsh, M.'       5  ? 
primary 'Pernollet, J.C.' 6  ? 
primary 'Tegoni, M.'      7  ? 
primary 'Cambillau, C.'   8  ? 
1       'Pesenti, M.E.'   9  ? 
1       'Spinelli, S.'    10 ? 
1       'Bezirard, V.'    11 ? 
1       'Briand, L.'      12 ? 
1       'Pernollet, J.C.' 13 ? 
1       'Tegoni, M.'      14 ? 
1       'Cambillau, C.'   15 ? 
# 
loop_
_entity.id 
_entity.type 
_entity.src_method 
_entity.pdbx_description 
_entity.formula_weight 
_entity.pdbx_number_of_molecules 
_entity.pdbx_ec 
_entity.pdbx_mutation 
_entity.pdbx_fragment 
_entity.details 
1 polymer     man 'Pheromone-binding protein ASP1' 13194.789 1   ? ? 'UNP residues 26-144' ? 
2 non-polymer syn N-BUTYL-BENZENESULFONAMIDE       213.297   1   ? ? ?                     ? 
3 non-polymer syn GLYCEROL                         92.094    1   ? ? ?                     ? 
4 water       nat water                            18.015    158 ? ? ?                     ? 
# 
_entity_poly.entity_id                      1 
_entity_poly.type                           'polypeptide(L)' 
_entity_poly.nstd_linkage                   no 
_entity_poly.nstd_monomer                   no 
_entity_poly.pdbx_seq_one_letter_code       
;APDWVPPEVFDLVAEDKARCMSEHGTTQAQIDDVDKGNLVNEPSITCYMYCLLEAFSLVDDEANVDEDIMLGLLPDQLQE
RAQSVMGKCLPTSGSDNCNKIYNLAKCVQESAPDVWFVI
;
_entity_poly.pdbx_seq_one_letter_code_can   
;APDWVPPEVFDLVAEDKARCMSEHGTTQAQIDDVDKGNLVNEPSITCYMYCLLEAFSLVDDEANVDEDIMLGLLPDQLQE
RAQSVMGKCLPTSGSDNCNKIYNLAKCVQESAPDVWFVI
;
_entity_poly.pdbx_strand_id                 A 
_entity_poly.pdbx_target_identifier         ? 
# 
loop_
_pdbx_entity_nonpoly.entity_id 
_pdbx_entity_nonpoly.name 
_pdbx_entity_nonpoly.comp_id 
2 N-BUTYL-BENZENESULFONAMIDE NBB 
3 GLYCEROL                   GOL 
4 water                      HOH 
# 
loop_
_entity_poly_seq.entity_id 
_entity_poly_seq.num 
_entity_poly_seq.mon_id 
_entity_poly_seq.hetero 
1 1   ALA n 
1 2   PRO n 
1 3   ASP n 
1 4   TRP n 
1 5   VAL n 
1 6   PRO n 
1 7   PRO n 
1 8   GLU n 
1 9   VAL n 
1 10  PHE n 
1 11  ASP n 
1 12  LEU n 
1 13  VAL n 
1 14  ALA n 
1 15  GLU n 
1 16  ASP n 
1 17  LYS n 
1 18  ALA n 
1 19  ARG n 
1 20  CYS n 
1 21  MET n 
1 22  SER n 
1 23  GLU n 
1 24  HIS n 
1 25  GLY n 
1 26  THR n 
1 27  THR n 
1 28  GLN n 
1 29  ALA n 
1 30  GLN n 
1 31  ILE n 
1 32  ASP n 
1 33  ASP n 
1 34  VAL n 
1 35  ASP n 
1 36  LYS n 
1 37  GLY n 
1 38  ASN n 
1 39  LEU n 
1 40  VAL n 
1 41  ASN n 
1 42  GLU n 
1 43  PRO n 
1 44  SER n 
1 45  ILE n 
1 46  THR n 
1 47  CYS n 
1 48  TYR n 
1 49  MET n 
1 50  TYR n 
1 51  CYS n 
1 52  LEU n 
1 53  LEU n 
1 54  GLU n 
1 55  ALA n 
1 56  PHE n 
1 57  SER n 
1 58  LEU n 
1 59  VAL n 
1 60  ASP n 
1 61  ASP n 
1 62  GLU n 
1 63  ALA n 
1 64  ASN n 
1 65  VAL n 
1 66  ASP n 
1 67  GLU n 
1 68  ASP n 
1 69  ILE n 
1 70  MET n 
1 71  LEU n 
1 72  GLY n 
1 73  LEU n 
1 74  LEU n 
1 75  PRO n 
1 76  ASP n 
1 77  GLN n 
1 78  LEU n 
1 79  GLN n 
1 80  GLU n 
1 81  ARG n 
1 82  ALA n 
1 83  GLN n 
1 84  SER n 
1 85  VAL n 
1 86  MET n 
1 87  GLY n 
1 88  LYS n 
1 89  CYS n 
1 90  LEU n 
1 91  PRO n 
1 92  THR n 
1 93  SER n 
1 94  GLY n 
1 95  SER n 
1 96  ASP n 
1 97  ASN n 
1 98  CYS n 
1 99  ASN n 
1 100 LYS n 
1 101 ILE n 
1 102 TYR n 
1 103 ASN n 
1 104 LEU n 
1 105 ALA n 
1 106 LYS n 
1 107 CYS n 
1 108 VAL n 
1 109 GLN n 
1 110 GLU n 
1 111 SER n 
1 112 ALA n 
1 113 PRO n 
1 114 ASP n 
1 115 VAL n 
1 116 TRP n 
1 117 PHE n 
1 118 VAL n 
1 119 ILE n 
# 
_entity_src_gen.entity_id                          1 
_entity_src_gen.pdbx_src_id                        1 
_entity_src_gen.pdbx_alt_source_flag               sample 
_entity_src_gen.pdbx_seq_type                      ? 
_entity_src_gen.pdbx_beg_seq_num                   ? 
_entity_src_gen.pdbx_end_seq_num                   ? 
_entity_src_gen.gene_src_common_name               Honeybee 
_entity_src_gen.gene_src_genus                     ? 
_entity_src_gen.pdbx_gene_src_gene                 ? 
_entity_src_gen.gene_src_species                   ? 
_entity_src_gen.gene_src_strain                    ? 
_entity_src_gen.gene_src_tissue                    ? 
_entity_src_gen.gene_src_tissue_fraction           ? 
_entity_src_gen.gene_src_details                   ? 
_entity_src_gen.pdbx_gene_src_fragment             ? 
_entity_src_gen.pdbx_gene_src_scientific_name      'Apis mellifera' 
_entity_src_gen.pdbx_gene_src_ncbi_taxonomy_id     ? 
_entity_src_gen.pdbx_gene_src_variant              ? 
_entity_src_gen.pdbx_gene_src_cell_line            ? 
_entity_src_gen.pdbx_gene_src_atcc                 ? 
_entity_src_gen.pdbx_gene_src_organ                ? 
_entity_src_gen.pdbx_gene_src_organelle            ? 
_entity_src_gen.pdbx_gene_src_cell                 ? 
_entity_src_gen.pdbx_gene_src_cellular_location    ? 
_entity_src_gen.host_org_common_name               ? 
_entity_src_gen.pdbx_host_org_scientific_name      'Pichia pastoris' 
_entity_src_gen.pdbx_host_org_ncbi_taxonomy_id     ? 
_entity_src_gen.host_org_genus                     ? 
_entity_src_gen.pdbx_host_org_gene                 ? 
_entity_src_gen.pdbx_host_org_organ                ? 
_entity_src_gen.host_org_species                   ? 
_entity_src_gen.pdbx_host_org_tissue               ? 
_entity_src_gen.pdbx_host_org_tissue_fraction      ? 
_entity_src_gen.pdbx_host_org_strain               ? 
_entity_src_gen.pdbx_host_org_variant              ? 
_entity_src_gen.pdbx_host_org_cell_line            ? 
_entity_src_gen.pdbx_host_org_atcc                 ? 
_entity_src_gen.pdbx_host_org_culture_collection   ? 
_entity_src_gen.pdbx_host_org_cell                 ? 
_entity_src_gen.pdbx_host_org_organelle            ? 
_entity_src_gen.pdbx_host_org_cellular_location    ? 
_entity_src_gen.pdbx_host_org_vector_type          plasmid 
_entity_src_gen.pdbx_host_org_vector               ? 
_entity_src_gen.host_org_details                   ? 
_entity_src_gen.expression_system_id               ? 
_entity_src_gen.plasmid_name                       pHIL-D2 
_entity_src_gen.plasmid_details                    ? 
_entity_src_gen.pdbx_description                   ? 
# 
loop_
_chem_comp.id 
_chem_comp.type 
_chem_comp.mon_nstd_flag 
_chem_comp.name 
_chem_comp.pdbx_synonyms 
_chem_comp.formula 
_chem_comp.formula_weight 
ALA 'L-peptide linking' y ALANINE                    ?                               'C3 H7 N O2'     89.093  
ARG 'L-peptide linking' y ARGININE                   ?                               'C6 H15 N4 O2 1' 175.209 
ASN 'L-peptide linking' y ASPARAGINE                 ?                               'C4 H8 N2 O3'    132.118 
ASP 'L-peptide linking' y 'ASPARTIC ACID'            ?                               'C4 H7 N O4'     133.103 
CYS 'L-peptide linking' y CYSTEINE                   ?                               'C3 H7 N O2 S'   121.158 
GLN 'L-peptide linking' y GLUTAMINE                  ?                               'C5 H10 N2 O3'   146.144 
GLU 'L-peptide linking' y 'GLUTAMIC ACID'            ?                               'C5 H9 N O4'     147.129 
GLY 'peptide linking'   y GLYCINE                    ?                               'C2 H5 N O2'     75.067  
GOL non-polymer         . GLYCEROL                   'GLYCERIN; PROPANE-1,2,3-TRIOL' 'C3 H8 O3'       92.094  
HIS 'L-peptide linking' y HISTIDINE                  ?                               'C6 H10 N3 O2 1' 156.162 
HOH non-polymer         . WATER                      ?                               'H2 O'           18.015  
ILE 'L-peptide linking' y ISOLEUCINE                 ?                               'C6 H13 N O2'    131.173 
LEU 'L-peptide linking' y LEUCINE                    ?                               'C6 H13 N O2'    131.173 
LYS 'L-peptide linking' y LYSINE                     ?                               'C6 H15 N2 O2 1' 147.195 
MET 'L-peptide linking' y METHIONINE                 ?                               'C5 H11 N O2 S'  149.211 
NBB non-polymer         . N-BUTYL-BENZENESULFONAMIDE ?                               'C10 H15 N O2 S' 213.297 
PHE 'L-peptide linking' y PHENYLALANINE              ?                               'C9 H11 N O2'    165.189 
PRO 'L-peptide linking' y PROLINE                    ?                               'C5 H9 N O2'     115.130 
SER 'L-peptide linking' y SERINE                     ?                               'C3 H7 N O3'     105.093 
THR 'L-peptide linking' y THREONINE                  ?                               'C4 H9 N O3'     119.119 
TRP 'L-peptide linking' y TRYPTOPHAN                 ?                               'C11 H12 N2 O2'  204.225 
TYR 'L-peptide linking' y TYROSINE                   ?                               'C9 H11 N O3'    181.189 
VAL 'L-peptide linking' y VALINE                     ?                               'C5 H11 N O2'    117.146 
# 
loop_
_pdbx_poly_seq_scheme.asym_id 
_pdbx_poly_seq_scheme.entity_id 
_pdbx_poly_seq_scheme.seq_id 
_pdbx_poly_seq_scheme.mon_id 
_pdbx_poly_seq_scheme.ndb_seq_num 
_pdbx_poly_seq_scheme.pdb_seq_num 
_pdbx_poly_seq_scheme.auth_seq_num 
_pdbx_poly_seq_scheme.pdb_mon_id 
_pdbx_poly_seq_scheme.auth_mon_id 
_pdbx_poly_seq_scheme.pdb_strand_id 
_pdbx_poly_seq_scheme.pdb_ins_code 
_pdbx_poly_seq_scheme.hetero 
A 1 1   ALA 1   1   ?   ?   ?   A . n 
A 1 2   PRO 2   2   ?   ?   ?   A . n 
A 1 3   ASP 3   3   3   ASP ASP A . n 
A 1 4   TRP 4   4   4   TRP TRP A . n 
A 1 5   VAL 5   5   5   VAL VAL A . n 
A 1 6   PRO 6   6   6   PRO PRO A . n 
A 1 7   PRO 7   7   7   PRO PRO A . n 
A 1 8   GLU 8   8   8   GLU GLU A . n 
A 1 9   VAL 9   9   9   VAL VAL A . n 
A 1 10  PHE 10  10  10  PHE PHE A . n 
A 1 11  ASP 11  11  11  ASP ASP A . n 
A 1 12  LEU 12  12  12  LEU LEU A . n 
A 1 13  VAL 13  13  13  VAL VAL A . n 
A 1 14  ALA 14  14  14  ALA ALA A . n 
A 1 15  GLU 15  15  15  GLU GLU A . n 
A 1 16  ASP 16  16  16  ASP ASP A . n 
A 1 17  LYS 17  17  17  LYS LYS A . n 
A 1 18  ALA 18  18  18  ALA ALA A . n 
A 1 19  ARG 19  19  19  ARG ARG A . n 
A 1 20  CYS 20  20  20  CYS CYS A . n 
A 1 21  MET 21  21  21  MET MET A . n 
A 1 22  SER 22  22  22  SER SER A . n 
A 1 23  GLU 23  23  23  GLU GLU A . n 
A 1 24  HIS 24  24  24  HIS HIS A . n 
A 1 25  GLY 25  25  25  GLY GLY A . n 
A 1 26  THR 26  26  26  THR THR A . n 
A 1 27  THR 27  27  27  THR THR A . n 
A 1 28  GLN 28  28  28  GLN GLN A . n 
A 1 29  ALA 29  29  29  ALA ALA A . n 
A 1 30  GLN 30  30  30  GLN GLN A . n 
A 1 31  ILE 31  31  31  ILE ILE A . n 
A 1 32  ASP 32  32  32  ASP ASP A . n 
A 1 33  ASP 33  33  33  ASP ASP A . n 
A 1 34  VAL 34  34  34  VAL VAL A . n 
A 1 35  ASP 35  35  35  ASP ASP A . n 
A 1 36  LYS 36  36  36  LYS LYS A . n 
A 1 37  GLY 37  37  37  GLY GLY A . n 
A 1 38  ASN 38  38  38  ASN ASN A . n 
A 1 39  LEU 39  39  39  LEU LEU A . n 
A 1 40  VAL 40  40  40  VAL VAL A . n 
A 1 41  ASN 41  41  41  ASN ASN A . n 
A 1 42  GLU 42  42  42  GLU GLU A . n 
A 1 43  PRO 43  43  43  PRO PRO A . n 
A 1 44  SER 44  44  44  SER SER A . n 
A 1 45  ILE 45  45  45  ILE ILE A . n 
A 1 46  THR 46  46  46  THR THR A . n 
A 1 47  CYS 47  47  47  CYS CYS A . n 
A 1 48  TYR 48  48  48  TYR TYR A . n 
A 1 49  MET 49  49  49  MET MET A . n 
A 1 50  TYR 50  50  50  TYR TYR A . n 
A 1 51  CYS 51  51  51  CYS CYS A . n 
A 1 52  LEU 52  52  52  LEU LEU A . n 
A 1 53  LEU 53  53  53  LEU LEU A . n 
A 1 54  GLU 54  54  54  GLU GLU A . n 
A 1 55  ALA 55  55  55  ALA ALA A . n 
A 1 56  PHE 56  56  56  PHE PHE A . n 
A 1 57  SER 57  57  57  SER SER A . n 
A 1 58  LEU 58  58  58  LEU LEU A . n 
A 1 59  VAL 59  59  59  VAL VAL A . n 
A 1 60  ASP 60  60  60  ASP ASP A . n 
A 1 61  ASP 61  61  61  ASP ASP A . n 
A 1 62  GLU 62  62  62  GLU GLU A . n 
A 1 63  ALA 63  63  63  ALA ALA A . n 
A 1 64  ASN 64  64  64  ASN ASN A . n 
A 1 65  VAL 65  65  65  VAL VAL A . n 
A 1 66  ASP 66  66  66  ASP ASP A . n 
A 1 67  GLU 67  67  67  GLU GLU A . n 
A 1 68  ASP 68  68  68  ASP ASP A . n 
A 1 69  ILE 69  69  69  ILE ILE A . n 
A 1 70  MET 70  70  70  MET MET A . n 
A 1 71  LEU 71  71  71  LEU LEU A . n 
A 1 72  GLY 72  72  72  GLY GLY A . n 
A 1 73  LEU 73  73  73  LEU LEU A . n 
A 1 74  LEU 74  74  74  LEU LEU A . n 
A 1 75  PRO 75  75  75  PRO PRO A . n 
A 1 76  ASP 76  76  76  ASP ASP A . n 
A 1 77  GLN 77  77  77  GLN GLN A . n 
A 1 78  LEU 78  78  78  LEU LEU A . n 
A 1 79  GLN 79  79  79  GLN GLN A . n 
A 1 80  GLU 80  80  80  GLU GLU A . n 
A 1 81  ARG 81  81  81  ARG ARG A . n 
A 1 82  ALA 82  82  82  ALA ALA A . n 
A 1 83  GLN 83  83  83  GLN GLN A . n 
A 1 84  SER 84  84  84  SER SER A . n 
A 1 85  VAL 85  85  85  VAL VAL A . n 
A 1 86  MET 86  86  86  MET MET A . n 
A 1 87  GLY 87  87  87  GLY GLY A . n 
A 1 88  LYS 88  88  88  LYS LYS A . n 
A 1 89  CYS 89  89  89  CYS CYS A . n 
A 1 90  LEU 90  90  90  LEU LEU A . n 
A 1 91  PRO 91  91  91  PRO PRO A . n 
A 1 92  THR 92  92  92  THR THR A . n 
A 1 93  SER 93  93  93  SER SER A . n 
A 1 94  GLY 94  94  94  GLY GLY A . n 
A 1 95  SER 95  95  95  SER SER A . n 
A 1 96  ASP 96  96  96  ASP ASP A . n 
A 1 97  ASN 97  97  97  ASN ASN A . n 
A 1 98  CYS 98  98  98  CYS CYS A . n 
A 1 99  ASN 99  99  99  ASN ASN A . n 
A 1 100 LYS 100 100 100 LYS LYS A . n 
A 1 101 ILE 101 101 101 ILE ILE A . n 
A 1 102 TYR 102 102 102 TYR TYR A . n 
A 1 103 ASN 103 103 103 ASN ASN A . n 
A 1 104 LEU 104 104 104 LEU LEU A . n 
A 1 105 ALA 105 105 105 ALA ALA A . n 
A 1 106 LYS 106 106 106 LYS LYS A . n 
A 1 107 CYS 107 107 107 CYS CYS A . n 
A 1 108 VAL 108 108 108 VAL VAL A . n 
A 1 109 GLN 109 109 109 GLN GLN A . n 
A 1 110 GLU 110 110 110 GLU GLU A . n 
A 1 111 SER 111 111 111 SER SER A . n 
A 1 112 ALA 112 112 112 ALA ALA A . n 
A 1 113 PRO 113 113 113 PRO PRO A . n 
A 1 114 ASP 114 114 114 ASP ASP A . n 
A 1 115 VAL 115 115 115 VAL VAL A . n 
A 1 116 TRP 116 116 116 TRP TRP A . n 
A 1 117 PHE 117 117 117 PHE PHE A . n 
A 1 118 VAL 118 118 118 VAL VAL A . n 
A 1 119 ILE 119 119 119 ILE ILE A . n 
# 
loop_
_pdbx_nonpoly_scheme.asym_id 
_pdbx_nonpoly_scheme.entity_id 
_pdbx_nonpoly_scheme.mon_id 
_pdbx_nonpoly_scheme.ndb_seq_num 
_pdbx_nonpoly_scheme.pdb_seq_num 
_pdbx_nonpoly_scheme.auth_seq_num 
_pdbx_nonpoly_scheme.pdb_mon_id 
_pdbx_nonpoly_scheme.auth_mon_id 
_pdbx_nonpoly_scheme.pdb_strand_id 
_pdbx_nonpoly_scheme.pdb_ins_code 
B 2 NBB 1   120 1   NBB NBB A . 
C 3 GOL 1   121 1   GOL GOL A . 
D 4 HOH 1   122 2   HOH HOH A . 
D 4 HOH 2   123 3   HOH HOH A . 
D 4 HOH 3   124 4   HOH HOH A . 
D 4 HOH 4   125 5   HOH HOH A . 
D 4 HOH 5   126 6   HOH HOH A . 
D 4 HOH 6   127 7   HOH HOH A . 
D 4 HOH 7   128 9   HOH HOH A . 
D 4 HOH 8   129 10  HOH HOH A . 
D 4 HOH 9   130 11  HOH HOH A . 
D 4 HOH 10  131 12  HOH HOH A . 
D 4 HOH 11  132 13  HOH HOH A . 
D 4 HOH 12  133 14  HOH HOH A . 
D 4 HOH 13  134 15  HOH HOH A . 
D 4 HOH 14  135 16  HOH HOH A . 
D 4 HOH 15  136 17  HOH HOH A . 
D 4 HOH 16  137 18  HOH HOH A . 
D 4 HOH 17  138 19  HOH HOH A . 
D 4 HOH 18  139 20  HOH HOH A . 
D 4 HOH 19  140 21  HOH HOH A . 
D 4 HOH 20  141 22  HOH HOH A . 
D 4 HOH 21  142 23  HOH HOH A . 
D 4 HOH 22  143 24  HOH HOH A . 
D 4 HOH 23  144 25  HOH HOH A . 
D 4 HOH 24  145 26  HOH HOH A . 
D 4 HOH 25  146 27  HOH HOH A . 
D 4 HOH 26  147 28  HOH HOH A . 
D 4 HOH 27  148 29  HOH HOH A . 
D 4 HOH 28  149 30  HOH HOH A . 
D 4 HOH 29  150 31  HOH HOH A . 
D 4 HOH 30  151 32  HOH HOH A . 
D 4 HOH 31  152 33  HOH HOH A . 
D 4 HOH 32  153 34  HOH HOH A . 
D 4 HOH 33  154 35  HOH HOH A . 
D 4 HOH 34  155 36  HOH HOH A . 
D 4 HOH 35  156 37  HOH HOH A . 
D 4 HOH 36  157 38  HOH HOH A . 
D 4 HOH 37  158 39  HOH HOH A . 
D 4 HOH 38  159 40  HOH HOH A . 
D 4 HOH 39  160 41  HOH HOH A . 
D 4 HOH 40  161 42  HOH HOH A . 
D 4 HOH 41  162 43  HOH HOH A . 
D 4 HOH 42  163 44  HOH HOH A . 
D 4 HOH 43  164 45  HOH HOH A . 
D 4 HOH 44  165 47  HOH HOH A . 
D 4 HOH 45  166 48  HOH HOH A . 
D 4 HOH 46  167 49  HOH HOH A . 
D 4 HOH 47  168 50  HOH HOH A . 
D 4 HOH 48  169 51  HOH HOH A . 
D 4 HOH 49  170 52  HOH HOH A . 
D 4 HOH 50  171 53  HOH HOH A . 
D 4 HOH 51  172 54  HOH HOH A . 
D 4 HOH 52  173 55  HOH HOH A . 
D 4 HOH 53  174 56  HOH HOH A . 
D 4 HOH 54  175 58  HOH HOH A . 
D 4 HOH 55  176 59  HOH HOH A . 
D 4 HOH 56  177 60  HOH HOH A . 
D 4 HOH 57  178 61  HOH HOH A . 
D 4 HOH 58  179 62  HOH HOH A . 
D 4 HOH 59  180 63  HOH HOH A . 
D 4 HOH 60  181 64  HOH HOH A . 
D 4 HOH 61  182 65  HOH HOH A . 
D 4 HOH 62  183 66  HOH HOH A . 
D 4 HOH 63  184 67  HOH HOH A . 
D 4 HOH 64  185 68  HOH HOH A . 
D 4 HOH 65  186 69  HOH HOH A . 
D 4 HOH 66  187 70  HOH HOH A . 
D 4 HOH 67  188 71  HOH HOH A . 
D 4 HOH 68  189 72  HOH HOH A . 
D 4 HOH 69  190 74  HOH HOH A . 
D 4 HOH 70  191 75  HOH HOH A . 
D 4 HOH 71  192 76  HOH HOH A . 
D 4 HOH 72  193 78  HOH HOH A . 
D 4 HOH 73  194 79  HOH HOH A . 
D 4 HOH 74  195 81  HOH HOH A . 
D 4 HOH 75  196 82  HOH HOH A . 
D 4 HOH 76  197 87  HOH HOH A . 
D 4 HOH 77  198 88  HOH HOH A . 
D 4 HOH 78  199 89  HOH HOH A . 
D 4 HOH 79  200 90  HOH HOH A . 
D 4 HOH 80  201 91  HOH HOH A . 
D 4 HOH 81  202 93  HOH HOH A . 
D 4 HOH 82  203 94  HOH HOH A . 
D 4 HOH 83  204 95  HOH HOH A . 
D 4 HOH 84  205 96  HOH HOH A . 
D 4 HOH 85  206 97  HOH HOH A . 
D 4 HOH 86  207 98  HOH HOH A . 
D 4 HOH 87  208 101 HOH HOH A . 
D 4 HOH 88  209 103 HOH HOH A . 
D 4 HOH 89  210 104 HOH HOH A . 
D 4 HOH 90  211 111 HOH HOH A . 
D 4 HOH 91  212 113 HOH HOH A . 
D 4 HOH 92  213 120 HOH HOH A . 
D 4 HOH 93  214 121 HOH HOH A . 
D 4 HOH 94  215 125 HOH HOH A . 
D 4 HOH 95  216 126 HOH HOH A . 
D 4 HOH 96  217 133 HOH HOH A . 
D 4 HOH 97  218 136 HOH HOH A . 
D 4 HOH 98  219 140 HOH HOH A . 
D 4 HOH 99  220 156 HOH HOH A . 
D 4 HOH 100 221 231 HOH HOH A . 
D 4 HOH 101 222 233 HOH HOH A . 
D 4 HOH 102 223 234 HOH HOH A . 
D 4 HOH 103 224 236 HOH HOH A . 
D 4 HOH 104 225 239 HOH HOH A . 
D 4 HOH 105 226 240 HOH HOH A . 
D 4 HOH 106 227 241 HOH HOH A . 
D 4 HOH 107 228 242 HOH HOH A . 
D 4 HOH 108 229 244 HOH HOH A . 
D 4 HOH 109 230 245 HOH HOH A . 
D 4 HOH 110 231 247 HOH HOH A . 
D 4 HOH 111 232 250 HOH HOH A . 
D 4 HOH 112 233 252 HOH HOH A . 
D 4 HOH 113 234 253 HOH HOH A . 
D 4 HOH 114 235 254 HOH HOH A . 
D 4 HOH 115 236 257 HOH HOH A . 
D 4 HOH 116 237 259 HOH HOH A . 
D 4 HOH 117 238 268 HOH HOH A . 
D 4 HOH 118 239 270 HOH HOH A . 
D 4 HOH 119 240 277 HOH HOH A . 
D 4 HOH 120 241 279 HOH HOH A . 
D 4 HOH 121 242 281 HOH HOH A . 
D 4 HOH 122 243 282 HOH HOH A . 
D 4 HOH 123 244 283 HOH HOH A . 
D 4 HOH 124 245 284 HOH HOH A . 
D 4 HOH 125 246 289 HOH HOH A . 
D 4 HOH 126 247 292 HOH HOH A . 
D 4 HOH 127 248 294 HOH HOH A . 
D 4 HOH 128 249 301 HOH HOH A . 
D 4 HOH 129 250 310 HOH HOH A . 
D 4 HOH 130 251 314 HOH HOH A . 
D 4 HOH 131 252 317 HOH HOH A . 
D 4 HOH 132 253 320 HOH HOH A . 
D 4 HOH 133 254 321 HOH HOH A . 
D 4 HOH 134 255 322 HOH HOH A . 
D 4 HOH 135 256 326 HOH HOH A . 
D 4 HOH 136 257 328 HOH HOH A . 
D 4 HOH 137 258 338 HOH HOH A . 
D 4 HOH 138 259 339 HOH HOH A . 
D 4 HOH 139 260 340 HOH HOH A . 
D 4 HOH 140 261 342 HOH HOH A . 
D 4 HOH 141 262 345 HOH HOH A . 
D 4 HOH 142 263 346 HOH HOH A . 
D 4 HOH 143 264 347 HOH HOH A . 
D 4 HOH 144 265 349 HOH HOH A . 
D 4 HOH 145 266 350 HOH HOH A . 
D 4 HOH 146 267 352 HOH HOH A . 
D 4 HOH 147 268 353 HOH HOH A . 
D 4 HOH 148 269 354 HOH HOH A . 
D 4 HOH 149 270 356 HOH HOH A . 
D 4 HOH 150 271 357 HOH HOH A . 
D 4 HOH 151 272 359 HOH HOH A . 
D 4 HOH 152 273 360 HOH HOH A . 
D 4 HOH 153 274 361 HOH HOH A . 
D 4 HOH 154 275 362 HOH HOH A . 
D 4 HOH 155 276 363 HOH HOH A . 
D 4 HOH 156 277 364 HOH HOH A . 
D 4 HOH 157 278 365 HOH HOH A . 
D 4 HOH 158 279 366 HOH HOH A . 
# 
loop_
_software.name 
_software.classification 
_software.version 
_software.citation_id 
_software.pdbx_ordinal 
REFMAC refinement       5.2.0019 ? 1 
DENZO  'data reduction' .        ? 2 
SCALA  'data scaling'   .        ? 3 
SOLVE  phasing          .        ? 4 
# 
_cell.entry_id           3BJH 
_cell.length_a           75.386 
_cell.length_b           86.289 
_cell.length_c           50.698 
_cell.angle_alpha        90.00 
_cell.angle_beta         90.00 
_cell.angle_gamma        90.00 
_cell.Z_PDB              8 
_cell.pdbx_unique_axis   ? 
_cell.length_a_esd       ? 
_cell.length_b_esd       ? 
_cell.length_c_esd       ? 
_cell.angle_alpha_esd    ? 
_cell.angle_beta_esd     ? 
_cell.angle_gamma_esd    ? 
# 
_symmetry.entry_id                         3BJH 
_symmetry.space_group_name_H-M             'C 2 2 21' 
_symmetry.pdbx_full_space_group_name_H-M   ? 
_symmetry.cell_setting                     ? 
_symmetry.Int_Tables_number                20 
_symmetry.space_group_name_Hall            ? 
# 
_exptl.entry_id          3BJH 
_exptl.method            'X-RAY DIFFRACTION' 
_exptl.crystals_number   1 
# 
_exptl_crystal.id                    1 
_exptl_crystal.density_meas          ? 
_exptl_crystal.density_Matthews      3.12 
_exptl_crystal.density_percent_sol   60.63 
_exptl_crystal.description           ? 
_exptl_crystal.F_000                 ? 
_exptl_crystal.preparation           ? 
# 
_exptl_crystal_grow.crystal_id      1 
_exptl_crystal_grow.method          'VAPOR DIFFUSION, HANGING DROP' 
_exptl_crystal_grow.temp            293 
_exptl_crystal_grow.temp_details    ? 
_exptl_crystal_grow.pH              5.5 
_exptl_crystal_grow.pdbx_details    
'1.5M ammonium sulfate, 0.15M sodium citrate, pH5.5, VAPOR DIFFUSION, HANGING DROP, temperature 293K' 
_exptl_crystal_grow.pdbx_pH_range   . 
# 
_diffrn.id                     1 
_diffrn.ambient_temp           100 
_diffrn.ambient_temp_details   ? 
_diffrn.crystal_id             1 
# 
_diffrn_detector.diffrn_id              1 
_diffrn_detector.detector               CCD 
_diffrn_detector.type                   'ADSC QUANTUM 4' 
_diffrn_detector.pdbx_collection_date   2002-07-23 
_diffrn_detector.details                mirrors 
# 
_diffrn_radiation.diffrn_id                        1 
_diffrn_radiation.wavelength_id                    1 
_diffrn_radiation.pdbx_monochromatic_or_laue_m_l   M 
_diffrn_radiation.monochromator                    'Diamond (111), Ge (220)' 
_diffrn_radiation.pdbx_diffrn_protocol             'SINGLE WAVELENGTH' 
_diffrn_radiation.pdbx_scattering_type             x-ray 
# 
_diffrn_radiation_wavelength.id           1 
_diffrn_radiation_wavelength.wavelength   0.933 
_diffrn_radiation_wavelength.wt           1.0 
# 
_diffrn_source.diffrn_id                   1 
_diffrn_source.source                      SYNCHROTRON 
_diffrn_source.type                        'ESRF BEAMLINE ID14-2' 
_diffrn_source.pdbx_synchrotron_site       ESRF 
_diffrn_source.pdbx_synchrotron_beamline   ID14-2 
_diffrn_source.pdbx_wavelength             ? 
_diffrn_source.pdbx_wavelength_list        0.933 
# 
_reflns.entry_id                     3BJH 
_reflns.observed_criterion_sigma_F   5.4 
_reflns.observed_criterion_sigma_I   ? 
_reflns.d_resolution_high            1.6 
_reflns.d_resolution_low             37.8 
_reflns.number_all                   ? 
_reflns.number_obs                   22274 
_reflns.percent_possible_obs         99.6 
_reflns.pdbx_Rmerge_I_obs            0.062 
_reflns.pdbx_Rsym_value              ? 
_reflns.pdbx_netI_over_sigmaI        ? 
_reflns.B_iso_Wilson_estimate        ? 
_reflns.pdbx_redundancy              5.2 
_reflns.R_free_details               ? 
_reflns.limit_h_max                  ? 
_reflns.limit_h_min                  ? 
_reflns.limit_k_max                  ? 
_reflns.limit_k_min                  ? 
_reflns.limit_l_max                  ? 
_reflns.limit_l_min                  ? 
_reflns.observed_criterion_F_max     ? 
_reflns.observed_criterion_F_min     ? 
_reflns.pdbx_chi_squared             ? 
_reflns.pdbx_scaling_rejects         ? 
_reflns.pdbx_ordinal                 1 
_reflns.pdbx_diffrn_id               1 
# 
_reflns_shell.d_res_high             1.6 
_reflns_shell.d_res_low              1.68 
_reflns_shell.percent_possible_all   99.6 
_reflns_shell.Rmerge_I_obs           0.305 
_reflns_shell.pdbx_Rsym_value        ? 
_reflns_shell.meanI_over_sigI_obs    2.4 
_reflns_shell.pdbx_redundancy        3.8 
_reflns_shell.percent_possible_obs   ? 
_reflns_shell.number_unique_all      ? 
_reflns_shell.number_measured_all    ? 
_reflns_shell.number_measured_obs    ? 
_reflns_shell.number_unique_obs      ? 
_reflns_shell.pdbx_chi_squared       ? 
_reflns_shell.pdbx_ordinal           1 
_reflns_shell.pdbx_diffrn_id         1 
# 
_refine.entry_id                                 3BJH 
_refine.ls_number_reflns_obs                     19846 
_refine.ls_number_reflns_all                     ? 
_refine.pdbx_ls_sigma_I                          ? 
_refine.pdbx_ls_sigma_F                          ? 
_refine.pdbx_data_cutoff_high_absF               ? 
_refine.pdbx_data_cutoff_low_absF                ? 
_refine.pdbx_data_cutoff_high_rms_absF           ? 
_refine.ls_d_res_low                             20.00 
_refine.ls_d_res_high                            1.60 
_refine.ls_percent_reflns_obs                    99.50 
_refine.ls_R_factor_obs                          0.17495 
_refine.ls_R_factor_all                          ? 
_refine.ls_R_factor_R_work                       0.17147 
_refine.ls_R_factor_R_free                       0.20645 
_refine.ls_R_factor_R_free_error                 ? 
_refine.ls_R_factor_R_free_error_details         ? 
_refine.ls_percent_reflns_R_free                 10.1 
_refine.ls_number_reflns_R_free                  2234 
_refine.ls_number_parameters                     ? 
_refine.ls_number_restraints                     ? 
_refine.occupancy_min                            ? 
_refine.occupancy_max                            ? 
_refine.correlation_coeff_Fo_to_Fc               0.968 
_refine.correlation_coeff_Fo_to_Fc_free          0.951 
_refine.B_iso_mean                               32.369 
_refine.aniso_B[1][1]                            2.50 
_refine.aniso_B[2][2]                            -1.00 
_refine.aniso_B[3][3]                            -1.51 
_refine.aniso_B[1][2]                            0.00 
_refine.aniso_B[1][3]                            0.00 
_refine.aniso_B[2][3]                            0.00 
_refine.solvent_model_details                    'BABINET MODEL WITH MASK' 
_refine.solvent_model_param_ksol                 ? 
_refine.solvent_model_param_bsol                 ? 
_refine.pdbx_solvent_vdw_probe_radii             1.20 
_refine.pdbx_solvent_ion_probe_radii             0.80 
_refine.pdbx_solvent_shrinkage_radii             0.80 
_refine.pdbx_ls_cross_valid_method               THROUGHOUT 
_refine.details                                  'HYDROGENS HAVE BEEN ADDED IN THE RIDING POSITIONS' 
_refine.pdbx_starting_model                      ? 
_refine.pdbx_method_to_determine_struct          SAD 
_refine.pdbx_isotropic_thermal_model             ? 
_refine.pdbx_stereochemistry_target_values       'MAXIMUM LIKELIHOOD' 
_refine.pdbx_stereochem_target_val_spec_case     ? 
_refine.pdbx_R_Free_selection_details            RANDOM 
_refine.pdbx_overall_ESU_R                       0.076 
_refine.pdbx_overall_ESU_R_Free                  0.081 
_refine.overall_SU_ML                            0.050 
_refine.overall_SU_B                             2.850 
_refine.ls_redundancy_reflns_obs                 ? 
_refine.B_iso_min                                ? 
_refine.B_iso_max                                ? 
_refine.overall_SU_R_Cruickshank_DPI             ? 
_refine.overall_SU_R_free                        ? 
_refine.ls_wR_factor_R_free                      ? 
_refine.ls_wR_factor_R_work                      ? 
_refine.overall_FOM_free_R_set                   ? 
_refine.overall_FOM_work_R_set                   ? 
_refine.pdbx_overall_phase_error                 ? 
_refine.pdbx_refine_id                           'X-RAY DIFFRACTION' 
_refine.pdbx_TLS_residual_ADP_flag               'LIKELY RESIDUAL' 
_refine.pdbx_diffrn_id                           1 
_refine.pdbx_overall_SU_R_free_Cruickshank_DPI   ? 
_refine.pdbx_overall_SU_R_Blow_DPI               ? 
_refine.pdbx_overall_SU_R_free_Blow_DPI          ? 
# 
_refine_analyze.entry_id                        3BJH 
_refine_analyze.Luzzati_coordinate_error_obs    ? 
_refine_analyze.Luzzati_sigma_a_obs             ? 
_refine_analyze.Luzzati_d_res_low_obs           ? 
_refine_analyze.Luzzati_coordinate_error_free   0.08 
_refine_analyze.Luzzati_sigma_a_free            ? 
_refine_analyze.Luzzati_d_res_low_free          ? 
_refine_analyze.number_disordered_residues      ? 
_refine_analyze.occupancy_sum_non_hydrogen      ? 
_refine_analyze.occupancy_sum_hydrogen          ? 
_refine_analyze.pdbx_Luzzati_d_res_high_obs     ? 
_refine_analyze.pdbx_refine_id                  'X-RAY DIFFRACTION' 
# 
_refine_hist.pdbx_refine_id                   'X-RAY DIFFRACTION' 
_refine_hist.cycle_id                         LAST 
_refine_hist.pdbx_number_atoms_protein        907 
_refine_hist.pdbx_number_atoms_nucleic_acid   0 
_refine_hist.pdbx_number_atoms_ligand         20 
_refine_hist.number_atoms_solvent             158 
_refine_hist.number_atoms_total               1085 
_refine_hist.d_res_high                       1.60 
_refine_hist.d_res_low                        20.00 
# 
loop_
_refine_ls_restr.type 
_refine_ls_restr.dev_ideal 
_refine_ls_restr.dev_ideal_target 
_refine_ls_restr.weight 
_refine_ls_restr.number 
_refine_ls_restr.pdbx_refine_id 
_refine_ls_restr.pdbx_restraint_function 
r_bond_refined_d         0.013  0.022  ? 954  'X-RAY DIFFRACTION' ? 
r_bond_other_d           0.002  0.020  ? 622  'X-RAY DIFFRACTION' ? 
r_angle_refined_deg      1.355  1.992  ? 1298 'X-RAY DIFFRACTION' ? 
r_angle_other_deg        1.798  3.008  ? 1534 'X-RAY DIFFRACTION' ? 
r_dihedral_angle_1_deg   5.609  5.000  ? 116  'X-RAY DIFFRACTION' ? 
r_dihedral_angle_2_deg   38.688 27.111 ? 45   'X-RAY DIFFRACTION' ? 
r_dihedral_angle_3_deg   13.954 15.000 ? 162  'X-RAY DIFFRACTION' ? 
r_dihedral_angle_4_deg   9.103  15.000 ? 2    'X-RAY DIFFRACTION' ? 
r_chiral_restr           0.076  0.200  ? 147  'X-RAY DIFFRACTION' ? 
r_gen_planes_refined     0.006  0.020  ? 1046 'X-RAY DIFFRACTION' ? 
r_gen_planes_other       0.001  0.020  ? 162  'X-RAY DIFFRACTION' ? 
r_nbd_refined            0.224  0.200  ? 217  'X-RAY DIFFRACTION' ? 
r_nbd_other              0.185  0.200  ? 603  'X-RAY DIFFRACTION' ? 
r_nbtor_refined          0.180  0.200  ? 477  'X-RAY DIFFRACTION' ? 
r_nbtor_other            0.091  0.200  ? 469  'X-RAY DIFFRACTION' ? 
r_xyhbond_nbd_refined    0.185  0.200  ? 108  'X-RAY DIFFRACTION' ? 
r_symmetry_vdw_refined   0.261  0.200  ? 11   'X-RAY DIFFRACTION' ? 
r_symmetry_vdw_other     0.170  0.200  ? 30   'X-RAY DIFFRACTION' ? 
r_symmetry_hbond_refined 0.140  0.200  ? 22   'X-RAY DIFFRACTION' ? 
r_mcbond_it              0.798  1.500  ? 760  'X-RAY DIFFRACTION' ? 
r_mcbond_other           0.199  1.500  ? 233  'X-RAY DIFFRACTION' ? 
r_mcangle_it             1.013  2.000  ? 957  'X-RAY DIFFRACTION' ? 
r_scbond_it              1.513  3.000  ? 418  'X-RAY DIFFRACTION' ? 
r_scangle_it             1.968  4.500  ? 341  'X-RAY DIFFRACTION' ? 
# 
_refine_ls_shell.pdbx_total_number_of_bins_used   20 
_refine_ls_shell.d_res_high                       1.600 
_refine_ls_shell.d_res_low                        1.641 
_refine_ls_shell.number_reflns_R_work             1442 
_refine_ls_shell.R_factor_R_work                  0.191 
_refine_ls_shell.percent_reflns_obs               99.57 
_refine_ls_shell.R_factor_R_free                  0.205 
_refine_ls_shell.R_factor_R_free_error            ? 
_refine_ls_shell.percent_reflns_R_free            ? 
_refine_ls_shell.number_reflns_R_free             166 
_refine_ls_shell.number_reflns_all                ? 
_refine_ls_shell.R_factor_all                     ? 
_refine_ls_shell.number_reflns_obs                1442 
_refine_ls_shell.redundancy_reflns_obs            ? 
_refine_ls_shell.pdbx_refine_id                   'X-RAY DIFFRACTION' 
# 
_struct.entry_id                  3BJH 
_struct.title                     'Soft-SAD crystal structure of a pheromone binding protein from the honeybee Apis mellifera L.' 
_struct.pdbx_model_details        ? 
_struct.pdbx_CASP_flag            ? 
_struct.pdbx_model_type_details   ? 
# 
_struct_keywords.entry_id        3BJH 
_struct_keywords.pdbx_keywords   'PHEROMONE BINDING PROTEIN' 
_struct_keywords.text            'Honeybee, Apis mellifera, Pheromone binding protein, signal transduction' 
# 
loop_
_struct_asym.id 
_struct_asym.pdbx_blank_PDB_chainid_flag 
_struct_asym.pdbx_modified 
_struct_asym.entity_id 
_struct_asym.details 
A N N 1 ? 
B N N 2 ? 
C N N 3 ? 
D N N 4 ? 
# 
_struct_ref.id                         1 
_struct_ref.db_name                    UNP 
_struct_ref.db_code                    Q9U9J6_APIME 
_struct_ref.pdbx_db_accession          Q9U9J6 
_struct_ref.entity_id                  1 
_struct_ref.pdbx_seq_one_letter_code   
;APDWVPPEVFDLVAEDKARCMSEHGTTQAQIDDVDKGNLVNEPSITCYMYCLLEAFSLVDDEANVDEDIMLGLLPDQLQE
RAQSVMGKCLPTSGSDNCNKIYNLAKCVQESAPDVWFVI
;
_struct_ref.pdbx_align_begin           26 
_struct_ref.pdbx_db_isoform            ? 
# 
_struct_ref_seq.align_id                      1 
_struct_ref_seq.ref_id                        1 
_struct_ref_seq.pdbx_PDB_id_code              3BJH 
_struct_ref_seq.pdbx_strand_id                A 
_struct_ref_seq.seq_align_beg                 1 
_struct_ref_seq.pdbx_seq_align_beg_ins_code   ? 
_struct_ref_seq.seq_align_end                 119 
_struct_ref_seq.pdbx_seq_align_end_ins_code   ? 
_struct_ref_seq.pdbx_db_accession             Q9U9J6 
_struct_ref_seq.db_align_beg                  26 
_struct_ref_seq.pdbx_db_align_beg_ins_code    ? 
_struct_ref_seq.db_align_end                  144 
_struct_ref_seq.pdbx_db_align_end_ins_code    ? 
_struct_ref_seq.pdbx_auth_seq_align_beg       1 
_struct_ref_seq.pdbx_auth_seq_align_end       119 
# 
_pdbx_struct_assembly.id                   1 
_pdbx_struct_assembly.details              author_and_software_defined_assembly 
_pdbx_struct_assembly.method_details       PISA 
_pdbx_struct_assembly.oligomeric_details   monomeric 
_pdbx_struct_assembly.oligomeric_count     1 
# 
_pdbx_struct_assembly_gen.assembly_id       1 
_pdbx_struct_assembly_gen.oper_expression   1 
_pdbx_struct_assembly_gen.asym_id_list      A,B,C,D 
# 
_pdbx_struct_oper_list.id                   1 
_pdbx_struct_oper_list.type                 'identity operation' 
_pdbx_struct_oper_list.name                 1_555 
_pdbx_struct_oper_list.symmetry_operation   x,y,z 
_pdbx_struct_oper_list.matrix[1][1]         1.0000000000 
_pdbx_struct_oper_list.matrix[1][2]         0.0000000000 
_pdbx_struct_oper_list.matrix[1][3]         0.0000000000 
_pdbx_struct_oper_list.vector[1]            0.0000000000 
_pdbx_struct_oper_list.matrix[2][1]         0.0000000000 
_pdbx_struct_oper_list.matrix[2][2]         1.0000000000 
_pdbx_struct_oper_list.matrix[2][3]         0.0000000000 
_pdbx_struct_oper_list.vector[2]            0.0000000000 
_pdbx_struct_oper_list.matrix[3][1]         0.0000000000 
_pdbx_struct_oper_list.matrix[3][2]         0.0000000000 
_pdbx_struct_oper_list.matrix[3][3]         1.0000000000 
_pdbx_struct_oper_list.vector[3]            0.0000000000 
# 
_struct_biol.id        1 
_struct_biol.details   ? 
# 
loop_
_struct_conf.conf_type_id 
_struct_conf.id 
_struct_conf.pdbx_PDB_helix_id 
_struct_conf.beg_label_comp_id 
_struct_conf.beg_label_asym_id 
_struct_conf.beg_label_seq_id 
_struct_conf.pdbx_beg_PDB_ins_code 
_struct_conf.end_label_comp_id 
_struct_conf.end_label_asym_id 
_struct_conf.end_label_seq_id 
_struct_conf.pdbx_end_PDB_ins_code 
_struct_conf.beg_auth_comp_id 
_struct_conf.beg_auth_asym_id 
_struct_conf.beg_auth_seq_id 
_struct_conf.end_auth_comp_id 
_struct_conf.end_auth_asym_id 
_struct_conf.end_auth_seq_id 
_struct_conf.pdbx_PDB_helix_class 
_struct_conf.details 
_struct_conf.pdbx_PDB_helix_length 
HELX_P HELX_P1 1 PRO A 6  ? GLY A 25  ? PRO A 6  GLY A 25  1 ? 20 
HELX_P HELX_P2 2 THR A 27 ? LYS A 36  ? THR A 27 LYS A 36  1 ? 10 
HELX_P HELX_P3 3 GLU A 42 ? PHE A 56  ? GLU A 42 PHE A 56  1 ? 15 
HELX_P HELX_P4 4 ASP A 66 ? LEU A 74  ? ASP A 66 LEU A 74  1 ? 9  
HELX_P HELX_P5 5 PRO A 75 ? GLN A 77  ? PRO A 75 GLN A 77  5 ? 3  
HELX_P HELX_P6 6 LEU A 78 ? LEU A 90  ? LEU A 78 LEU A 90  1 ? 13 
HELX_P HELX_P7 7 ASP A 96 ? ALA A 112 ? ASP A 96 ALA A 112 1 ? 17 
# 
_struct_conf_type.id          HELX_P 
_struct_conf_type.criteria    ? 
_struct_conf_type.reference   ? 
# 
loop_
_struct_conn.id 
_struct_conn.conn_type_id 
_struct_conn.pdbx_leaving_atom_flag 
_struct_conn.pdbx_PDB_id 
_struct_conn.ptnr1_label_asym_id 
_struct_conn.ptnr1_label_comp_id 
_struct_conn.ptnr1_label_seq_id 
_struct_conn.ptnr1_label_atom_id 
_struct_conn.pdbx_ptnr1_label_alt_id 
_struct_conn.pdbx_ptnr1_PDB_ins_code 
_struct_conn.pdbx_ptnr1_standard_comp_id 
_struct_conn.ptnr1_symmetry 
_struct_conn.ptnr2_label_asym_id 
_struct_conn.ptnr2_label_comp_id 
_struct_conn.ptnr2_label_seq_id 
_struct_conn.ptnr2_label_atom_id 
_struct_conn.pdbx_ptnr2_label_alt_id 
_struct_conn.pdbx_ptnr2_PDB_ins_code 
_struct_conn.ptnr1_auth_asym_id 
_struct_conn.ptnr1_auth_comp_id 
_struct_conn.ptnr1_auth_seq_id 
_struct_conn.ptnr2_auth_asym_id 
_struct_conn.ptnr2_auth_comp_id 
_struct_conn.ptnr2_auth_seq_id 
_struct_conn.ptnr2_symmetry 
_struct_conn.pdbx_ptnr3_label_atom_id 
_struct_conn.pdbx_ptnr3_label_seq_id 
_struct_conn.pdbx_ptnr3_label_comp_id 
_struct_conn.pdbx_ptnr3_label_asym_id 
_struct_conn.pdbx_ptnr3_label_alt_id 
_struct_conn.pdbx_ptnr3_PDB_ins_code 
_struct_conn.details 
_struct_conn.pdbx_dist_value 
_struct_conn.pdbx_value_order 
_struct_conn.pdbx_role 
disulf1 disulf ? ? A CYS 20 SG ? ? ? 1_555 A CYS 51  SG ? ? A CYS 20 A CYS 51  1_555 ? ? ? ? ? ? ? 2.082 ? ? 
disulf2 disulf ? ? A CYS 47 SG ? ? ? 1_555 A CYS 98  SG ? ? A CYS 47 A CYS 98  1_555 ? ? ? ? ? ? ? 2.140 ? ? 
disulf3 disulf ? ? A CYS 89 SG ? ? ? 1_555 A CYS 107 SG ? ? A CYS 89 A CYS 107 1_555 ? ? ? ? ? ? ? 2.061 ? ? 
# 
_struct_conn_type.id          disulf 
_struct_conn_type.criteria    ? 
_struct_conn_type.reference   ? 
# 
loop_
_pdbx_modification_feature.ordinal 
_pdbx_modification_feature.label_comp_id 
_pdbx_modification_feature.label_asym_id 
_pdbx_modification_feature.label_seq_id 
_pdbx_modification_feature.label_alt_id 
_pdbx_modification_feature.modified_residue_label_comp_id 
_pdbx_modification_feature.modified_residue_label_asym_id 
_pdbx_modification_feature.modified_residue_label_seq_id 
_pdbx_modification_feature.modified_residue_label_alt_id 
_pdbx_modification_feature.auth_comp_id 
_pdbx_modification_feature.auth_asym_id 
_pdbx_modification_feature.auth_seq_id 
_pdbx_modification_feature.PDB_ins_code 
_pdbx_modification_feature.symmetry 
_pdbx_modification_feature.modified_residue_auth_comp_id 
_pdbx_modification_feature.modified_residue_auth_asym_id 
_pdbx_modification_feature.modified_residue_auth_seq_id 
_pdbx_modification_feature.modified_residue_PDB_ins_code 
_pdbx_modification_feature.modified_residue_symmetry 
_pdbx_modification_feature.comp_id_linking_atom 
_pdbx_modification_feature.modified_residue_id_linking_atom 
_pdbx_modification_feature.modified_residue_id 
_pdbx_modification_feature.ref_pcm_id 
_pdbx_modification_feature.ref_comp_id 
_pdbx_modification_feature.type 
_pdbx_modification_feature.category 
1 CYS A 20 ? CYS A 51  ? CYS A 20 ? 1_555 CYS A 51  ? 1_555 SG SG . . . None 'Disulfide bridge' 
2 CYS A 47 ? CYS A 98  ? CYS A 47 ? 1_555 CYS A 98  ? 1_555 SG SG . . . None 'Disulfide bridge' 
3 CYS A 89 ? CYS A 107 ? CYS A 89 ? 1_555 CYS A 107 ? 1_555 SG SG . . . None 'Disulfide bridge' 
# 
_struct_mon_prot_cis.pdbx_id                1 
_struct_mon_prot_cis.label_comp_id          LEU 
_struct_mon_prot_cis.label_seq_id           90 
_struct_mon_prot_cis.label_asym_id          A 
_struct_mon_prot_cis.label_alt_id           . 
_struct_mon_prot_cis.pdbx_PDB_ins_code      ? 
_struct_mon_prot_cis.auth_comp_id           LEU 
_struct_mon_prot_cis.auth_seq_id            90 
_struct_mon_prot_cis.auth_asym_id           A 
_struct_mon_prot_cis.pdbx_label_comp_id_2   PRO 
_struct_mon_prot_cis.pdbx_label_seq_id_2    91 
_struct_mon_prot_cis.pdbx_label_asym_id_2   A 
_struct_mon_prot_cis.pdbx_PDB_ins_code_2    ? 
_struct_mon_prot_cis.pdbx_auth_comp_id_2    PRO 
_struct_mon_prot_cis.pdbx_auth_seq_id_2     91 
_struct_mon_prot_cis.pdbx_auth_asym_id_2    A 
_struct_mon_prot_cis.pdbx_PDB_model_num     1 
_struct_mon_prot_cis.pdbx_omega_angle       -1.00 
# 
_struct_site.id                   AC1 
_struct_site.pdbx_evidence_code   Software 
_struct_site.pdbx_auth_asym_id    A 
_struct_site.pdbx_auth_comp_id    NBB 
_struct_site.pdbx_auth_seq_id     120 
_struct_site.pdbx_auth_ins_code   ? 
_struct_site.pdbx_num_residues    6 
_struct_site.details              'BINDING SITE FOR RESIDUE NBB A 120' 
# 
loop_
_struct_site_gen.id 
_struct_site_gen.site_id 
_struct_site_gen.pdbx_num_res 
_struct_site_gen.label_comp_id 
_struct_site_gen.label_asym_id 
_struct_site_gen.label_seq_id 
_struct_site_gen.pdbx_auth_ins_code 
_struct_site_gen.auth_comp_id 
_struct_site_gen.auth_asym_id 
_struct_site_gen.auth_seq_id 
_struct_site_gen.label_atom_id 
_struct_site_gen.label_alt_id 
_struct_site_gen.symmetry 
_struct_site_gen.details 
1 AC1 6 MET A 49  ? MET A 49  . ? 1_555 ? 
2 AC1 6 LEU A 52  ? LEU A 52  . ? 1_555 ? 
3 AC1 6 LEU A 53  ? LEU A 53  . ? 1_555 ? 
4 AC1 6 LEU A 58  ? LEU A 58  . ? 1_555 ? 
5 AC1 6 PHE A 117 ? PHE A 117 . ? 1_555 ? 
6 AC1 6 ILE A 119 ? ILE A 119 . ? 1_555 ? 
# 
_pdbx_entry_details.entry_id                   3BJH 
_pdbx_entry_details.compound_details           ? 
_pdbx_entry_details.source_details             ? 
_pdbx_entry_details.nonpolymer_details         ? 
_pdbx_entry_details.sequence_details           ? 
_pdbx_entry_details.has_ligand_of_interest     ? 
_pdbx_entry_details.has_protein_modification   Y 
# 
_pdbx_validate_torsion.id              1 
_pdbx_validate_torsion.PDB_model_num   1 
_pdbx_validate_torsion.auth_comp_id    ASP 
_pdbx_validate_torsion.auth_asym_id    A 
_pdbx_validate_torsion.auth_seq_id     60 
_pdbx_validate_torsion.PDB_ins_code    ? 
_pdbx_validate_torsion.label_alt_id    ? 
_pdbx_validate_torsion.phi             -103.49 
_pdbx_validate_torsion.psi             -164.66 
# 
loop_
_pdbx_struct_special_symmetry.id 
_pdbx_struct_special_symmetry.PDB_model_num 
_pdbx_struct_special_symmetry.auth_asym_id 
_pdbx_struct_special_symmetry.auth_comp_id 
_pdbx_struct_special_symmetry.auth_seq_id 
_pdbx_struct_special_symmetry.PDB_ins_code 
_pdbx_struct_special_symmetry.label_asym_id 
_pdbx_struct_special_symmetry.label_comp_id 
_pdbx_struct_special_symmetry.label_seq_id 
1 1 A HOH 221 ? D HOH . 
2 1 A HOH 229 ? D HOH . 
3 1 A HOH 260 ? D HOH . 
4 1 A HOH 261 ? D HOH . 
# 
loop_
_pdbx_refine_tls.id 
_pdbx_refine_tls.details 
_pdbx_refine_tls.method 
_pdbx_refine_tls.origin_x 
_pdbx_refine_tls.origin_y 
_pdbx_refine_tls.origin_z 
_pdbx_refine_tls.T[1][1] 
_pdbx_refine_tls.T[2][2] 
_pdbx_refine_tls.T[3][3] 
_pdbx_refine_tls.T[1][2] 
_pdbx_refine_tls.T[1][3] 
_pdbx_refine_tls.T[2][3] 
_pdbx_refine_tls.L[1][1] 
_pdbx_refine_tls.L[2][2] 
_pdbx_refine_tls.L[3][3] 
_pdbx_refine_tls.L[1][2] 
_pdbx_refine_tls.L[1][3] 
_pdbx_refine_tls.L[2][3] 
_pdbx_refine_tls.S[1][1] 
_pdbx_refine_tls.S[1][2] 
_pdbx_refine_tls.S[1][3] 
_pdbx_refine_tls.S[2][1] 
_pdbx_refine_tls.S[2][2] 
_pdbx_refine_tls.S[2][3] 
_pdbx_refine_tls.S[3][1] 
_pdbx_refine_tls.S[3][2] 
_pdbx_refine_tls.S[3][3] 
_pdbx_refine_tls.pdbx_refine_id 
1 ? refined -4.9761 -1.0767 1.6047  -0.2183 -0.2480 -0.2458 0.0482 -0.0962 0.0685 2.8527 4.4735 2.1077  2.1763  0.7254  1.3856  0.2246  -0.1133 -0.4662 0.4045 -0.0932 -0.6051 0.3059  0.1428  -0.1314 'X-RAY DIFFRACTION' 
2 ? refined 12.6540 -1.3620 3.5071  -0.1918 0.0013  0.0926  0.0689 -0.0607 0.2336 1.6820 4.8716 12.2501 -0.9794 0.2518  -6.8711 0.0113  -0.2969 -0.0227 0.4441 0.3321  0.6034  -0.2838 -0.2872 -0.3435 'X-RAY DIFFRACTION' 
3 ? refined 2.9476  2.6935  -5.2359 -0.2469 -0.2163 -0.1861 0.0262 -0.0262 0.0473 9.7312 6.4532 4.7896  -2.0231 -0.3094 0.7887  -0.0482 0.2016  -0.7899 0.0047 0.0083  -0.5168 0.2426  0.3140  0.0399  'X-RAY DIFFRACTION' 
# 
loop_
_pdbx_refine_tls_group.id 
_pdbx_refine_tls_group.refine_tls_id 
_pdbx_refine_tls_group.beg_auth_asym_id 
_pdbx_refine_tls_group.beg_auth_seq_id 
_pdbx_refine_tls_group.beg_label_asym_id 
_pdbx_refine_tls_group.beg_label_seq_id 
_pdbx_refine_tls_group.end_auth_asym_id 
_pdbx_refine_tls_group.end_auth_seq_id 
_pdbx_refine_tls_group.end_label_asym_id 
_pdbx_refine_tls_group.end_label_seq_id 
_pdbx_refine_tls_group.selection 
_pdbx_refine_tls_group.pdbx_refine_id 
_pdbx_refine_tls_group.selection_details 
1 1 A 3  A 3  A 69  A 69  ? 'X-RAY DIFFRACTION' ? 
2 2 A 70 A 70 A 88  A 88  ? 'X-RAY DIFFRACTION' ? 
3 3 A 89 A 89 A 119 A 119 ? 'X-RAY DIFFRACTION' ? 
# 
loop_
_pdbx_unobs_or_zero_occ_residues.id 
_pdbx_unobs_or_zero_occ_residues.PDB_model_num 
_pdbx_unobs_or_zero_occ_residues.polymer_flag 
_pdbx_unobs_or_zero_occ_residues.occupancy_flag 
_pdbx_unobs_or_zero_occ_residues.auth_asym_id 
_pdbx_unobs_or_zero_occ_residues.auth_comp_id 
_pdbx_unobs_or_zero_occ_residues.auth_seq_id 
_pdbx_unobs_or_zero_occ_residues.PDB_ins_code 
_pdbx_unobs_or_zero_occ_residues.label_asym_id 
_pdbx_unobs_or_zero_occ_residues.label_comp_id 
_pdbx_unobs_or_zero_occ_residues.label_seq_id 
1 1 Y 1 A ALA 1 ? A ALA 1 
2 1 Y 1 A PRO 2 ? A PRO 2 
# 
loop_
_chem_comp_atom.comp_id 
_chem_comp_atom.atom_id 
_chem_comp_atom.type_symbol 
_chem_comp_atom.pdbx_aromatic_flag 
_chem_comp_atom.pdbx_stereo_config 
_chem_comp_atom.pdbx_ordinal 
ALA N    N N N 1   
ALA CA   C N S 2   
ALA C    C N N 3   
ALA O    O N N 4   
ALA CB   C N N 5   
ALA OXT  O N N 6   
ALA H    H N N 7   
ALA H2   H N N 8   
ALA HA   H N N 9   
ALA HB1  H N N 10  
ALA HB2  H N N 11  
ALA HB3  H N N 12  
ALA HXT  H N N 13  
ARG N    N N N 14  
ARG CA   C N S 15  
ARG C    C N N 16  
ARG O    O N N 17  
ARG CB   C N N 18  
ARG CG   C N N 19  
ARG CD   C N N 20  
ARG NE   N N N 21  
ARG CZ   C N N 22  
ARG NH1  N N N 23  
ARG NH2  N N N 24  
ARG OXT  O N N 25  
ARG H    H N N 26  
ARG H2   H N N 27  
ARG HA   H N N 28  
ARG HB2  H N N 29  
ARG HB3  H N N 30  
ARG HG2  H N N 31  
ARG HG3  H N N 32  
ARG HD2  H N N 33  
ARG HD3  H N N 34  
ARG HE   H N N 35  
ARG HH11 H N N 36  
ARG HH12 H N N 37  
ARG HH21 H N N 38  
ARG HH22 H N N 39  
ARG HXT  H N N 40  
ASN N    N N N 41  
ASN CA   C N S 42  
ASN C    C N N 43  
ASN O    O N N 44  
ASN CB   C N N 45  
ASN CG   C N N 46  
ASN OD1  O N N 47  
ASN ND2  N N N 48  
ASN OXT  O N N 49  
ASN H    H N N 50  
ASN H2   H N N 51  
ASN HA   H N N 52  
ASN HB2  H N N 53  
ASN HB3  H N N 54  
ASN HD21 H N N 55  
ASN HD22 H N N 56  
ASN HXT  H N N 57  
ASP N    N N N 58  
ASP CA   C N S 59  
ASP C    C N N 60  
ASP O    O N N 61  
ASP CB   C N N 62  
ASP CG   C N N 63  
ASP OD1  O N N 64  
ASP OD2  O N N 65  
ASP OXT  O N N 66  
ASP H    H N N 67  
ASP H2   H N N 68  
ASP HA   H N N 69  
ASP HB2  H N N 70  
ASP HB3  H N N 71  
ASP HD2  H N N 72  
ASP HXT  H N N 73  
CYS N    N N N 74  
CYS CA   C N R 75  
CYS C    C N N 76  
CYS O    O N N 77  
CYS CB   C N N 78  
CYS SG   S N N 79  
CYS OXT  O N N 80  
CYS H    H N N 81  
CYS H2   H N N 82  
CYS HA   H N N 83  
CYS HB2  H N N 84  
CYS HB3  H N N 85  
CYS HG   H N N 86  
CYS HXT  H N N 87  
GLN N    N N N 88  
GLN CA   C N S 89  
GLN C    C N N 90  
GLN O    O N N 91  
GLN CB   C N N 92  
GLN CG   C N N 93  
GLN CD   C N N 94  
GLN OE1  O N N 95  
GLN NE2  N N N 96  
GLN OXT  O N N 97  
GLN H    H N N 98  
GLN H2   H N N 99  
GLN HA   H N N 100 
GLN HB2  H N N 101 
GLN HB3  H N N 102 
GLN HG2  H N N 103 
GLN HG3  H N N 104 
GLN HE21 H N N 105 
GLN HE22 H N N 106 
GLN HXT  H N N 107 
GLU N    N N N 108 
GLU CA   C N S 109 
GLU C    C N N 110 
GLU O    O N N 111 
GLU CB   C N N 112 
GLU CG   C N N 113 
GLU CD   C N N 114 
GLU OE1  O N N 115 
GLU OE2  O N N 116 
GLU OXT  O N N 117 
GLU H    H N N 118 
GLU H2   H N N 119 
GLU HA   H N N 120 
GLU HB2  H N N 121 
GLU HB3  H N N 122 
GLU HG2  H N N 123 
GLU HG3  H N N 124 
GLU HE2  H N N 125 
GLU HXT  H N N 126 
GLY N    N N N 127 
GLY CA   C N N 128 
GLY C    C N N 129 
GLY O    O N N 130 
GLY OXT  O N N 131 
GLY H    H N N 132 
GLY H2   H N N 133 
GLY HA2  H N N 134 
GLY HA3  H N N 135 
GLY HXT  H N N 136 
GOL C1   C N N 137 
GOL O1   O N N 138 
GOL C2   C N N 139 
GOL O2   O N N 140 
GOL C3   C N N 141 
GOL O3   O N N 142 
GOL H11  H N N 143 
GOL H12  H N N 144 
GOL HO1  H N N 145 
GOL H2   H N N 146 
GOL HO2  H N N 147 
GOL H31  H N N 148 
GOL H32  H N N 149 
GOL HO3  H N N 150 
HIS N    N N N 151 
HIS CA   C N S 152 
HIS C    C N N 153 
HIS O    O N N 154 
HIS CB   C N N 155 
HIS CG   C Y N 156 
HIS ND1  N Y N 157 
HIS CD2  C Y N 158 
HIS CE1  C Y N 159 
HIS NE2  N Y N 160 
HIS OXT  O N N 161 
HIS H    H N N 162 
HIS H2   H N N 163 
HIS HA   H N N 164 
HIS HB2  H N N 165 
HIS HB3  H N N 166 
HIS HD1  H N N 167 
HIS HD2  H N N 168 
HIS HE1  H N N 169 
HIS HE2  H N N 170 
HIS HXT  H N N 171 
HOH O    O N N 172 
HOH H1   H N N 173 
HOH H2   H N N 174 
ILE N    N N N 175 
ILE CA   C N S 176 
ILE C    C N N 177 
ILE O    O N N 178 
ILE CB   C N S 179 
ILE CG1  C N N 180 
ILE CG2  C N N 181 
ILE CD1  C N N 182 
ILE OXT  O N N 183 
ILE H    H N N 184 
ILE H2   H N N 185 
ILE HA   H N N 186 
ILE HB   H N N 187 
ILE HG12 H N N 188 
ILE HG13 H N N 189 
ILE HG21 H N N 190 
ILE HG22 H N N 191 
ILE HG23 H N N 192 
ILE HD11 H N N 193 
ILE HD12 H N N 194 
ILE HD13 H N N 195 
ILE HXT  H N N 196 
LEU N    N N N 197 
LEU CA   C N S 198 
LEU C    C N N 199 
LEU O    O N N 200 
LEU CB   C N N 201 
LEU CG   C N N 202 
LEU CD1  C N N 203 
LEU CD2  C N N 204 
LEU OXT  O N N 205 
LEU H    H N N 206 
LEU H2   H N N 207 
LEU HA   H N N 208 
LEU HB2  H N N 209 
LEU HB3  H N N 210 
LEU HG   H N N 211 
LEU HD11 H N N 212 
LEU HD12 H N N 213 
LEU HD13 H N N 214 
LEU HD21 H N N 215 
LEU HD22 H N N 216 
LEU HD23 H N N 217 
LEU HXT  H N N 218 
LYS N    N N N 219 
LYS CA   C N S 220 
LYS C    C N N 221 
LYS O    O N N 222 
LYS CB   C N N 223 
LYS CG   C N N 224 
LYS CD   C N N 225 
LYS CE   C N N 226 
LYS NZ   N N N 227 
LYS OXT  O N N 228 
LYS H    H N N 229 
LYS H2   H N N 230 
LYS HA   H N N 231 
LYS HB2  H N N 232 
LYS HB3  H N N 233 
LYS HG2  H N N 234 
LYS HG3  H N N 235 
LYS HD2  H N N 236 
LYS HD3  H N N 237 
LYS HE2  H N N 238 
LYS HE3  H N N 239 
LYS HZ1  H N N 240 
LYS HZ2  H N N 241 
LYS HZ3  H N N 242 
LYS HXT  H N N 243 
MET N    N N N 244 
MET CA   C N S 245 
MET C    C N N 246 
MET O    O N N 247 
MET CB   C N N 248 
MET CG   C N N 249 
MET SD   S N N 250 
MET CE   C N N 251 
MET OXT  O N N 252 
MET H    H N N 253 
MET H2   H N N 254 
MET HA   H N N 255 
MET HB2  H N N 256 
MET HB3  H N N 257 
MET HG2  H N N 258 
MET HG3  H N N 259 
MET HE1  H N N 260 
MET HE2  H N N 261 
MET HE3  H N N 262 
MET HXT  H N N 263 
NBB O1S  O N N 264 
NBB S    S N N 265 
NBB O2S  O N N 266 
NBB N10  N N N 267 
NBB C11  C N N 268 
NBB C12  C N N 269 
NBB C13  C N N 270 
NBB C14  C N N 271 
NBB C4   C Y N 272 
NBB C5   C Y N 273 
NBB C6   C Y N 274 
NBB C1   C Y N 275 
NBB C2   C Y N 276 
NBB C3   C Y N 277 
NBB H10  H N N 278 
NBB H111 H N N 279 
NBB H112 H N N 280 
NBB H121 H N N 281 
NBB H122 H N N 282 
NBB H131 H N N 283 
NBB H132 H N N 284 
NBB H141 H N N 285 
NBB H142 H N N 286 
NBB H143 H N N 287 
NBB H5   H N N 288 
NBB H6   H N N 289 
NBB H1   H N N 290 
NBB H2   H N N 291 
NBB H3   H N N 292 
PHE N    N N N 293 
PHE CA   C N S 294 
PHE C    C N N 295 
PHE O    O N N 296 
PHE CB   C N N 297 
PHE CG   C Y N 298 
PHE CD1  C Y N 299 
PHE CD2  C Y N 300 
PHE CE1  C Y N 301 
PHE CE2  C Y N 302 
PHE CZ   C Y N 303 
PHE OXT  O N N 304 
PHE H    H N N 305 
PHE H2   H N N 306 
PHE HA   H N N 307 
PHE HB2  H N N 308 
PHE HB3  H N N 309 
PHE HD1  H N N 310 
PHE HD2  H N N 311 
PHE HE1  H N N 312 
PHE HE2  H N N 313 
PHE HZ   H N N 314 
PHE HXT  H N N 315 
PRO N    N N N 316 
PRO CA   C N S 317 
PRO C    C N N 318 
PRO O    O N N 319 
PRO CB   C N N 320 
PRO CG   C N N 321 
PRO CD   C N N 322 
PRO OXT  O N N 323 
PRO H    H N N 324 
PRO HA   H N N 325 
PRO HB2  H N N 326 
PRO HB3  H N N 327 
PRO HG2  H N N 328 
PRO HG3  H N N 329 
PRO HD2  H N N 330 
PRO HD3  H N N 331 
PRO HXT  H N N 332 
SER N    N N N 333 
SER CA   C N S 334 
SER C    C N N 335 
SER O    O N N 336 
SER CB   C N N 337 
SER OG   O N N 338 
SER OXT  O N N 339 
SER H    H N N 340 
SER H2   H N N 341 
SER HA   H N N 342 
SER HB2  H N N 343 
SER HB3  H N N 344 
SER HG   H N N 345 
SER HXT  H N N 346 
THR N    N N N 347 
THR CA   C N S 348 
THR C    C N N 349 
THR O    O N N 350 
THR CB   C N R 351 
THR OG1  O N N 352 
THR CG2  C N N 353 
THR OXT  O N N 354 
THR H    H N N 355 
THR H2   H N N 356 
THR HA   H N N 357 
THR HB   H N N 358 
THR HG1  H N N 359 
THR HG21 H N N 360 
THR HG22 H N N 361 
THR HG23 H N N 362 
THR HXT  H N N 363 
TRP N    N N N 364 
TRP CA   C N S 365 
TRP C    C N N 366 
TRP O    O N N 367 
TRP CB   C N N 368 
TRP CG   C Y N 369 
TRP CD1  C Y N 370 
TRP CD2  C Y N 371 
TRP NE1  N Y N 372 
TRP CE2  C Y N 373 
TRP CE3  C Y N 374 
TRP CZ2  C Y N 375 
TRP CZ3  C Y N 376 
TRP CH2  C Y N 377 
TRP OXT  O N N 378 
TRP H    H N N 379 
TRP H2   H N N 380 
TRP HA   H N N 381 
TRP HB2  H N N 382 
TRP HB3  H N N 383 
TRP HD1  H N N 384 
TRP HE1  H N N 385 
TRP HE3  H N N 386 
TRP HZ2  H N N 387 
TRP HZ3  H N N 388 
TRP HH2  H N N 389 
TRP HXT  H N N 390 
TYR N    N N N 391 
TYR CA   C N S 392 
TYR C    C N N 393 
TYR O    O N N 394 
TYR CB   C N N 395 
TYR CG   C Y N 396 
TYR CD1  C Y N 397 
TYR CD2  C Y N 398 
TYR CE1  C Y N 399 
TYR CE2  C Y N 400 
TYR CZ   C Y N 401 
TYR OH   O N N 402 
TYR OXT  O N N 403 
TYR H    H N N 404 
TYR H2   H N N 405 
TYR HA   H N N 406 
TYR HB2  H N N 407 
TYR HB3  H N N 408 
TYR HD1  H N N 409 
TYR HD2  H N N 410 
TYR HE1  H N N 411 
TYR HE2  H N N 412 
TYR HH   H N N 413 
TYR HXT  H N N 414 
VAL N    N N N 415 
VAL CA   C N S 416 
VAL C    C N N 417 
VAL O    O N N 418 
VAL CB   C N N 419 
VAL CG1  C N N 420 
VAL CG2  C N N 421 
VAL OXT  O N N 422 
VAL H    H N N 423 
VAL H2   H N N 424 
VAL HA   H N N 425 
VAL HB   H N N 426 
VAL HG11 H N N 427 
VAL HG12 H N N 428 
VAL HG13 H N N 429 
VAL HG21 H N N 430 
VAL HG22 H N N 431 
VAL HG23 H N N 432 
VAL HXT  H N N 433 
# 
loop_
_chem_comp_bond.comp_id 
_chem_comp_bond.atom_id_1 
_chem_comp_bond.atom_id_2 
_chem_comp_bond.value_order 
_chem_comp_bond.pdbx_aromatic_flag 
_chem_comp_bond.pdbx_stereo_config 
_chem_comp_bond.pdbx_ordinal 
ALA N   CA   sing N N 1   
ALA N   H    sing N N 2   
ALA N   H2   sing N N 3   
ALA CA  C    sing N N 4   
ALA CA  CB   sing N N 5   
ALA CA  HA   sing N N 6   
ALA C   O    doub N N 7   
ALA C   OXT  sing N N 8   
ALA CB  HB1  sing N N 9   
ALA CB  HB2  sing N N 10  
ALA CB  HB3  sing N N 11  
ALA OXT HXT  sing N N 12  
ARG N   CA   sing N N 13  
ARG N   H    sing N N 14  
ARG N   H2   sing N N 15  
ARG CA  C    sing N N 16  
ARG CA  CB   sing N N 17  
ARG CA  HA   sing N N 18  
ARG C   O    doub N N 19  
ARG C   OXT  sing N N 20  
ARG CB  CG   sing N N 21  
ARG CB  HB2  sing N N 22  
ARG CB  HB3  sing N N 23  
ARG CG  CD   sing N N 24  
ARG CG  HG2  sing N N 25  
ARG CG  HG3  sing N N 26  
ARG CD  NE   sing N N 27  
ARG CD  HD2  sing N N 28  
ARG CD  HD3  sing N N 29  
ARG NE  CZ   sing N N 30  
ARG NE  HE   sing N N 31  
ARG CZ  NH1  sing N N 32  
ARG CZ  NH2  doub N N 33  
ARG NH1 HH11 sing N N 34  
ARG NH1 HH12 sing N N 35  
ARG NH2 HH21 sing N N 36  
ARG NH2 HH22 sing N N 37  
ARG OXT HXT  sing N N 38  
ASN N   CA   sing N N 39  
ASN N   H    sing N N 40  
ASN N   H2   sing N N 41  
ASN CA  C    sing N N 42  
ASN CA  CB   sing N N 43  
ASN CA  HA   sing N N 44  
ASN C   O    doub N N 45  
ASN C   OXT  sing N N 46  
ASN CB  CG   sing N N 47  
ASN CB  HB2  sing N N 48  
ASN CB  HB3  sing N N 49  
ASN CG  OD1  doub N N 50  
ASN CG  ND2  sing N N 51  
ASN ND2 HD21 sing N N 52  
ASN ND2 HD22 sing N N 53  
ASN OXT HXT  sing N N 54  
ASP N   CA   sing N N 55  
ASP N   H    sing N N 56  
ASP N   H2   sing N N 57  
ASP CA  C    sing N N 58  
ASP CA  CB   sing N N 59  
ASP CA  HA   sing N N 60  
ASP C   O    doub N N 61  
ASP C   OXT  sing N N 62  
ASP CB  CG   sing N N 63  
ASP CB  HB2  sing N N 64  
ASP CB  HB3  sing N N 65  
ASP CG  OD1  doub N N 66  
ASP CG  OD2  sing N N 67  
ASP OD2 HD2  sing N N 68  
ASP OXT HXT  sing N N 69  
CYS N   CA   sing N N 70  
CYS N   H    sing N N 71  
CYS N   H2   sing N N 72  
CYS CA  C    sing N N 73  
CYS CA  CB   sing N N 74  
CYS CA  HA   sing N N 75  
CYS C   O    doub N N 76  
CYS C   OXT  sing N N 77  
CYS CB  SG   sing N N 78  
CYS CB  HB2  sing N N 79  
CYS CB  HB3  sing N N 80  
CYS SG  HG   sing N N 81  
CYS OXT HXT  sing N N 82  
GLN N   CA   sing N N 83  
GLN N   H    sing N N 84  
GLN N   H2   sing N N 85  
GLN CA  C    sing N N 86  
GLN CA  CB   sing N N 87  
GLN CA  HA   sing N N 88  
GLN C   O    doub N N 89  
GLN C   OXT  sing N N 90  
GLN CB  CG   sing N N 91  
GLN CB  HB2  sing N N 92  
GLN CB  HB3  sing N N 93  
GLN CG  CD   sing N N 94  
GLN CG  HG2  sing N N 95  
GLN CG  HG3  sing N N 96  
GLN CD  OE1  doub N N 97  
GLN CD  NE2  sing N N 98  
GLN NE2 HE21 sing N N 99  
GLN NE2 HE22 sing N N 100 
GLN OXT HXT  sing N N 101 
GLU N   CA   sing N N 102 
GLU N   H    sing N N 103 
GLU N   H2   sing N N 104 
GLU CA  C    sing N N 105 
GLU CA  CB   sing N N 106 
GLU CA  HA   sing N N 107 
GLU C   O    doub N N 108 
GLU C   OXT  sing N N 109 
GLU CB  CG   sing N N 110 
GLU CB  HB2  sing N N 111 
GLU CB  HB3  sing N N 112 
GLU CG  CD   sing N N 113 
GLU CG  HG2  sing N N 114 
GLU CG  HG3  sing N N 115 
GLU CD  OE1  doub N N 116 
GLU CD  OE2  sing N N 117 
GLU OE2 HE2  sing N N 118 
GLU OXT HXT  sing N N 119 
GLY N   CA   sing N N 120 
GLY N   H    sing N N 121 
GLY N   H2   sing N N 122 
GLY CA  C    sing N N 123 
GLY CA  HA2  sing N N 124 
GLY CA  HA3  sing N N 125 
GLY C   O    doub N N 126 
GLY C   OXT  sing N N 127 
GLY OXT HXT  sing N N 128 
GOL C1  O1   sing N N 129 
GOL C1  C2   sing N N 130 
GOL C1  H11  sing N N 131 
GOL C1  H12  sing N N 132 
GOL O1  HO1  sing N N 133 
GOL C2  O2   sing N N 134 
GOL C2  C3   sing N N 135 
GOL C2  H2   sing N N 136 
GOL O2  HO2  sing N N 137 
GOL C3  O3   sing N N 138 
GOL C3  H31  sing N N 139 
GOL C3  H32  sing N N 140 
GOL O3  HO3  sing N N 141 
HIS N   CA   sing N N 142 
HIS N   H    sing N N 143 
HIS N   H2   sing N N 144 
HIS CA  C    sing N N 145 
HIS CA  CB   sing N N 146 
HIS CA  HA   sing N N 147 
HIS C   O    doub N N 148 
HIS C   OXT  sing N N 149 
HIS CB  CG   sing N N 150 
HIS CB  HB2  sing N N 151 
HIS CB  HB3  sing N N 152 
HIS CG  ND1  sing Y N 153 
HIS CG  CD2  doub Y N 154 
HIS ND1 CE1  doub Y N 155 
HIS ND1 HD1  sing N N 156 
HIS CD2 NE2  sing Y N 157 
HIS CD2 HD2  sing N N 158 
HIS CE1 NE2  sing Y N 159 
HIS CE1 HE1  sing N N 160 
HIS NE2 HE2  sing N N 161 
HIS OXT HXT  sing N N 162 
HOH O   H1   sing N N 163 
HOH O   H2   sing N N 164 
ILE N   CA   sing N N 165 
ILE N   H    sing N N 166 
ILE N   H2   sing N N 167 
ILE CA  C    sing N N 168 
ILE CA  CB   sing N N 169 
ILE CA  HA   sing N N 170 
ILE C   O    doub N N 171 
ILE C   OXT  sing N N 172 
ILE CB  CG1  sing N N 173 
ILE CB  CG2  sing N N 174 
ILE CB  HB   sing N N 175 
ILE CG1 CD1  sing N N 176 
ILE CG1 HG12 sing N N 177 
ILE CG1 HG13 sing N N 178 
ILE CG2 HG21 sing N N 179 
ILE CG2 HG22 sing N N 180 
ILE CG2 HG23 sing N N 181 
ILE CD1 HD11 sing N N 182 
ILE CD1 HD12 sing N N 183 
ILE CD1 HD13 sing N N 184 
ILE OXT HXT  sing N N 185 
LEU N   CA   sing N N 186 
LEU N   H    sing N N 187 
LEU N   H2   sing N N 188 
LEU CA  C    sing N N 189 
LEU CA  CB   sing N N 190 
LEU CA  HA   sing N N 191 
LEU C   O    doub N N 192 
LEU C   OXT  sing N N 193 
LEU CB  CG   sing N N 194 
LEU CB  HB2  sing N N 195 
LEU CB  HB3  sing N N 196 
LEU CG  CD1  sing N N 197 
LEU CG  CD2  sing N N 198 
LEU CG  HG   sing N N 199 
LEU CD1 HD11 sing N N 200 
LEU CD1 HD12 sing N N 201 
LEU CD1 HD13 sing N N 202 
LEU CD2 HD21 sing N N 203 
LEU CD2 HD22 sing N N 204 
LEU CD2 HD23 sing N N 205 
LEU OXT HXT  sing N N 206 
LYS N   CA   sing N N 207 
LYS N   H    sing N N 208 
LYS N   H2   sing N N 209 
LYS CA  C    sing N N 210 
LYS CA  CB   sing N N 211 
LYS CA  HA   sing N N 212 
LYS C   O    doub N N 213 
LYS C   OXT  sing N N 214 
LYS CB  CG   sing N N 215 
LYS CB  HB2  sing N N 216 
LYS CB  HB3  sing N N 217 
LYS CG  CD   sing N N 218 
LYS CG  HG2  sing N N 219 
LYS CG  HG3  sing N N 220 
LYS CD  CE   sing N N 221 
LYS CD  HD2  sing N N 222 
LYS CD  HD3  sing N N 223 
LYS CE  NZ   sing N N 224 
LYS CE  HE2  sing N N 225 
LYS CE  HE3  sing N N 226 
LYS NZ  HZ1  sing N N 227 
LYS NZ  HZ2  sing N N 228 
LYS NZ  HZ3  sing N N 229 
LYS OXT HXT  sing N N 230 
MET N   CA   sing N N 231 
MET N   H    sing N N 232 
MET N   H2   sing N N 233 
MET CA  C    sing N N 234 
MET CA  CB   sing N N 235 
MET CA  HA   sing N N 236 
MET C   O    doub N N 237 
MET C   OXT  sing N N 238 
MET CB  CG   sing N N 239 
MET CB  HB2  sing N N 240 
MET CB  HB3  sing N N 241 
MET CG  SD   sing N N 242 
MET CG  HG2  sing N N 243 
MET CG  HG3  sing N N 244 
MET SD  CE   sing N N 245 
MET CE  HE1  sing N N 246 
MET CE  HE2  sing N N 247 
MET CE  HE3  sing N N 248 
MET OXT HXT  sing N N 249 
NBB O1S S    doub N N 250 
NBB S   O2S  doub N N 251 
NBB S   N10  sing N N 252 
NBB S   C4   sing N N 253 
NBB N10 C11  sing N N 254 
NBB N10 H10  sing N N 255 
NBB C11 C12  sing N N 256 
NBB C11 H111 sing N N 257 
NBB C11 H112 sing N N 258 
NBB C12 C13  sing N N 259 
NBB C12 H121 sing N N 260 
NBB C12 H122 sing N N 261 
NBB C13 C14  sing N N 262 
NBB C13 H131 sing N N 263 
NBB C13 H132 sing N N 264 
NBB C14 H141 sing N N 265 
NBB C14 H142 sing N N 266 
NBB C14 H143 sing N N 267 
NBB C4  C5   doub Y N 268 
NBB C4  C3   sing Y N 269 
NBB C5  C6   sing Y N 270 
NBB C5  H5   sing N N 271 
NBB C6  C1   doub Y N 272 
NBB C6  H6   sing N N 273 
NBB C1  C2   sing Y N 274 
NBB C1  H1   sing N N 275 
NBB C2  C3   doub Y N 276 
NBB C2  H2   sing N N 277 
NBB C3  H3   sing N N 278 
PHE N   CA   sing N N 279 
PHE N   H    sing N N 280 
PHE N   H2   sing N N 281 
PHE CA  C    sing N N 282 
PHE CA  CB   sing N N 283 
PHE CA  HA   sing N N 284 
PHE C   O    doub N N 285 
PHE C   OXT  sing N N 286 
PHE CB  CG   sing N N 287 
PHE CB  HB2  sing N N 288 
PHE CB  HB3  sing N N 289 
PHE CG  CD1  doub Y N 290 
PHE CG  CD2  sing Y N 291 
PHE CD1 CE1  sing Y N 292 
PHE CD1 HD1  sing N N 293 
PHE CD2 CE2  doub Y N 294 
PHE CD2 HD2  sing N N 295 
PHE CE1 CZ   doub Y N 296 
PHE CE1 HE1  sing N N 297 
PHE CE2 CZ   sing Y N 298 
PHE CE2 HE2  sing N N 299 
PHE CZ  HZ   sing N N 300 
PHE OXT HXT  sing N N 301 
PRO N   CA   sing N N 302 
PRO N   CD   sing N N 303 
PRO N   H    sing N N 304 
PRO CA  C    sing N N 305 
PRO CA  CB   sing N N 306 
PRO CA  HA   sing N N 307 
PRO C   O    doub N N 308 
PRO C   OXT  sing N N 309 
PRO CB  CG   sing N N 310 
PRO CB  HB2  sing N N 311 
PRO CB  HB3  sing N N 312 
PRO CG  CD   sing N N 313 
PRO CG  HG2  sing N N 314 
PRO CG  HG3  sing N N 315 
PRO CD  HD2  sing N N 316 
PRO CD  HD3  sing N N 317 
PRO OXT HXT  sing N N 318 
SER N   CA   sing N N 319 
SER N   H    sing N N 320 
SER N   H2   sing N N 321 
SER CA  C    sing N N 322 
SER CA  CB   sing N N 323 
SER CA  HA   sing N N 324 
SER C   O    doub N N 325 
SER C   OXT  sing N N 326 
SER CB  OG   sing N N 327 
SER CB  HB2  sing N N 328 
SER CB  HB3  sing N N 329 
SER OG  HG   sing N N 330 
SER OXT HXT  sing N N 331 
THR N   CA   sing N N 332 
THR N   H    sing N N 333 
THR N   H2   sing N N 334 
THR CA  C    sing N N 335 
THR CA  CB   sing N N 336 
THR CA  HA   sing N N 337 
THR C   O    doub N N 338 
THR C   OXT  sing N N 339 
THR CB  OG1  sing N N 340 
THR CB  CG2  sing N N 341 
THR CB  HB   sing N N 342 
THR OG1 HG1  sing N N 343 
THR CG2 HG21 sing N N 344 
THR CG2 HG22 sing N N 345 
THR CG2 HG23 sing N N 346 
THR OXT HXT  sing N N 347 
TRP N   CA   sing N N 348 
TRP N   H    sing N N 349 
TRP N   H2   sing N N 350 
TRP CA  C    sing N N 351 
TRP CA  CB   sing N N 352 
TRP CA  HA   sing N N 353 
TRP C   O    doub N N 354 
TRP C   OXT  sing N N 355 
TRP CB  CG   sing N N 356 
TRP CB  HB2  sing N N 357 
TRP CB  HB3  sing N N 358 
TRP CG  CD1  doub Y N 359 
TRP CG  CD2  sing Y N 360 
TRP CD1 NE1  sing Y N 361 
TRP CD1 HD1  sing N N 362 
TRP CD2 CE2  doub Y N 363 
TRP CD2 CE3  sing Y N 364 
TRP NE1 CE2  sing Y N 365 
TRP NE1 HE1  sing N N 366 
TRP CE2 CZ2  sing Y N 367 
TRP CE3 CZ3  doub Y N 368 
TRP CE3 HE3  sing N N 369 
TRP CZ2 CH2  doub Y N 370 
TRP CZ2 HZ2  sing N N 371 
TRP CZ3 CH2  sing Y N 372 
TRP CZ3 HZ3  sing N N 373 
TRP CH2 HH2  sing N N 374 
TRP OXT HXT  sing N N 375 
TYR N   CA   sing N N 376 
TYR N   H    sing N N 377 
TYR N   H2   sing N N 378 
TYR CA  C    sing N N 379 
TYR CA  CB   sing N N 380 
TYR CA  HA   sing N N 381 
TYR C   O    doub N N 382 
TYR C   OXT  sing N N 383 
TYR CB  CG   sing N N 384 
TYR CB  HB2  sing N N 385 
TYR CB  HB3  sing N N 386 
TYR CG  CD1  doub Y N 387 
TYR CG  CD2  sing Y N 388 
TYR CD1 CE1  sing Y N 389 
TYR CD1 HD1  sing N N 390 
TYR CD2 CE2  doub Y N 391 
TYR CD2 HD2  sing N N 392 
TYR CE1 CZ   doub Y N 393 
TYR CE1 HE1  sing N N 394 
TYR CE2 CZ   sing Y N 395 
TYR CE2 HE2  sing N N 396 
TYR CZ  OH   sing N N 397 
TYR OH  HH   sing N N 398 
TYR OXT HXT  sing N N 399 
VAL N   CA   sing N N 400 
VAL N   H    sing N N 401 
VAL N   H2   sing N N 402 
VAL CA  C    sing N N 403 
VAL CA  CB   sing N N 404 
VAL CA  HA   sing N N 405 
VAL C   O    doub N N 406 
VAL C   OXT  sing N N 407 
VAL CB  CG1  sing N N 408 
VAL CB  CG2  sing N N 409 
VAL CB  HB   sing N N 410 
VAL CG1 HG11 sing N N 411 
VAL CG1 HG12 sing N N 412 
VAL CG1 HG13 sing N N 413 
VAL CG2 HG21 sing N N 414 
VAL CG2 HG22 sing N N 415 
VAL CG2 HG23 sing N N 416 
VAL OXT HXT  sing N N 417 
# 
_atom_sites.entry_id                    3BJH 
_atom_sites.fract_transf_matrix[1][1]   0.00482203 
_atom_sites.fract_transf_matrix[1][2]   -0.00461617 
_atom_sites.fract_transf_matrix[1][3]   0.01146295 
_atom_sites.fract_transf_matrix[2][1]   0.00505530 
_atom_sites.fract_transf_matrix[2][2]   -0.00876184 
_atom_sites.fract_transf_matrix[2][3]   -0.00565500 
_atom_sites.fract_transf_matrix[3][1]   0.01623660 
_atom_sites.fract_transf_matrix[3][2]   0.01093430 
_atom_sites.fract_transf_matrix[3][3]   -0.00242684 
_atom_sites.fract_transf_vector[1]      0.151957 
_atom_sites.fract_transf_vector[2]      0.160678 
_atom_sites.fract_transf_vector[3]      -0.000526 
# 
loop_
_atom_type.symbol 
C 
N 
O 
S 
# 
loop_
_atom_site.group_PDB 
_atom_site.id 
_atom_site.type_symbol 
_atom_site.label_atom_id 
_atom_site.label_alt_id 
_atom_site.label_comp_id 
_atom_site.label_asym_id 
_atom_site.label_entity_id 
_atom_site.label_seq_id 
_atom_site.pdbx_PDB_ins_code 
_atom_site.Cartn_x 
_atom_site.Cartn_y 
_atom_site.Cartn_z 
_atom_site.occupancy 
_atom_site.B_iso_or_equiv 
_atom_site.pdbx_formal_charge 
_atom_site.auth_seq_id 
_atom_site.auth_comp_id 
_atom_site.auth_asym_id 
_atom_site.auth_atom_id 
_atom_site.pdbx_PDB_model_num 
ATOM   1    N N   . ASP A 1 3   ? 4.643   -15.339 2.086   1.00 56.00 ? 3   ASP A N   1 
ATOM   2    C CA  . ASP A 1 3   ? 4.847   -13.997 2.698   1.00 55.53 ? 3   ASP A CA  1 
ATOM   3    C C   . ASP A 1 3   ? 5.292   -14.090 4.159   1.00 55.06 ? 3   ASP A C   1 
ATOM   4    O O   . ASP A 1 3   ? 5.059   -15.079 4.855   1.00 55.14 ? 3   ASP A O   1 
ATOM   5    C CB  . ASP A 1 3   ? 3.564   -13.162 2.622   1.00 55.63 ? 3   ASP A CB  1 
ATOM   6    C CG  . ASP A 1 3   ? 3.490   -12.271 1.378   1.00 58.56 ? 3   ASP A CG  1 
ATOM   7    O OD1 . ASP A 1 3   ? 4.489   -11.589 1.053   1.00 62.46 ? 3   ASP A OD1 1 
ATOM   8    O OD2 . ASP A 1 3   ? 2.406   -12.216 0.747   1.00 61.86 ? 3   ASP A OD2 1 
ATOM   9    N N   . TRP A 1 4   ? 5.945   -13.017 4.581   1.00 54.54 ? 4   TRP A N   1 
ATOM   10   C CA  . TRP A 1 4   ? 6.285   -12.734 5.971   1.00 53.41 ? 4   TRP A CA  1 
ATOM   11   C C   . TRP A 1 4   ? 5.107   -12.127 6.773   1.00 53.04 ? 4   TRP A C   1 
ATOM   12   O O   . TRP A 1 4   ? 5.229   -11.961 7.987   1.00 53.62 ? 4   TRP A O   1 
ATOM   13   C CB  . TRP A 1 4   ? 7.454   -11.738 5.990   1.00 53.61 ? 4   TRP A CB  1 
ATOM   14   C CG  . TRP A 1 4   ? 7.222   -10.534 5.097   1.00 53.90 ? 4   TRP A CG  1 
ATOM   15   C CD1 . TRP A 1 4   ? 7.610   -10.388 3.794   1.00 53.64 ? 4   TRP A CD1 1 
ATOM   16   C CD2 . TRP A 1 4   ? 6.534   -9.338  5.444   1.00 54.28 ? 4   TRP A CD2 1 
ATOM   17   N NE1 . TRP A 1 4   ? 7.212   -9.172  3.313   1.00 54.94 ? 4   TRP A NE1 1 
ATOM   18   C CE2 . TRP A 1 4   ? 6.539   -8.504  4.303   1.00 54.90 ? 4   TRP A CE2 1 
ATOM   19   C CE3 . TRP A 1 4   ? 5.905   -8.884  6.610   1.00 54.88 ? 4   TRP A CE3 1 
ATOM   20   C CZ2 . TRP A 1 4   ? 5.960   -7.245  4.300   1.00 53.73 ? 4   TRP A CZ2 1 
ATOM   21   C CZ3 . TRP A 1 4   ? 5.328   -7.641  6.607   1.00 54.00 ? 4   TRP A CZ3 1 
ATOM   22   C CH2 . TRP A 1 4   ? 5.353   -6.830  5.456   1.00 53.94 ? 4   TRP A CH2 1 
ATOM   23   N N   . VAL A 1 5   ? 3.992   -11.792 6.112   1.00 51.62 ? 5   VAL A N   1 
ATOM   24   C CA  . VAL A 1 5   ? 2.843   -11.150 6.782   1.00 50.57 ? 5   VAL A CA  1 
ATOM   25   C C   . VAL A 1 5   ? 2.058   -12.179 7.607   1.00 49.92 ? 5   VAL A C   1 
ATOM   26   O O   . VAL A 1 5   ? 1.441   -13.070 7.033   1.00 50.71 ? 5   VAL A O   1 
ATOM   27   C CB  . VAL A 1 5   ? 1.862   -10.487 5.772   1.00 50.46 ? 5   VAL A CB  1 
ATOM   28   C CG1 . VAL A 1 5   ? 0.698   -9.821  6.508   1.00 50.21 ? 5   VAL A CG1 1 
ATOM   29   C CG2 . VAL A 1 5   ? 2.578   -9.452  4.892   1.00 49.95 ? 5   VAL A CG2 1 
ATOM   30   N N   . PRO A 1 6   ? 2.061   -12.052 8.950   1.00 48.81 ? 6   PRO A N   1 
ATOM   31   C CA  . PRO A 1 6   ? 1.477   -13.084 9.820   1.00 47.96 ? 6   PRO A CA  1 
ATOM   32   C C   . PRO A 1 6   ? -0.042  -12.941 9.949   1.00 47.32 ? 6   PRO A C   1 
ATOM   33   O O   . PRO A 1 6   ? -0.565  -11.879 9.650   1.00 45.69 ? 6   PRO A O   1 
ATOM   34   C CB  . PRO A 1 6   ? 2.160   -12.820 11.161  1.00 47.90 ? 6   PRO A CB  1 
ATOM   35   C CG  . PRO A 1 6   ? 2.402   -11.356 11.170  1.00 48.01 ? 6   PRO A CG  1 
ATOM   36   C CD  . PRO A 1 6   ? 2.594   -10.922 9.736   1.00 48.91 ? 6   PRO A CD  1 
ATOM   37   N N   . PRO A 1 7   ? -0.750  -14.003 10.392  1.00 46.37 ? 7   PRO A N   1 
ATOM   38   C CA  . PRO A 1 7   ? -2.226  -13.938 10.452  1.00 46.78 ? 7   PRO A CA  1 
ATOM   39   C C   . PRO A 1 7   ? -2.805  -12.835 11.372  1.00 46.93 ? 7   PRO A C   1 
ATOM   40   O O   . PRO A 1 7   ? -3.928  -12.367 11.145  1.00 47.57 ? 7   PRO A O   1 
ATOM   41   C CB  . PRO A 1 7   ? -2.628  -15.349 10.941  1.00 46.68 ? 7   PRO A CB  1 
ATOM   42   C CG  . PRO A 1 7   ? -1.420  -15.906 11.542  1.00 45.84 ? 7   PRO A CG  1 
ATOM   43   C CD  . PRO A 1 7   ? -0.240  -15.309 10.856  1.00 46.43 ? 7   PRO A CD  1 
ATOM   44   N N   . GLU A 1 8   ? -2.042  -12.431 12.382  1.00 47.22 ? 8   GLU A N   1 
ATOM   45   C CA  . GLU A 1 8   ? -2.434  -11.309 13.231  1.00 47.52 ? 8   GLU A CA  1 
ATOM   46   C C   . GLU A 1 8   ? -2.898  -10.114 12.401  1.00 48.12 ? 8   GLU A C   1 
ATOM   47   O O   . GLU A 1 8   ? -4.021  -9.634  12.560  1.00 48.85 ? 8   GLU A O   1 
ATOM   48   C CB  . GLU A 1 8   ? -1.276  -10.897 14.142  1.00 47.99 ? 8   GLU A CB  1 
ATOM   49   C CG  . GLU A 1 8   ? -1.005  -11.870 15.280  0.70 48.45 ? 8   GLU A CG  1 
ATOM   50   C CD  . GLU A 1 8   ? -0.820  -13.294 14.796  0.70 48.88 ? 8   GLU A CD  1 
ATOM   51   O OE1 . GLU A 1 8   ? -0.222  -13.485 13.716  0.70 49.45 ? 8   GLU A OE1 1 
ATOM   52   O OE2 . GLU A 1 8   ? -1.271  -14.225 15.497  0.50 49.23 ? 8   GLU A OE2 1 
ATOM   53   N N   . VAL A 1 9   ? -2.025  -9.642  11.518  1.00 46.98 ? 9   VAL A N   1 
ATOM   54   C CA  . VAL A 1 9   ? -2.249  -8.402  10.789  1.00 47.51 ? 9   VAL A CA  1 
ATOM   55   C C   . VAL A 1 9   ? -3.650  -8.418  10.195  1.00 47.03 ? 9   VAL A C   1 
ATOM   56   O O   . VAL A 1 9   ? -4.267  -7.363  10.042  1.00 47.47 ? 9   VAL A O   1 
ATOM   57   C CB  . VAL A 1 9   ? -1.191  -8.213  9.692   1.00 47.64 ? 9   VAL A CB  1 
ATOM   58   C CG1 . VAL A 1 9   ? -1.510  -7.020  8.823   1.00 49.04 ? 9   VAL A CG1 1 
ATOM   59   C CG2 . VAL A 1 9   ? 0.199   -8.081  10.334  1.00 48.15 ? 9   VAL A CG2 1 
ATOM   60   N N   . PHE A 1 10  ? -4.168  -9.599  9.854   1.00 46.55 ? 10  PHE A N   1 
ATOM   61   C CA  . PHE A 1 10  ? -5.488  -9.681  9.229   1.00 46.47 ? 10  PHE A CA  1 
ATOM   62   C C   . PHE A 1 10  ? -6.590  -9.338  10.219  1.00 46.33 ? 10  PHE A C   1 
ATOM   63   O O   . PHE A 1 10  ? -7.549  -8.662  9.856   1.00 46.33 ? 10  PHE A O   1 
ATOM   64   C CB  . PHE A 1 10  ? -5.716  -11.045 8.570   1.00 46.36 ? 10  PHE A CB  1 
ATOM   65   C CG  . PHE A 1 10  ? -4.929  -11.225 7.304   1.00 45.59 ? 10  PHE A CG  1 
ATOM   66   C CD1 . PHE A 1 10  ? -5.512  -10.995 6.067   1.00 47.64 ? 10  PHE A CD1 1 
ATOM   67   C CD2 . PHE A 1 10  ? -3.592  -11.595 7.354   1.00 46.76 ? 10  PHE A CD2 1 
ATOM   68   C CE1 . PHE A 1 10  ? -4.783  -11.149 4.909   1.00 46.82 ? 10  PHE A CE1 1 
ATOM   69   C CE2 . PHE A 1 10  ? -2.857  -11.742 6.185   1.00 46.47 ? 10  PHE A CE2 1 
ATOM   70   C CZ  . PHE A 1 10  ? -3.450  -11.524 4.970   1.00 47.02 ? 10  PHE A CZ  1 
ATOM   71   N N   . ASP A 1 11  ? -6.394  -9.720  11.469  1.00 45.65 ? 11  ASP A N   1 
ATOM   72   C CA  . ASP A 1 11  ? -7.297  -9.367  12.521  1.00 46.12 ? 11  ASP A CA  1 
ATOM   73   C C   . ASP A 1 11  ? -7.275  -7.879  12.786  1.00 46.33 ? 11  ASP A C   1 
ATOM   74   O O   . ASP A 1 11  ? -8.279  -7.261  12.977  1.00 47.62 ? 11  ASP A O   1 
ATOM   75   C CB  . ASP A 1 11  ? -6.831  -10.051 13.821  1.00 46.12 ? 11  ASP A CB  1 
ATOM   76   C CG  . ASP A 1 11  ? -7.142  -11.493 13.845  1.00 47.02 ? 11  ASP A CG  1 
ATOM   77   O OD1 . ASP A 1 11  ? -8.214  -11.881 13.345  0.50 48.17 ? 11  ASP A OD1 1 
ATOM   78   O OD2 . ASP A 1 11  ? -6.325  -12.234 14.408  0.50 48.17 ? 11  ASP A OD2 1 
ATOM   79   N N   . LEU A 1 12  ? -6.078  -7.367  12.904  1.00 46.17 ? 12  LEU A N   1 
ATOM   80   C CA  . LEU A 1 12  ? -5.860  -5.959  13.214  1.00 46.06 ? 12  LEU A CA  1 
ATOM   81   C C   . LEU A 1 12  ? -6.534  -5.062  12.175  1.00 45.80 ? 12  LEU A C   1 
ATOM   82   O O   . LEU A 1 12  ? -7.151  -4.038  12.498  1.00 47.10 ? 12  LEU A O   1 
ATOM   83   C CB  . LEU A 1 12  ? -4.354  -5.669  13.266  1.00 46.33 ? 12  LEU A CB  1 
ATOM   84   C CG  . LEU A 1 12  ? -3.942  -4.463  14.108  0.50 46.35 ? 12  LEU A CG  1 
ATOM   85   C CD1 . LEU A 1 12  ? -3.664  -4.893  15.535  0.50 47.35 ? 12  LEU A CD1 1 
ATOM   86   C CD2 . LEU A 1 12  ? -2.729  -3.774  13.493  0.50 46.70 ? 12  LEU A CD2 1 
ATOM   87   N N   . VAL A 1 13  ? -6.388  -5.409  10.907  1.00 44.84 ? 13  VAL A N   1 
ATOM   88   C CA  . VAL A 1 13  ? -6.906  -4.522  9.863   1.00 43.76 ? 13  VAL A CA  1 
ATOM   89   C C   . VAL A 1 13  ? -8.373  -4.754  9.485   1.00 42.67 ? 13  VAL A C   1 
ATOM   90   O O   . VAL A 1 13  ? -8.908  -3.989  8.691   1.00 41.75 ? 13  VAL A O   1 
ATOM   91   C CB  . VAL A 1 13  ? -6.091  -4.609  8.571   1.00 44.91 ? 13  VAL A CB  1 
ATOM   92   C CG1 . VAL A 1 13  ? -4.628  -4.223  8.807   1.00 46.98 ? 13  VAL A CG1 1 
ATOM   93   C CG2 . VAL A 1 13  ? -6.256  -6.002  7.932   1.00 47.42 ? 13  VAL A CG2 1 
ATOM   94   N N   . ALA A 1 14  ? -9.029  -5.762  10.053  1.00 41.74 ? 14  ALA A N   1 
ATOM   95   C CA  . ALA A 1 14  ? -10.335 -6.197  9.564   1.00 41.69 ? 14  ALA A CA  1 
ATOM   96   C C   . ALA A 1 14  ? -11.407 -5.092  9.443   1.00 41.04 ? 14  ALA A C   1 
ATOM   97   O O   . ALA A 1 14  ? -12.109 -5.005  8.424   1.00 41.93 ? 14  ALA A O   1 
ATOM   98   C CB  . ALA A 1 14  ? -10.856 -7.346  10.428  1.00 40.31 ? 14  ALA A CB  1 
ATOM   99   N N   . GLU A 1 15  ? -11.539 -4.284  10.502  1.00 42.24 ? 15  GLU A N   1 
ATOM   100  C CA  . GLU A 1 15  ? -12.569 -3.233  10.534  1.00 41.85 ? 15  GLU A CA  1 
ATOM   101  C C   . GLU A 1 15  ? -12.293 -2.181  9.473   1.00 41.87 ? 15  GLU A C   1 
ATOM   102  O O   . GLU A 1 15  ? -13.189 -1.837  8.677   1.00 41.46 ? 15  GLU A O   1 
ATOM   103  C CB  . GLU A 1 15  ? -12.667 -2.589  11.931  1.00 41.32 ? 15  GLU A CB  1 
ATOM   104  C CG  . GLU A 1 15  ? -13.702 -1.471  12.015  0.50 42.29 ? 15  GLU A CG  1 
ATOM   105  C CD  . GLU A 1 15  ? -14.105 -1.113  13.430  0.50 43.27 ? 15  GLU A CD  1 
ATOM   106  O OE1 . GLU A 1 15  ? -14.769 -1.943  14.071  0.50 46.75 ? 15  GLU A OE1 1 
ATOM   107  O OE2 . GLU A 1 15  ? -13.796 0.009   13.880  0.50 47.78 ? 15  GLU A OE2 1 
ATOM   108  N N   . ASP A 1 16  ? -11.060 -1.689  9.405   1.00 41.43 ? 16  ASP A N   1 
ATOM   109  C CA  . ASP A 1 16  ? -10.747 -0.703  8.350   1.00 41.16 ? 16  ASP A CA  1 
ATOM   110  C C   . ASP A 1 16  ? -10.806 -1.299  6.962   1.00 41.00 ? 16  ASP A C   1 
ATOM   111  O O   . ASP A 1 16  ? -11.245 -0.657  6.029   1.00 40.93 ? 16  ASP A O   1 
ATOM   112  C CB  . ASP A 1 16  ? -9.396  -0.036  8.577   1.00 41.74 ? 16  ASP A CB  1 
ATOM   113  C CG  . ASP A 1 16  ? -9.428  0.939   9.731   1.00 41.70 ? 16  ASP A CG  1 
ATOM   114  O OD1 . ASP A 1 16  ? -10.085 1.998   9.611   0.50 37.47 ? 16  ASP A OD1 1 
ATOM   115  O OD2 . ASP A 1 16  ? -8.793  0.647   10.762  0.50 36.12 ? 16  ASP A OD2 1 
ATOM   116  N N   . LYS A 1 17  ? -10.359 -2.532  6.807   1.00 40.84 ? 17  LYS A N   1 
ATOM   117  C CA  . LYS A 1 17  ? -10.484 -3.197  5.505   1.00 40.59 ? 17  LYS A CA  1 
ATOM   118  C C   . LYS A 1 17  ? -11.947 -3.214  5.001   1.00 39.33 ? 17  LYS A C   1 
ATOM   119  O O   . LYS A 1 17  ? -12.223 -2.851  3.851   1.00 40.48 ? 17  LYS A O   1 
ATOM   120  C CB  . LYS A 1 17  ? -9.923  -4.613  5.599   1.00 40.71 ? 17  LYS A CB  1 
ATOM   121  C CG  . LYS A 1 17  ? -10.172 -5.442  4.346   1.00 41.60 ? 17  LYS A CG  1 
ATOM   122  C CD  . LYS A 1 17  ? -9.455  -6.745  4.455   1.00 43.29 ? 17  LYS A CD  1 
ATOM   123  C CE  . LYS A 1 17  ? -9.908  -7.721  3.384   1.00 45.69 ? 17  LYS A CE  1 
ATOM   124  N NZ  . LYS A 1 17  ? -9.437  -7.217  2.120   1.00 47.55 ? 17  LYS A NZ  1 
ATOM   125  N N   . ALA A 1 18  ? -12.867 -3.652  5.857   1.00 40.43 ? 18  ALA A N   1 
ATOM   126  C CA  . ALA A 1 18  ? -14.286 -3.741  5.512   1.00 40.35 ? 18  ALA A CA  1 
ATOM   127  C C   . ALA A 1 18  ? -14.826 -2.386  5.156   1.00 40.65 ? 18  ALA A C   1 
ATOM   128  O O   . ALA A 1 18  ? -15.517 -2.231  4.154   1.00 41.48 ? 18  ALA A O   1 
ATOM   129  C CB  . ALA A 1 18  ? -15.061 -4.303  6.710   1.00 39.59 ? 18  ALA A CB  1 
ATOM   130  N N   . ARG A 1 19  ? -14.483 -1.383  5.961   1.00 40.36 ? 19  ARG A N   1 
ATOM   131  C CA  . ARG A 1 19  ? -14.907 -0.001  5.642   1.00 40.12 ? 19  ARG A CA  1 
ATOM   132  C C   . ARG A 1 19  ? -14.353 0.487   4.305   1.00 39.87 ? 19  ARG A C   1 
ATOM   133  O O   . ARG A 1 19  ? -15.070 1.033   3.455   1.00 40.13 ? 19  ARG A O   1 
ATOM   134  C CB  . ARG A 1 19  ? -14.472 0.959   6.744   1.00 39.93 ? 19  ARG A CB  1 
ATOM   135  C CG  . ARG A 1 19  ? -14.764 2.432   6.395   1.00 40.93 ? 19  ARG A CG  1 
ATOM   136  C CD  . ARG A 1 19  ? -14.368 3.395   7.486   1.00 40.94 ? 19  ARG A CD  1 
ATOM   137  N NE  . ARG A 1 19  ? -12.939 3.340   7.805   1.00 41.57 ? 19  ARG A NE  1 
ATOM   138  C CZ  . ARG A 1 19  ? -11.990 3.938   7.094   1.00 41.10 ? 19  ARG A CZ  1 
ATOM   139  N NH1 . ARG A 1 19  ? -12.290 4.676   6.036   1.00 41.22 ? 19  ARG A NH1 1 
ATOM   140  N NH2 . ARG A 1 19  ? -10.719 3.795   7.454   1.00 42.97 ? 19  ARG A NH2 1 
ATOM   141  N N   . CYS A 1 20  ? -13.057 0.336   4.128   1.00 39.90 ? 20  CYS A N   1 
ATOM   142  C CA  . CYS A 1 20  ? -12.422 0.816   2.904   1.00 40.74 ? 20  CYS A CA  1 
ATOM   143  C C   . CYS A 1 20  ? -12.965 0.124   1.678   1.00 41.21 ? 20  CYS A C   1 
ATOM   144  O O   . CYS A 1 20  ? -13.226 0.777   0.642   1.00 41.00 ? 20  CYS A O   1 
ATOM   145  C CB  . CYS A 1 20  ? -10.904 0.661   2.992   1.00 41.32 ? 20  CYS A CB  1 
ATOM   146  S SG  . CYS A 1 20  ? -10.137 1.804   4.219   1.00 42.15 ? 20  CYS A SG  1 
ATOM   147  N N   . MET A 1 21  ? -13.175 -1.194  1.744   1.00 41.07 ? 21  MET A N   1 
ATOM   148  C CA  . MET A 1 21  ? -13.758 -1.872  0.561   1.00 40.76 ? 21  MET A CA  1 
ATOM   149  C C   . MET A 1 21  ? -15.188 -1.380  0.260   1.00 40.32 ? 21  MET A C   1 
ATOM   150  O O   . MET A 1 21  ? -15.550 -1.169  -0.886  1.00 40.66 ? 21  MET A O   1 
ATOM   151  C CB  . MET A 1 21  ? -13.771 -3.392  0.744   1.00 40.98 ? 21  MET A CB  1 
ATOM   152  C CG  . MET A 1 21  ? -12.381 -4.016  0.893   1.00 39.90 ? 21  MET A CG  1 
ATOM   153  S SD  . MET A 1 21  ? -12.402 -5.796  1.136   1.00 42.56 ? 21  MET A SD  1 
ATOM   154  C CE  . MET A 1 21  ? -12.737 -6.284  -0.551  1.00 41.58 ? 21  MET A CE  1 
ATOM   155  N N   . SER A 1 22  ? -15.984 -1.179  1.296   1.00 40.65 ? 22  SER A N   1 
ATOM   156  C CA  . SER A 1 22  ? -17.366 -0.705  1.146   1.00 41.24 ? 22  SER A CA  1 
ATOM   157  C C   . SER A 1 22  ? -17.365 0.703   0.536   1.00 40.53 ? 22  SER A C   1 
ATOM   158  O O   . SER A 1 22  ? -18.112 0.961   -0.415  1.00 41.82 ? 22  SER A O   1 
ATOM   159  C CB  . SER A 1 22  ? -18.149 -0.809  2.472   1.00 42.05 ? 22  SER A CB  1 
ATOM   160  O OG  A SER A 1 22  ? -17.501 -1.844  3.176   0.30 43.83 ? 22  SER A OG  1 
ATOM   161  O OG  B SER A 1 22  ? -19.342 -0.044  2.297   0.70 45.05 ? 22  SER A OG  1 
ATOM   162  N N   . GLU A 1 23  ? -16.518 1.598   1.039   1.00 39.71 ? 23  GLU A N   1 
ATOM   163  C CA  . GLU A 1 23  ? -16.462 2.978   0.530   1.00 40.20 ? 23  GLU A CA  1 
ATOM   164  C C   . GLU A 1 23  ? -16.128 3.047   -0.945  1.00 41.06 ? 23  GLU A C   1 
ATOM   165  O O   . GLU A 1 23  ? -16.646 3.917   -1.656  1.00 40.84 ? 23  GLU A O   1 
ATOM   166  C CB  . GLU A 1 23  ? -15.415 3.801   1.291   1.00 40.39 ? 23  GLU A CB  1 
ATOM   167  C CG  . GLU A 1 23  ? -15.761 4.150   2.708   1.00 41.39 ? 23  GLU A CG  1 
ATOM   168  C CD  . GLU A 1 23  ? -14.664 4.932   3.405   1.00 41.12 ? 23  GLU A CD  1 
ATOM   169  O OE1 . GLU A 1 23  ? -13.595 5.208   2.758   1.00 41.70 ? 23  GLU A OE1 1 
ATOM   170  O OE2 . GLU A 1 23  ? -14.869 5.312   4.573   1.00 40.26 ? 23  GLU A OE2 1 
ATOM   171  N N   . HIS A 1 24  ? -15.259 2.157   -1.414  1.00 41.38 ? 24  HIS A N   1 
ATOM   172  C CA  . HIS A 1 24  ? -14.674 2.331   -2.739  1.00 40.20 ? 24  HIS A CA  1 
ATOM   173  C C   . HIS A 1 24  ? -15.119 1.313   -3.775  1.00 39.92 ? 24  HIS A C   1 
ATOM   174  O O   . HIS A 1 24  ? -14.771 1.432   -4.942  1.00 41.74 ? 24  HIS A O   1 
ATOM   175  C CB  . HIS A 1 24  ? -13.152 2.375   -2.591  1.00 40.23 ? 24  HIS A CB  1 
ATOM   176  C CG  . HIS A 1 24  ? -12.718 3.512   -1.708  1.00 40.40 ? 24  HIS A CG  1 
ATOM   177  N ND1 . HIS A 1 24  ? -12.923 4.824   -2.097  1.00 42.17 ? 24  HIS A ND1 1 
ATOM   178  C CD2 . HIS A 1 24  ? -12.251 3.564   -0.433  1.00 42.12 ? 24  HIS A CD2 1 
ATOM   179  C CE1 . HIS A 1 24  ? -12.520 5.627   -1.127  1.00 42.18 ? 24  HIS A CE1 1 
ATOM   180  N NE2 . HIS A 1 24  ? -12.136 4.896   -0.103  1.00 42.56 ? 24  HIS A NE2 1 
ATOM   181  N N   . GLY A 1 25  ? -15.925 0.348   -3.361  1.00 39.64 ? 25  GLY A N   1 
ATOM   182  C CA  . GLY A 1 25  ? -16.389 -0.678  -4.272  1.00 40.50 ? 25  GLY A CA  1 
ATOM   183  C C   . GLY A 1 25  ? -15.333 -1.706  -4.598  1.00 40.42 ? 25  GLY A C   1 
ATOM   184  O O   . GLY A 1 25  ? -15.377 -2.348  -5.652  1.00 40.63 ? 25  GLY A O   1 
ATOM   185  N N   . THR A 1 26  ? -14.401 -1.912  -3.679  1.00 39.99 ? 26  THR A N   1 
ATOM   186  C CA  . THR A 1 26  ? -13.291 -2.796  -3.901  1.00 40.26 ? 26  THR A CA  1 
ATOM   187  C C   . THR A 1 26  ? -13.745 -4.245  -3.724  1.00 40.19 ? 26  THR A C   1 
ATOM   188  O O   . THR A 1 26  ? -14.518 -4.538  -2.818  1.00 40.50 ? 26  THR A O   1 
ATOM   189  C CB  . THR A 1 26  ? -12.207 -2.540  -2.842  1.00 40.78 ? 26  THR A CB  1 
ATOM   190  O OG1 . THR A 1 26  ? -12.056 -1.123  -2.626  1.00 41.55 ? 26  THR A OG1 1 
ATOM   191  C CG2 . THR A 1 26  ? -10.860 -3.181  -3.280  1.00 41.65 ? 26  THR A CG2 1 
ATOM   192  N N   . THR A 1 27  ? -13.273 -5.124  -4.604  1.00 40.36 ? 27  THR A N   1 
ATOM   193  C CA  . THR A 1 27  ? -13.450 -6.560  -4.425  1.00 39.98 ? 27  THR A CA  1 
ATOM   194  C C   . THR A 1 27  ? -12.198 -7.232  -3.915  1.00 39.59 ? 27  THR A C   1 
ATOM   195  O O   . THR A 1 27  ? -11.073 -6.770  -4.124  1.00 39.19 ? 27  THR A O   1 
ATOM   196  C CB  . THR A 1 27  ? -13.807 -7.243  -5.742  1.00 40.69 ? 27  THR A CB  1 
ATOM   197  O OG1 . THR A 1 27  ? -12.656 -7.297  -6.589  1.00 41.12 ? 27  THR A OG1 1 
ATOM   198  C CG2 . THR A 1 27  ? -14.944 -6.508  -6.458  1.00 41.72 ? 27  THR A CG2 1 
ATOM   199  N N   . GLN A 1 28  ? -12.373 -8.375  -3.253  1.00 39.66 ? 28  GLN A N   1 
ATOM   200  C CA  . GLN A 1 28  ? -11.213 -9.146  -2.830  1.00 38.90 ? 28  GLN A CA  1 
ATOM   201  C C   . GLN A 1 28  ? -10.376 -9.590  -4.015  1.00 38.75 ? 28  GLN A C   1 
ATOM   202  O O   . GLN A 1 28  ? -9.158  -9.657  -3.928  1.00 39.33 ? 28  GLN A O   1 
ATOM   203  C CB  . GLN A 1 28  ? -11.613 -10.325 -1.936  1.00 39.50 ? 28  GLN A CB  1 
ATOM   204  C CG  . GLN A 1 28  ? -10.459 -11.112 -1.371  1.00 40.40 ? 28  GLN A CG  1 
ATOM   205  C CD  . GLN A 1 28  ? -9.600  -10.318 -0.426  1.00 40.96 ? 28  GLN A CD  1 
ATOM   206  O OE1 . GLN A 1 28  ? -10.105 -9.526  0.375   1.00 43.24 ? 28  GLN A OE1 1 
ATOM   207  N NE2 . GLN A 1 28  ? -8.289  -10.464 -0.561  1.00 41.52 ? 28  GLN A NE2 1 
ATOM   208  N N   . ALA A 1 29  ? -11.013 -9.837  -5.160  1.00 38.59 ? 29  ALA A N   1 
ATOM   209  C CA  . ALA A 1 29  ? -10.275 -10.237 -6.359  1.00 38.41 ? 29  ALA A CA  1 
ATOM   210  C C   . ALA A 1 29  ? -9.295  -9.144  -6.793  1.00 37.67 ? 29  ALA A C   1 
ATOM   211  O O   . ALA A 1 29  ? -8.207  -9.454  -7.245  1.00 38.04 ? 29  ALA A O   1 
ATOM   212  C CB  . ALA A 1 29  ? -11.223 -10.627 -7.509  1.00 38.83 ? 29  ALA A CB  1 
ATOM   213  N N   . GLN A 1 30  ? -9.675  -7.882  -6.627  1.00 37.95 ? 30  GLN A N   1 
ATOM   214  C CA  . GLN A 1 30  ? -8.789  -6.780  -7.005  1.00 38.15 ? 30  GLN A CA  1 
ATOM   215  C C   . GLN A 1 30  ? -7.571  -6.752  -6.084  1.00 38.79 ? 30  GLN A C   1 
ATOM   216  O O   . GLN A 1 30  ? -6.469  -6.457  -6.518  1.00 38.92 ? 30  GLN A O   1 
ATOM   217  C CB  . GLN A 1 30  ? -9.501  -5.450  -6.909  1.00 39.03 ? 30  GLN A CB  1 
ATOM   218  C CG  . GLN A 1 30  ? -10.432 -5.174  -8.045  1.00 39.74 ? 30  GLN A CG  1 
ATOM   219  C CD  . GLN A 1 30  ? -11.183 -3.854  -7.861  1.00 38.95 ? 30  GLN A CD  1 
ATOM   220  O OE1 . GLN A 1 30  ? -11.994 -3.734  -6.950  1.00 40.83 ? 30  GLN A OE1 1 
ATOM   221  N NE2 . GLN A 1 30  ? -10.909 -2.874  -8.722  1.00 41.17 ? 30  GLN A NE2 1 
ATOM   222  N N   . ILE A 1 31  ? -7.814  -7.010  -4.800  1.00 39.35 ? 31  ILE A N   1 
ATOM   223  C CA  . ILE A 1 31  ? -6.741  -7.033  -3.803  1.00 39.75 ? 31  ILE A CA  1 
ATOM   224  C C   . ILE A 1 31  ? -5.802  -8.183  -4.085  1.00 40.27 ? 31  ILE A C   1 
ATOM   225  O O   . ILE A 1 31  ? -4.578  -8.006  -4.104  1.00 39.69 ? 31  ILE A O   1 
ATOM   226  C CB  . ILE A 1 31  ? -7.293  -7.097  -2.361  1.00 39.60 ? 31  ILE A CB  1 
ATOM   227  C CG1 . ILE A 1 31  ? -8.050  -5.826  -2.021  1.00 41.09 ? 31  ILE A CG1 1 
ATOM   228  C CG2 . ILE A 1 31  ? -6.143  -7.341  -1.331  1.00 39.99 ? 31  ILE A CG2 1 
ATOM   229  C CD1 . ILE A 1 31  ? -8.763  -5.903  -0.681  1.00 40.91 ? 31  ILE A CD1 1 
ATOM   230  N N   . ASP A 1 32  ? -6.369  -9.359  -4.346  1.00 40.32 ? 32  ASP A N   1 
ATOM   231  C CA  . ASP A 1 32  ? -5.571  -10.542 -4.705  1.00 40.72 ? 32  ASP A CA  1 
ATOM   232  C C   . ASP A 1 32  ? -4.697  -10.229 -5.926  1.00 41.35 ? 32  ASP A C   1 
ATOM   233  O O   . ASP A 1 32  ? -3.543  -10.651 -5.995  1.00 41.86 ? 32  ASP A O   1 
ATOM   234  C CB  . ASP A 1 32  ? -6.465  -11.738 -5.041  1.00 41.17 ? 32  ASP A CB  1 
ATOM   235  C CG  . ASP A 1 32  ? -7.235  -12.279 -3.850  0.70 41.47 ? 32  ASP A CG  1 
ATOM   236  O OD1 . ASP A 1 32  ? -6.921  -11.923 -2.701  0.70 41.71 ? 32  ASP A OD1 1 
ATOM   237  O OD2 . ASP A 1 32  ? -8.160  -13.092 -4.088  0.70 45.87 ? 32  ASP A OD2 1 
ATOM   238  N N   . ASP A 1 33  ? -5.254  -9.508  -6.893  1.00 41.91 ? 33  ASP A N   1 
ATOM   239  C CA  . ASP A 1 33  ? -4.523  -9.145  -8.101  1.00 43.16 ? 33  ASP A CA  1 
ATOM   240  C C   . ASP A 1 33  ? -3.319  -8.256  -7.822  1.00 43.45 ? 33  ASP A C   1 
ATOM   241  O O   . ASP A 1 33  ? -2.253  -8.482  -8.392  1.00 42.64 ? 33  ASP A O   1 
ATOM   242  C CB  . ASP A 1 33  ? -5.446  -8.464  -9.125  1.00 43.27 ? 33  ASP A CB  1 
ATOM   243  C CG  . ASP A 1 33  ? -5.822  -9.368  -10.275 1.00 45.47 ? 33  ASP A CG  1 
ATOM   244  O OD1 . ASP A 1 33  ? -4.982  -10.180 -10.728 0.50 44.56 ? 33  ASP A OD1 1 
ATOM   245  O OD2 . ASP A 1 33  ? -6.963  -9.246  -10.758 0.50 48.16 ? 33  ASP A OD2 1 
ATOM   246  N N   . VAL A 1 34  ? -3.483  -7.246  -6.969  1.00 44.60 ? 34  VAL A N   1 
ATOM   247  C CA  . VAL A 1 34  ? -2.363  -6.332  -6.660  1.00 45.94 ? 34  VAL A CA  1 
ATOM   248  C C   . VAL A 1 34  ? -1.263  -7.136  -6.023  1.00 47.02 ? 34  VAL A C   1 
ATOM   249  O O   . VAL A 1 34  ? -0.092  -6.992  -6.375  1.00 47.16 ? 34  VAL A O   1 
ATOM   250  C CB  . VAL A 1 34  ? -2.767  -5.140  -5.723  1.00 46.35 ? 34  VAL A CB  1 
ATOM   251  C CG1 . VAL A 1 34  ? -1.553  -4.225  -5.485  1.00 47.65 ? 34  VAL A CG1 1 
ATOM   252  C CG2 . VAL A 1 34  ? -3.840  -4.372  -6.317  1.00 48.30 ? 34  VAL A CG2 1 
ATOM   253  N N   . ASP A 1 35  ? -1.650  -8.039  -5.128  1.00 47.72 ? 35  ASP A N   1 
ATOM   254  C CA  . ASP A 1 35  ? -0.714  -8.968  -4.512  1.00 47.62 ? 35  ASP A CA  1 
ATOM   255  C C   . ASP A 1 35  ? 0.041   -9.877  -5.474  1.00 48.01 ? 35  ASP A C   1 
ATOM   256  O O   . ASP A 1 35  ? 1.151   -10.302 -5.166  1.00 49.38 ? 35  ASP A O   1 
ATOM   257  C CB  . ASP A 1 35  ? -1.442  -9.797  -3.457  0.50 47.67 ? 35  ASP A CB  1 
ATOM   258  C CG  . ASP A 1 35  ? -1.467  -9.114  -2.116  0.50 48.30 ? 35  ASP A CG  1 
ATOM   259  O OD1 . ASP A 1 35  ? -2.565  -8.757  -1.665  0.50 48.31 ? 35  ASP A OD1 1 
ATOM   260  O OD2 . ASP A 1 35  ? -0.374  -8.940  -1.512  0.50 48.92 ? 35  ASP A OD2 1 
ATOM   261  N N   . LYS A 1 36  ? -0.546  -10.198 -6.625  1.00 47.97 ? 36  LYS A N   1 
ATOM   262  C CA  . LYS A 1 36  ? 0.145   -10.957 -7.673  1.00 47.15 ? 36  LYS A CA  1 
ATOM   263  C C   . LYS A 1 36  ? 0.909   -10.060 -8.648  1.00 47.09 ? 36  LYS A C   1 
ATOM   264  O O   . LYS A 1 36  ? 1.420   -10.550 -9.665  1.00 47.41 ? 36  LYS A O   1 
ATOM   265  C CB  . LYS A 1 36  ? -0.836  -11.810 -8.480  1.00 47.35 ? 36  LYS A CB  1 
ATOM   266  C CG  . LYS A 1 36  ? -1.654  -12.787 -7.654  0.50 47.26 ? 36  LYS A CG  1 
ATOM   267  C CD  . LYS A 1 36  ? -2.371  -13.792 -8.515  0.50 47.45 ? 36  LYS A CD  1 
ATOM   268  C CE  . LYS A 1 36  ? -3.447  -13.171 -9.380  0.50 47.74 ? 36  LYS A CE  1 
ATOM   269  N NZ  . LYS A 1 36  ? -4.137  -14.243 -10.162 0.50 48.01 ? 36  LYS A NZ  1 
ATOM   270  N N   . GLY A 1 37  ? 0.975   -8.765  -8.341  1.00 46.61 ? 37  GLY A N   1 
ATOM   271  C CA  . GLY A 1 37  ? 1.672   -7.784  -9.173  1.00 46.41 ? 37  GLY A CA  1 
ATOM   272  C C   . GLY A 1 37  ? 0.851   -7.227  -10.329 1.00 46.09 ? 37  GLY A C   1 
ATOM   273  O O   . GLY A 1 37  ? 1.413   -6.591  -11.224 1.00 46.36 ? 37  GLY A O   1 
ATOM   274  N N   . ASN A 1 38  ? -0.464  -7.474  -10.315 1.00 45.28 ? 38  ASN A N   1 
ATOM   275  C CA  . ASN A 1 38  ? -1.377  -6.985  -11.351 1.00 45.01 ? 38  ASN A CA  1 
ATOM   276  C C   . ASN A 1 38  ? -2.177  -5.785  -10.832 1.00 44.36 ? 38  ASN A C   1 
ATOM   277  O O   . ASN A 1 38  ? -3.065  -5.922  -9.996  1.00 44.32 ? 38  ASN A O   1 
ATOM   278  C CB  . ASN A 1 38  ? -2.366  -8.071  -11.765 1.00 44.95 ? 38  ASN A CB  1 
ATOM   279  C CG  . ASN A 1 38  ? -1.693  -9.325  -12.284 1.00 46.66 ? 38  ASN A CG  1 
ATOM   280  O OD1 . ASN A 1 38  ? -2.166  -10.434 -12.033 1.00 49.25 ? 38  ASN A OD1 1 
ATOM   281  N ND2 . ASN A 1 38  ? -0.604  -9.156  -13.026 1.00 46.47 ? 38  ASN A ND2 1 
ATOM   282  N N   . LEU A 1 39  ? -1.852  -4.607  -11.332 1.00 44.20 ? 39  LEU A N   1 
ATOM   283  C CA  . LEU A 1 39  ? -2.516  -3.402  -10.863 1.00 43.64 ? 39  LEU A CA  1 
ATOM   284  C C   . LEU A 1 39  ? -2.741  -2.442  -12.005 1.00 43.01 ? 39  LEU A C   1 
ATOM   285  O O   . LEU A 1 39  ? -1.849  -2.201  -12.810 1.00 42.86 ? 39  LEU A O   1 
ATOM   286  C CB  . LEU A 1 39  ? -1.690  -2.731  -9.792  1.00 44.22 ? 39  LEU A CB  1 
ATOM   287  C CG  . LEU A 1 39  ? -2.217  -1.409  -9.197  0.80 43.83 ? 39  LEU A CG  1 
ATOM   288  C CD1 . LEU A 1 39  ? -3.634  -1.494  -8.608  0.80 41.08 ? 39  LEU A CD1 1 
ATOM   289  C CD2 . LEU A 1 39  ? -1.192  -0.945  -8.167  0.80 43.88 ? 39  LEU A CD2 1 
ATOM   290  N N   . VAL A 1 40  ? -3.957  -1.916  -12.050 1.00 42.59 ? 40  VAL A N   1 
ATOM   291  C CA  . VAL A 1 40  ? -4.351  -0.909  -13.004 1.00 42.41 ? 40  VAL A CA  1 
ATOM   292  C C   . VAL A 1 40  ? -4.877  0.283   -12.219 1.00 40.88 ? 40  VAL A C   1 
ATOM   293  O O   . VAL A 1 40  ? -5.184  0.172   -11.032 1.00 40.57 ? 40  VAL A O   1 
ATOM   294  C CB  . VAL A 1 40  ? -5.378  -1.449  -14.024 1.00 42.89 ? 40  VAL A CB  1 
ATOM   295  C CG1 . VAL A 1 40  ? -4.770  -2.657  -14.783 1.00 43.87 ? 40  VAL A CG1 1 
ATOM   296  C CG2 . VAL A 1 40  ? -6.678  -1.830  -13.365 1.00 45.42 ? 40  VAL A CG2 1 
ATOM   297  N N   . ASN A 1 41  ? -4.931  1.423   -12.884 1.00 40.95 ? 41  ASN A N   1 
ATOM   298  C CA  . ASN A 1 41  ? -5.293  2.689   -12.258 1.00 40.14 ? 41  ASN A CA  1 
ATOM   299  C C   . ASN A 1 41  ? -6.820  2.847   -12.155 1.00 41.31 ? 41  ASN A C   1 
ATOM   300  O O   . ASN A 1 41  ? -7.418  3.775   -12.733 1.00 43.01 ? 41  ASN A O   1 
ATOM   301  C CB  . ASN A 1 41  ? -4.679  3.824   -13.051 1.00 40.75 ? 41  ASN A CB  1 
ATOM   302  C CG  . ASN A 1 41  ? -4.865  5.179   -12.404 1.00 39.33 ? 41  ASN A CG  1 
ATOM   303  O OD1 . ASN A 1 41  ? -4.775  5.311   -11.202 1.00 41.66 ? 41  ASN A OD1 1 
ATOM   304  N ND2 . ASN A 1 41  ? -5.048  6.223   -13.237 1.00 41.55 ? 41  ASN A ND2 1 
ATOM   305  N N   . GLU A 1 42  ? -7.442  1.919   -11.444 1.00 39.93 ? 42  GLU A N   1 
ATOM   306  C CA  . GLU A 1 42  ? -8.872  1.928   -11.179 1.00 40.06 ? 42  GLU A CA  1 
ATOM   307  C C   . GLU A 1 42  ? -9.119  2.399   -9.750  1.00 39.69 ? 42  GLU A C   1 
ATOM   308  O O   . GLU A 1 42  ? -8.615  1.814   -8.784  1.00 39.84 ? 42  GLU A O   1 
ATOM   309  C CB  . GLU A 1 42  ? -9.448  0.517   -11.306 1.00 40.31 ? 42  GLU A CB  1 
ATOM   310  C CG  . GLU A 1 42  ? -9.631  0.004   -12.699 1.00 40.43 ? 42  GLU A CG  1 
ATOM   311  C CD  . GLU A 1 42  ? -10.781 0.680   -13.468 0.70 39.19 ? 42  GLU A CD  1 
ATOM   312  O OE1 . GLU A 1 42  ? -11.575 1.454   -12.862 0.70 37.64 ? 42  GLU A OE1 1 
ATOM   313  O OE2 . GLU A 1 42  ? -10.867 0.417   -14.690 0.70 40.21 ? 42  GLU A OE2 1 
ATOM   314  N N   . PRO A 1 43  ? -9.897  3.477   -9.581  1.00 40.36 ? 43  PRO A N   1 
ATOM   315  C CA  . PRO A 1 43  ? -10.156 4.027   -8.249  1.00 40.89 ? 43  PRO A CA  1 
ATOM   316  C C   . PRO A 1 43  ? -10.651 3.018   -7.235  1.00 40.61 ? 43  PRO A C   1 
ATOM   317  O O   . PRO A 1 43  ? -10.289 3.087   -6.071  1.00 40.30 ? 43  PRO A O   1 
ATOM   318  C CB  . PRO A 1 43  ? -11.176 5.138   -8.519  1.00 41.53 ? 43  PRO A CB  1 
ATOM   319  C CG  . PRO A 1 43  ? -10.900 5.538   -9.880  1.00 43.33 ? 43  PRO A CG  1 
ATOM   320  C CD  . PRO A 1 43  ? -10.511 4.306   -10.627 1.00 41.58 ? 43  PRO A CD  1 
ATOM   321  N N   . SER A 1 44  ? -11.433 2.022   -7.643  1.00 39.77 ? 44  SER A N   1 
ATOM   322  C CA  . SER A 1 44  ? -11.905 1.065   -6.661  1.00 40.26 ? 44  SER A CA  1 
ATOM   323  C C   . SER A 1 44  ? -10.774 0.307   -5.968  1.00 40.27 ? 44  SER A C   1 
ATOM   324  O O   . SER A 1 44  ? -10.933 -0.119  -4.804  1.00 41.60 ? 44  SER A O   1 
ATOM   325  C CB  . SER A 1 44  ? -12.922 0.093   -7.280  1.00 40.57 ? 44  SER A CB  1 
ATOM   326  O OG  . SER A 1 44  ? -12.482 -0.494  -8.504  1.00 40.05 ? 44  SER A OG  1 
ATOM   327  N N   . ILE A 1 45  ? -9.624  0.138   -6.621  1.00 38.90 ? 45  ILE A N   1 
ATOM   328  C CA  . ILE A 1 45  ? -8.480  -0.472  -5.929  1.00 39.14 ? 45  ILE A CA  1 
ATOM   329  C C   . ILE A 1 45  ? -7.447  0.569   -5.455  1.00 38.64 ? 45  ILE A C   1 
ATOM   330  O O   . ILE A 1 45  ? -6.887  0.422   -4.365  1.00 39.65 ? 45  ILE A O   1 
ATOM   331  C CB  . ILE A 1 45  ? -7.818  -1.637  -6.771  1.00 38.58 ? 45  ILE A CB  1 
ATOM   332  C CG1 . ILE A 1 45  ? -6.704  -2.355  -5.987  1.00 38.55 ? 45  ILE A CG1 1 
ATOM   333  C CG2 . ILE A 1 45  ? -7.249  -1.142  -8.113  1.00 39.70 ? 45  ILE A CG2 1 
ATOM   334  C CD1 . ILE A 1 45  ? -7.136  -2.997  -4.671  1.00 41.29 ? 45  ILE A CD1 1 
ATOM   335  N N   . THR A 1 46  ? -7.199  1.598   -6.253  1.00 38.79 ? 46  THR A N   1 
ATOM   336  C CA  . THR A 1 46  ? -6.202  2.593   -5.857  1.00 39.57 ? 46  THR A CA  1 
ATOM   337  C C   . THR A 1 46  ? -6.667  3.394   -4.634  1.00 40.39 ? 46  THR A C   1 
ATOM   338  O O   . THR A 1 46  ? -5.874  3.679   -3.738  1.00 40.22 ? 46  THR A O   1 
ATOM   339  C CB  . THR A 1 46  ? -5.826  3.495   -7.014  1.00 39.46 ? 46  THR A CB  1 
ATOM   340  O OG1 . THR A 1 46  ? -6.964  4.272   -7.403  1.00 39.33 ? 46  THR A OG1 1 
ATOM   341  C CG2 . THR A 1 46  ? -5.322  2.649   -8.216  1.00 39.82 ? 46  THR A CG2 1 
ATOM   342  N N   . CYS A 1 47  ? -7.928  3.751   -4.587  1.00 40.07 ? 47  CYS A N   1 
ATOM   343  C CA  . CYS A 1 47  ? -8.494  4.448   -3.389  1.00 41.42 ? 47  CYS A CA  1 
ATOM   344  C C   . CYS A 1 47  ? -8.585  3.550   -2.192  1.00 41.17 ? 47  CYS A C   1 
ATOM   345  O O   . CYS A 1 47  ? -8.484  4.007   -1.055  1.00 41.06 ? 47  CYS A O   1 
ATOM   346  C CB  . CYS A 1 47  ? -9.854  5.041   -3.663  1.00 41.52 ? 47  CYS A CB  1 
ATOM   347  S SG  . CYS A 1 47  ? -9.869  6.367   -4.956  1.00 45.23 ? 47  CYS A SG  1 
ATOM   348  N N   . TYR A 1 48  ? -8.740  2.247   -2.413  1.00 40.39 ? 48  TYR A N   1 
ATOM   349  C CA  . TYR A 1 48  ? -8.661  1.283   -1.319  1.00 40.15 ? 48  TYR A CA  1 
ATOM   350  C C   . TYR A 1 48  ? -7.287  1.318   -0.675  1.00 40.28 ? 48  TYR A C   1 
ATOM   351  O O   . TYR A 1 48  ? -7.167  1.380   0.553   1.00 40.92 ? 48  TYR A O   1 
ATOM   352  C CB  . TYR A 1 48  ? -8.973  -0.157  -1.804  1.00 40.38 ? 48  TYR A CB  1 
ATOM   353  C CG  . TYR A 1 48  ? -8.722  -1.195  -0.749  1.00 40.42 ? 48  TYR A CG  1 
ATOM   354  C CD1 . TYR A 1 48  ? -9.648  -1.409  0.275   1.00 41.34 ? 48  TYR A CD1 1 
ATOM   355  C CD2 . TYR A 1 48  ? -7.562  -1.905  -0.734  1.00 41.03 ? 48  TYR A CD2 1 
ATOM   356  C CE1 . TYR A 1 48  ? -9.400  -2.300  1.267   1.00 41.36 ? 48  TYR A CE1 1 
ATOM   357  C CE2 . TYR A 1 48  ? -7.306  -2.791  0.273   1.00 42.10 ? 48  TYR A CE2 1 
ATOM   358  C CZ  . TYR A 1 48  ? -8.259  -3.004  1.249   1.00 41.42 ? 48  TYR A CZ  1 
ATOM   359  O OH  . TYR A 1 48  ? -8.043  -3.918  2.260   1.00 43.88 ? 48  TYR A OH  1 
ATOM   360  N N   . MET A 1 49  ? -6.242  1.280   -1.489  1.00 40.42 ? 49  MET A N   1 
ATOM   361  C CA  . MET A 1 49  ? -4.901  1.318   -0.930  1.00 39.84 ? 49  MET A CA  1 
ATOM   362  C C   . MET A 1 49  ? -4.648  2.618   -0.171  1.00 39.50 ? 49  MET A C   1 
ATOM   363  O O   . MET A 1 49  ? -4.120  2.612   0.929   1.00 38.92 ? 49  MET A O   1 
ATOM   364  C CB  . MET A 1 49  ? -3.876  1.091   -2.028  1.00 40.44 ? 49  MET A CB  1 
ATOM   365  C CG  . MET A 1 49  ? -3.969  -0.311  -2.645  1.00 40.61 ? 49  MET A CG  1 
ATOM   366  S SD  . MET A 1 49  ? -2.584  -0.668  -3.766  1.00 42.40 ? 49  MET A SD  1 
ATOM   367  C CE  . MET A 1 49  ? -2.985  0.343   -5.163  1.00 42.90 ? 49  MET A CE  1 
ATOM   368  N N   . TYR A 1 50  ? -5.059  3.744   -0.721  1.00 39.33 ? 50  TYR A N   1 
ATOM   369  C CA  . TYR A 1 50  ? -4.906  5.005   -0.004  1.00 39.61 ? 50  TYR A CA  1 
ATOM   370  C C   . TYR A 1 50  ? -5.665  4.941   1.322   1.00 40.15 ? 50  TYR A C   1 
ATOM   371  O O   . TYR A 1 50  ? -5.130  5.337   2.367   1.00 41.16 ? 50  TYR A O   1 
ATOM   372  C CB  . TYR A 1 50  ? -5.354  6.215   -0.867  1.00 40.21 ? 50  TYR A CB  1 
ATOM   373  C CG  . TYR A 1 50  ? -5.325  7.474   -0.034  1.00 39.88 ? 50  TYR A CG  1 
ATOM   374  C CD1 . TYR A 1 50  ? -4.133  8.145   0.178   1.00 38.63 ? 50  TYR A CD1 1 
ATOM   375  C CD2 . TYR A 1 50  ? -6.466  7.945   0.601   1.00 41.91 ? 50  TYR A CD2 1 
ATOM   376  C CE1 . TYR A 1 50  ? -4.075  9.249   1.030   1.00 40.14 ? 50  TYR A CE1 1 
ATOM   377  C CE2 . TYR A 1 50  ? -6.406  9.031   1.479   1.00 42.56 ? 50  TYR A CE2 1 
ATOM   378  C CZ  . TYR A 1 50  ? -5.219  9.696   1.663   1.00 41.47 ? 50  TYR A CZ  1 
ATOM   379  O OH  . TYR A 1 50  ? -5.187  10.797  2.528   1.00 41.86 ? 50  TYR A OH  1 
ATOM   380  N N   . CYS A 1 51  ? -6.901  4.432   1.255   1.00 40.80 ? 51  CYS A N   1 
ATOM   381  C CA  . CYS A 1 51  ? -7.791  4.339   2.424   1.00 41.20 ? 51  CYS A CA  1 
ATOM   382  C C   . CYS A 1 51  ? -7.126  3.554   3.555   1.00 41.10 ? 51  CYS A C   1 
ATOM   383  O O   . CYS A 1 51  ? -7.108  3.971   4.732   1.00 40.43 ? 51  CYS A O   1 
ATOM   384  C CB  . CYS A 1 51  ? -9.116  3.694   2.025   1.00 40.64 ? 51  CYS A CB  1 
ATOM   385  S SG  . CYS A 1 51  ? -10.399 3.634   3.262   1.00 43.06 ? 51  CYS A SG  1 
ATOM   386  N N   . LEU A 1 52  ? -6.558  2.395   3.237   1.00 40.65 ? 52  LEU A N   1 
ATOM   387  C CA  . LEU A 1 52  ? -5.968  1.576   4.274   1.00 41.11 ? 52  LEU A CA  1 
ATOM   388  C C   . LEU A 1 52  ? -4.669  2.187   4.808   1.00 40.34 ? 52  LEU A C   1 
ATOM   389  O O   . LEU A 1 52  ? -4.411  2.135   5.999   1.00 40.36 ? 52  LEU A O   1 
ATOM   390  C CB  A LEU A 1 52  ? -5.776  0.135   3.786   0.50 41.49 ? 52  LEU A CB  1 
ATOM   391  C CB  B LEU A 1 52  ? -5.681  0.151   3.794   0.50 42.09 ? 52  LEU A CB  1 
ATOM   392  C CG  A LEU A 1 52  ? -5.636  -0.879  4.923   0.50 41.04 ? 52  LEU A CG  1 
ATOM   393  C CG  B LEU A 1 52  ? -6.714  -0.971  3.874   0.50 44.66 ? 52  LEU A CG  1 
ATOM   394  C CD1 A LEU A 1 52  ? -6.910  -0.962  5.760   0.50 41.95 ? 52  LEU A CD1 1 
ATOM   395  C CD1 B LEU A 1 52  ? -5.917  -2.253  3.757   0.50 45.49 ? 52  LEU A CD1 1 
ATOM   396  C CD2 A LEU A 1 52  ? -5.250  -2.263  4.420   0.50 41.98 ? 52  LEU A CD2 1 
ATOM   397  C CD2 B LEU A 1 52  ? -7.562  -1.003  5.136   0.50 44.51 ? 52  LEU A CD2 1 
ATOM   398  N N   . LEU A 1 53  ? -3.860  2.762   3.932   1.00 39.95 ? 53  LEU A N   1 
ATOM   399  C CA  . LEU A 1 53  ? -2.632  3.438   4.366   1.00 40.47 ? 53  LEU A CA  1 
ATOM   400  C C   . LEU A 1 53  ? -2.969  4.573   5.314   1.00 40.98 ? 53  LEU A C   1 
ATOM   401  O O   . LEU A 1 53  ? -2.348  4.768   6.343   1.00 40.69 ? 53  LEU A O   1 
ATOM   402  C CB  . LEU A 1 53  ? -1.891  3.992   3.142   1.00 39.57 ? 53  LEU A CB  1 
ATOM   403  C CG  . LEU A 1 53  ? -1.154  2.955   2.315   1.00 41.10 ? 53  LEU A CG  1 
ATOM   404  C CD1 . LEU A 1 53  ? -0.678  3.579   1.018   1.00 41.14 ? 53  LEU A CD1 1 
ATOM   405  C CD2 . LEU A 1 53  ? 0.027   2.354   3.099   1.00 43.02 ? 53  LEU A CD2 1 
ATOM   406  N N   . GLU A 1 54  ? -3.990  5.334   4.967   1.00 40.52 ? 54  GLU A N   1 
ATOM   407  C CA  . GLU A 1 54  ? -4.414  6.442   5.807   1.00 41.14 ? 54  GLU A CA  1 
ATOM   408  C C   . GLU A 1 54  ? -4.897  5.975   7.150   1.00 41.66 ? 54  GLU A C   1 
ATOM   409  O O   . GLU A 1 54  ? -4.568  6.587   8.181   1.00 41.76 ? 54  GLU A O   1 
ATOM   410  C CB  . GLU A 1 54  ? -5.530  7.202   5.107   1.00 41.00 ? 54  GLU A CB  1 
ATOM   411  C CG  . GLU A 1 54  ? -5.942  8.528   5.757   1.00 43.65 ? 54  GLU A CG  1 
ATOM   412  C CD  . GLU A 1 54  ? -6.778  8.430   7.017   0.70 41.80 ? 54  GLU A CD  1 
ATOM   413  O OE1 . GLU A 1 54  ? -7.624  7.528   7.172   0.70 41.15 ? 54  GLU A OE1 1 
ATOM   414  O OE2 . GLU A 1 54  ? -6.573  9.276   7.916   0.70 43.62 ? 54  GLU A OE2 1 
ATOM   415  N N   . ALA A 1 55  ? -5.630  4.864   7.164   1.00 41.21 ? 55  ALA A N   1 
ATOM   416  C CA  . ALA A 1 55  ? -6.165  4.326   8.439   1.00 41.56 ? 55  ALA A CA  1 
ATOM   417  C C   . ALA A 1 55  ? -5.057  4.009   9.427   1.00 42.31 ? 55  ALA A C   1 
ATOM   418  O O   . ALA A 1 55  ? -5.257  4.098   10.638  1.00 44.07 ? 55  ALA A O   1 
ATOM   419  C CB  . ALA A 1 55  ? -6.972  3.099   8.164   1.00 42.68 ? 55  ALA A CB  1 
ATOM   420  N N   . PHE A 1 56  ? -3.880  3.648   8.929   1.00 42.72 ? 56  PHE A N   1 
ATOM   421  C CA  . PHE A 1 56  ? -2.765  3.313   9.807   1.00 43.20 ? 56  PHE A CA  1 
ATOM   422  C C   . PHE A 1 56  ? -1.669  4.370   9.861   1.00 43.05 ? 56  PHE A C   1 
ATOM   423  O O   . PHE A 1 56  ? -0.541  4.087   10.283  1.00 44.24 ? 56  PHE A O   1 
ATOM   424  C CB  . PHE A 1 56  ? -2.242  1.932   9.454   1.00 44.75 ? 56  PHE A CB  1 
ATOM   425  C CG  . PHE A 1 56  ? -3.169  0.858   9.898   1.00 45.06 ? 56  PHE A CG  1 
ATOM   426  C CD1 . PHE A 1 56  ? -3.089  0.365   11.187  1.00 45.92 ? 56  PHE A CD1 1 
ATOM   427  C CD2 . PHE A 1 56  ? -4.168  0.407   9.064   1.00 46.17 ? 56  PHE A CD2 1 
ATOM   428  C CE1 . PHE A 1 56  ? -3.965  -0.597  11.627  1.00 47.03 ? 56  PHE A CE1 1 
ATOM   429  C CE2 . PHE A 1 56  ? -5.071  -0.555  9.501   1.00 46.61 ? 56  PHE A CE2 1 
ATOM   430  C CZ  . PHE A 1 56  ? -4.967  -1.048  10.769  1.00 46.13 ? 56  PHE A CZ  1 
ATOM   431  N N   . SER A 1 57  ? -2.048  5.585   9.443   1.00 43.78 ? 57  SER A N   1 
ATOM   432  C CA  . SER A 1 57  ? -1.205  6.779   9.521   1.00 43.17 ? 57  SER A CA  1 
ATOM   433  C C   . SER A 1 57  ? 0.074   6.705   8.684   1.00 42.66 ? 57  SER A C   1 
ATOM   434  O O   . SER A 1 57  ? 1.086   7.359   8.983   1.00 43.89 ? 57  SER A O   1 
ATOM   435  C CB  . SER A 1 57  ? -0.927  7.137   10.971  1.00 44.77 ? 57  SER A CB  1 
ATOM   436  O OG  . SER A 1 57  ? -2.142  7.462   11.623  0.50 44.31 ? 57  SER A OG  1 
ATOM   437  N N   . LEU A 1 58  ? 0.004   5.965   7.585   1.00 40.39 ? 58  LEU A N   1 
ATOM   438  C CA  . LEU A 1 58  ? 1.159   5.772   6.751   1.00 40.70 ? 58  LEU A CA  1 
ATOM   439  C C   . LEU A 1 58  ? 1.244   6.869   5.715   1.00 40.17 ? 58  LEU A C   1 
ATOM   440  O O   . LEU A 1 58  ? 2.320   7.110   5.180   1.00 40.24 ? 58  LEU A O   1 
ATOM   441  C CB  . LEU A 1 58  ? 1.103   4.418   6.083   1.00 41.37 ? 58  LEU A CB  1 
ATOM   442  C CG  . LEU A 1 58  ? 1.417   3.308   7.091   1.00 42.50 ? 58  LEU A CG  1 
ATOM   443  C CD1 . LEU A 1 58  ? 0.663   2.054   6.740   1.00 46.24 ? 58  LEU A CD1 1 
ATOM   444  C CD2 . LEU A 1 58  ? 2.901   3.108   7.101   1.00 46.57 ? 58  LEU A CD2 1 
ATOM   445  N N   . VAL A 1 59  ? 0.131   7.553   5.511   1.00 40.22 ? 59  VAL A N   1 
ATOM   446  C CA  . VAL A 1 59  ? 0.056   8.701   4.582   1.00 40.18 ? 59  VAL A CA  1 
ATOM   447  C C   . VAL A 1 59  ? -0.793  9.789   5.222   1.00 41.34 ? 59  VAL A C   1 
ATOM   448  O O   . VAL A 1 59  ? -1.617  9.517   6.111   1.00 41.27 ? 59  VAL A O   1 
ATOM   449  C CB  . VAL A 1 59  ? -0.532  8.337   3.200   1.00 41.40 ? 59  VAL A CB  1 
ATOM   450  C CG1 . VAL A 1 59  ? 0.412   7.381   2.407   1.00 40.70 ? 59  VAL A CG1 1 
ATOM   451  C CG2 . VAL A 1 59  ? -1.966  7.803   3.311   1.00 40.96 ? 59  VAL A CG2 1 
ATOM   452  N N   . ASP A 1 60  ? -0.623  11.008  4.718   1.00 40.69 ? 60  ASP A N   1 
ATOM   453  C CA  . ASP A 1 60  ? -1.364  12.175  5.196   1.00 40.36 ? 60  ASP A CA  1 
ATOM   454  C C   . ASP A 1 60  ? -2.465  12.518  4.188   1.00 40.11 ? 60  ASP A C   1 
ATOM   455  O O   . ASP A 1 60  ? -2.794  11.722  3.304   1.00 41.45 ? 60  ASP A O   1 
ATOM   456  C CB  . ASP A 1 60  ? -0.427  13.377  5.478   1.00 40.71 ? 60  ASP A CB  1 
ATOM   457  C CG  . ASP A 1 60  ? 0.265   13.918  4.245   1.00 39.25 ? 60  ASP A CG  1 
ATOM   458  O OD1 . ASP A 1 60  ? -0.143  13.529  3.132   1.00 40.26 ? 60  ASP A OD1 1 
ATOM   459  O OD2 . ASP A 1 60  ? 1.248   14.698  4.423   1.00 41.25 ? 60  ASP A OD2 1 
ATOM   460  N N   . ASP A 1 61  ? -3.011  13.728  4.319   1.00 39.87 ? 61  ASP A N   1 
ATOM   461  C CA  . ASP A 1 61  ? -4.149  14.163  3.505   1.00 40.27 ? 61  ASP A CA  1 
ATOM   462  C C   . ASP A 1 61  ? -3.820  14.396  2.044   1.00 40.35 ? 61  ASP A C   1 
ATOM   463  O O   . ASP A 1 61  ? -4.748  14.602  1.230   1.00 42.39 ? 61  ASP A O   1 
ATOM   464  C CB  . ASP A 1 61  ? -4.771  15.444  4.084   1.00 39.08 ? 61  ASP A CB  1 
ATOM   465  C CG  . ASP A 1 61  ? -3.921  16.678  3.886   1.00 41.61 ? 61  ASP A CG  1 
ATOM   466  O OD1 . ASP A 1 61  ? -2.676  16.618  3.944   1.00 40.98 ? 61  ASP A OD1 1 
ATOM   467  O OD2 . ASP A 1 61  ? -4.517  17.770  3.720   1.00 39.53 ? 61  ASP A OD2 1 
ATOM   468  N N   . GLU A 1 62  ? -2.530  14.418  1.699   1.00 40.11 ? 62  GLU A N   1 
ATOM   469  C CA  . GLU A 1 62  ? -2.099  14.580  0.307   1.00 40.56 ? 62  GLU A CA  1 
ATOM   470  C C   . GLU A 1 62  ? -1.224  13.403  -0.174  1.00 40.04 ? 62  GLU A C   1 
ATOM   471  O O   . GLU A 1 62  ? -0.461  13.505  -1.143  1.00 40.37 ? 62  GLU A O   1 
ATOM   472  C CB  . GLU A 1 62  ? -1.455  15.933  0.086   1.00 40.39 ? 62  GLU A CB  1 
ATOM   473  C CG  . GLU A 1 62  ? -2.493  17.038  0.196   1.00 42.65 ? 62  GLU A CG  1 
ATOM   474  C CD  . GLU A 1 62  ? -2.088  18.393  -0.362  1.00 42.97 ? 62  GLU A CD  1 
ATOM   475  O OE1 . GLU A 1 62  ? -0.897  18.688  -0.563  1.00 46.13 ? 62  GLU A OE1 1 
ATOM   476  O OE2 . GLU A 1 62  ? -3.025  19.200  -0.579  1.00 46.95 ? 62  GLU A OE2 1 
ATOM   477  N N   . ALA A 1 63  ? -1.397  12.279  0.504   1.00 40.19 ? 63  ALA A N   1 
ATOM   478  C CA  . ALA A 1 63  ? -0.700  11.030  0.157   1.00 39.80 ? 63  ALA A CA  1 
ATOM   479  C C   . ALA A 1 63  ? 0.830   11.171  0.188   1.00 40.00 ? 63  ALA A C   1 
ATOM   480  O O   . ALA A 1 63  ? 1.555   10.503  -0.548  1.00 40.76 ? 63  ALA A O   1 
ATOM   481  C CB  . ALA A 1 63  ? -1.240  10.468  -1.213  1.00 38.11 ? 63  ALA A CB  1 
ATOM   482  N N   . ASN A 1 64  ? 1.328   12.010  1.099   1.00 40.68 ? 64  ASN A N   1 
ATOM   483  C CA  . ASN A 1 64  ? 2.735   12.014  1.451   1.00 40.42 ? 64  ASN A CA  1 
ATOM   484  C C   . ASN A 1 64  ? 2.972   10.859  2.401   1.00 40.12 ? 64  ASN A C   1 
ATOM   485  O O   . ASN A 1 64  ? 2.256   10.729  3.404   1.00 41.00 ? 64  ASN A O   1 
ATOM   486  C CB  . ASN A 1 64  ? 3.108   13.322  2.138   1.00 40.41 ? 64  ASN A CB  1 
ATOM   487  C CG  . ASN A 1 64  ? 2.832   14.540  1.259   1.00 43.46 ? 64  ASN A CG  1 
ATOM   488  O OD1 . ASN A 1 64  ? 3.368   14.639  0.150   1.00 45.30 ? 64  ASN A OD1 1 
ATOM   489  N ND2 . ASN A 1 64  ? 2.026   15.478  1.758   1.00 43.49 ? 64  ASN A ND2 1 
ATOM   490  N N   . VAL A 1 65  ? 3.994   10.052  2.130   1.00 40.44 ? 65  VAL A N   1 
ATOM   491  C CA  . VAL A 1 65  ? 4.278   8.870   2.949   1.00 41.31 ? 65  VAL A CA  1 
ATOM   492  C C   . VAL A 1 65  ? 5.164   9.182   4.138   1.00 42.02 ? 65  VAL A C   1 
ATOM   493  O O   . VAL A 1 65  ? 6.156   9.910   4.012   1.00 43.01 ? 65  VAL A O   1 
ATOM   494  C CB  . VAL A 1 65  ? 4.919   7.778   2.081   1.00 41.09 ? 65  VAL A CB  1 
ATOM   495  C CG1 . VAL A 1 65  ? 5.524   6.635   2.949   1.00 43.24 ? 65  VAL A CG1 1 
ATOM   496  C CG2 . VAL A 1 65  ? 3.893   7.286   1.099   1.00 42.10 ? 65  VAL A CG2 1 
ATOM   497  N N   . ASP A 1 66  ? 4.797   8.620   5.291   1.00 42.72 ? 66  ASP A N   1 
ATOM   498  C CA  . ASP A 1 66  ? 5.640   8.654   6.488   1.00 43.33 ? 66  ASP A CA  1 
ATOM   499  C C   . ASP A 1 66  ? 6.587   7.450   6.370   1.00 43.61 ? 66  ASP A C   1 
ATOM   500  O O   . ASP A 1 66  ? 6.205   6.311   6.642   1.00 43.43 ? 66  ASP A O   1 
ATOM   501  C CB  . ASP A 1 66  ? 4.790   8.574   7.754   1.00 43.63 ? 66  ASP A CB  1 
ATOM   502  C CG  . ASP A 1 66  ? 5.596   8.829   9.024   0.70 44.27 ? 66  ASP A CG  1 
ATOM   503  O OD1 . ASP A 1 66  ? 6.783   8.451   9.081   0.70 43.12 ? 66  ASP A OD1 1 
ATOM   504  O OD2 . ASP A 1 66  ? 5.040   9.421   9.971   0.70 48.95 ? 66  ASP A OD2 1 
ATOM   505  N N   . GLU A 1 67  ? 7.774   7.715   5.863   1.00 44.67 ? 67  GLU A N   1 
ATOM   506  C CA  . GLU A 1 67  ? 8.735   6.660   5.523   1.00 45.64 ? 67  GLU A CA  1 
ATOM   507  C C   . GLU A 1 67  ? 9.170   5.838   6.738   1.00 46.45 ? 67  GLU A C   1 
ATOM   508  O O   . GLU A 1 67  ? 9.328   4.614   6.645   1.00 46.69 ? 67  GLU A O   1 
ATOM   509  C CB  . GLU A 1 67  ? 9.944   7.279   4.824   1.00 45.90 ? 67  GLU A CB  1 
ATOM   510  C CG  . GLU A 1 67  ? 10.881  6.256   4.224   1.00 46.15 ? 67  GLU A CG  1 
ATOM   511  C CD  . GLU A 1 67  ? 12.080  6.856   3.537   0.50 45.66 ? 67  GLU A CD  1 
ATOM   512  O OE1 . GLU A 1 67  ? 11.968  7.978   3.006   0.50 46.20 ? 67  GLU A OE1 1 
ATOM   513  O OE2 . GLU A 1 67  ? 13.137  6.186   3.519   0.50 47.63 ? 67  GLU A OE2 1 
ATOM   514  N N   . ASP A 1 68  ? 9.333   6.498   7.880   1.00 46.46 ? 68  ASP A N   1 
ATOM   515  C CA  . ASP A 1 68  ? 9.746   5.819   9.105   1.00 47.25 ? 68  ASP A CA  1 
ATOM   516  C C   . ASP A 1 68  ? 8.661   4.856   9.610   1.00 47.50 ? 68  ASP A C   1 
ATOM   517  O O   . ASP A 1 68  ? 8.971   3.716   9.975   1.00 48.16 ? 68  ASP A O   1 
ATOM   518  C CB  . ASP A 1 68  ? 10.109  6.840   10.183  1.00 47.50 ? 68  ASP A CB  1 
ATOM   519  C CG  . ASP A 1 68  ? 11.358  7.660   9.835   0.50 47.97 ? 68  ASP A CG  1 
ATOM   520  O OD1 . ASP A 1 68  ? 12.200  7.210   9.025   0.50 48.83 ? 68  ASP A OD1 1 
ATOM   521  O OD2 . ASP A 1 68  ? 11.497  8.768   10.385  0.50 49.60 ? 68  ASP A OD2 1 
ATOM   522  N N   . ILE A 1 69  ? 7.409   5.309   9.638   1.00 47.45 ? 69  ILE A N   1 
ATOM   523  C CA  . ILE A 1 69  ? 6.283   4.425   9.948   1.00 47.55 ? 69  ILE A CA  1 
ATOM   524  C C   . ILE A 1 69  ? 6.173   3.281   8.922   1.00 47.70 ? 69  ILE A C   1 
ATOM   525  O O   . ILE A 1 69  ? 5.998   2.118   9.324   1.00 48.93 ? 69  ILE A O   1 
ATOM   526  C CB  . ILE A 1 69  ? 4.928   5.179   10.004  1.00 47.78 ? 69  ILE A CB  1 
ATOM   527  C CG1 . ILE A 1 69  ? 4.905   6.173   11.168  0.80 46.84 ? 69  ILE A CG1 1 
ATOM   528  C CG2 . ILE A 1 69  ? 3.780   4.191   10.154  0.80 47.62 ? 69  ILE A CG2 1 
ATOM   529  C CD1 . ILE A 1 69  ? 3.590   6.942   11.263  0.80 48.47 ? 69  ILE A CD1 1 
ATOM   530  N N   . MET A 1 70  ? 6.330   3.582   7.632   1.00 46.43 ? 70  MET A N   1 
ATOM   531  C CA  . MET A 1 70  ? 6.241   2.551   6.584   1.00 46.28 ? 70  MET A CA  1 
ATOM   532  C C   . MET A 1 70  ? 7.316   1.487   6.750   1.00 45.63 ? 70  MET A C   1 
ATOM   533  O O   . MET A 1 70  ? 7.015   0.308   6.748   1.00 44.39 ? 70  MET A O   1 
ATOM   534  C CB  . MET A 1 70  ? 6.332   3.139   5.174   1.00 46.46 ? 70  MET A CB  1 
ATOM   535  C CG  . MET A 1 70  ? 6.054   2.121   4.048   1.00 46.56 ? 70  MET A CG  1 
ATOM   536  S SD  . MET A 1 70  ? 5.441   2.843   2.492   1.00 49.11 ? 70  MET A SD  1 
ATOM   537  C CE  . MET A 1 70  ? 3.815   3.352   3.004   1.00 46.08 ? 70  MET A CE  1 
ATOM   538  N N   . LEU A 1 71  ? 8.563   1.915   6.873   1.00 45.27 ? 71  LEU A N   1 
ATOM   539  C CA  . LEU A 1 71  ? 9.649   0.963   7.094   1.00 45.63 ? 71  LEU A CA  1 
ATOM   540  C C   . LEU A 1 71  ? 9.380   0.153   8.361   1.00 45.78 ? 71  LEU A C   1 
ATOM   541  O O   . LEU A 1 71  ? 9.649   -1.045  8.396   1.00 45.95 ? 71  LEU A O   1 
ATOM   542  C CB  . LEU A 1 71  ? 11.001  1.678   7.182   1.00 45.79 ? 71  LEU A CB  1 
ATOM   543  C CG  . LEU A 1 71  ? 11.498  2.415   5.937   1.00 45.81 ? 71  LEU A CG  1 
ATOM   544  C CD1 . LEU A 1 71  ? 12.762  3.191   6.276   1.00 45.63 ? 71  LEU A CD1 1 
ATOM   545  C CD2 . LEU A 1 71  ? 11.745  1.477   4.764   1.00 45.72 ? 71  LEU A CD2 1 
ATOM   546  N N   . GLY A 1 72  ? 8.824   0.803   9.383   1.00 45.93 ? 72  GLY A N   1 
ATOM   547  C CA  . GLY A 1 72  ? 8.465   0.141   10.644  1.00 46.12 ? 72  GLY A CA  1 
ATOM   548  C C   . GLY A 1 72  ? 7.454   -0.993  10.529  1.00 46.33 ? 72  GLY A C   1 
ATOM   549  O O   . GLY A 1 72  ? 7.414   -1.887  11.389  1.00 47.31 ? 72  GLY A O   1 
ATOM   550  N N   . LEU A 1 73  ? 6.628   -0.955  9.483   1.00 46.40 ? 73  LEU A N   1 
ATOM   551  C CA  . LEU A 1 73  ? 5.717   -2.062  9.166   1.00 45.95 ? 73  LEU A CA  1 
ATOM   552  C C   . LEU A 1 73  ? 6.481   -3.330  8.775   1.00 45.43 ? 73  LEU A C   1 
ATOM   553  O O   . LEU A 1 73  ? 6.051   -4.433  9.085   1.00 45.62 ? 73  LEU A O   1 
ATOM   554  C CB  . LEU A 1 73  ? 4.765   -1.686  8.021   1.00 46.28 ? 73  LEU A CB  1 
ATOM   555  C CG  . LEU A 1 73  ? 3.306   -1.356  8.325   1.00 47.46 ? 73  LEU A CG  1 
ATOM   556  C CD1 . LEU A 1 73  ? 3.145   -0.243  9.357   1.00 48.41 ? 73  LEU A CD1 1 
ATOM   557  C CD2 . LEU A 1 73  ? 2.624   -0.982  7.018   1.00 46.68 ? 73  LEU A CD2 1 
ATOM   558  N N   . LEU A 1 74  ? 7.610   -3.168  8.093   1.00 44.15 ? 74  LEU A N   1 
ATOM   559  C CA  . LEU A 1 74  ? 8.273   -4.288  7.448   1.00 43.77 ? 74  LEU A CA  1 
ATOM   560  C C   . LEU A 1 74  ? 9.184   -5.022  8.440   1.00 43.17 ? 74  LEU A C   1 
ATOM   561  O O   . LEU A 1 74  ? 9.632   -4.429  9.418   1.00 42.89 ? 74  LEU A O   1 
ATOM   562  C CB  . LEU A 1 74  ? 9.090   -3.804  6.241   1.00 43.79 ? 74  LEU A CB  1 
ATOM   563  C CG  . LEU A 1 74  ? 8.307   -3.095  5.127   1.00 44.35 ? 74  LEU A CG  1 
ATOM   564  C CD1 . LEU A 1 74  ? 9.241   -2.508  4.049   1.00 45.39 ? 74  LEU A CD1 1 
ATOM   565  C CD2 . LEU A 1 74  ? 7.322   -4.049  4.498   1.00 44.92 ? 74  LEU A CD2 1 
ATOM   566  N N   . PRO A 1 75  ? 9.473   -6.310  8.179   1.00 42.63 ? 75  PRO A N   1 
ATOM   567  C CA  . PRO A 1 75  ? 10.402  -7.046  9.040   1.00 42.25 ? 75  PRO A CA  1 
ATOM   568  C C   . PRO A 1 75  ? 11.783  -6.418  9.029   1.00 41.81 ? 75  PRO A C   1 
ATOM   569  O O   . PRO A 1 75  ? 12.203  -5.890  7.998   1.00 41.02 ? 75  PRO A O   1 
ATOM   570  C CB  . PRO A 1 75  ? 10.460  -8.434  8.396   1.00 42.29 ? 75  PRO A CB  1 
ATOM   571  C CG  . PRO A 1 75  ? 9.239   -8.532  7.547   1.00 42.88 ? 75  PRO A CG  1 
ATOM   572  C CD  . PRO A 1 75  ? 8.947   -7.150  7.089   1.00 42.85 ? 75  PRO A CD  1 
ATOM   573  N N   . ASP A 1 76  ? 12.489  -6.496  10.159  1.00 41.46 ? 76  ASP A N   1 
ATOM   574  C CA  . ASP A 1 76  ? 13.833  -5.925  10.283  1.00 42.00 ? 76  ASP A CA  1 
ATOM   575  C C   . ASP A 1 76  ? 14.712  -6.295  9.092   1.00 42.10 ? 76  ASP A C   1 
ATOM   576  O O   . ASP A 1 76  ? 15.455  -5.467  8.574   1.00 42.21 ? 76  ASP A O   1 
ATOM   577  C CB  . ASP A 1 76  ? 14.520  -6.434  11.561  1.00 41.58 ? 76  ASP A CB  1 
ATOM   578  C CG  . ASP A 1 76  ? 14.008  -5.764  12.821  0.50 41.40 ? 76  ASP A CG  1 
ATOM   579  O OD1 . ASP A 1 76  ? 13.117  -4.896  12.739  0.50 40.65 ? 76  ASP A OD1 1 
ATOM   580  O OD2 . ASP A 1 76  ? 14.516  -6.109  13.906  0.50 41.13 ? 76  ASP A OD2 1 
ATOM   581  N N   . GLN A 1 77  ? 14.611  -7.539  8.649   1.00 42.58 ? 77  GLN A N   1 
ATOM   582  C CA  . GLN A 1 77  ? 15.524  -8.045  7.637   1.00 42.84 ? 77  GLN A CA  1 
ATOM   583  C C   . GLN A 1 77  ? 15.253  -7.462  6.258   1.00 42.25 ? 77  GLN A C   1 
ATOM   584  O O   . GLN A 1 77  ? 16.075  -7.614  5.376   1.00 42.26 ? 77  GLN A O   1 
ATOM   585  C CB  . GLN A 1 77  ? 15.515  -9.585  7.608   1.00 42.79 ? 77  GLN A CB  1 
ATOM   586  C CG  . GLN A 1 77  ? 14.274  -10.225 7.005   1.00 43.83 ? 77  GLN A CG  1 
ATOM   587  C CD  . GLN A 1 77  ? 14.292  -11.734 7.114   0.30 43.23 ? 77  GLN A CD  1 
ATOM   588  O OE1 . GLN A 1 77  ? 13.483  -12.325 7.830   0.30 43.86 ? 77  GLN A OE1 1 
ATOM   589  N NE2 . GLN A 1 77  ? 15.222  -12.367 6.404   0.30 43.19 ? 77  GLN A NE2 1 
ATOM   590  N N   . LEU A 1 78  ? 14.106  -6.801  6.076   1.00 43.17 ? 78  LEU A N   1 
ATOM   591  C CA  . LEU A 1 78  ? 13.749  -6.204  4.794   1.00 43.29 ? 78  LEU A CA  1 
ATOM   592  C C   . LEU A 1 78  ? 14.014  -4.706  4.729   1.00 43.35 ? 78  LEU A C   1 
ATOM   593  O O   . LEU A 1 78  ? 13.897  -4.090  3.664   1.00 42.91 ? 78  LEU A O   1 
ATOM   594  C CB  . LEU A 1 78  ? 12.266  -6.448  4.483   1.00 43.95 ? 78  LEU A CB  1 
ATOM   595  C CG  . LEU A 1 78  ? 11.972  -7.292  3.245   1.00 46.18 ? 78  LEU A CG  1 
ATOM   596  C CD1 . LEU A 1 78  ? 10.462  -7.457  3.076   0.50 45.53 ? 78  LEU A CD1 1 
ATOM   597  C CD2 . LEU A 1 78  ? 12.567  -6.655  2.002   0.50 45.92 ? 78  LEU A CD2 1 
ATOM   598  N N   . GLN A 1 79  ? 14.375  -4.108  5.855   1.00 43.34 ? 79  GLN A N   1 
ATOM   599  C CA  . GLN A 1 79  ? 14.375  -2.649  5.931   1.00 43.40 ? 79  GLN A CA  1 
ATOM   600  C C   . GLN A 1 79  ? 15.484  -1.963  5.117   1.00 43.30 ? 79  GLN A C   1 
ATOM   601  O O   . GLN A 1 79  ? 15.252  -0.899  4.554   1.00 43.40 ? 79  GLN A O   1 
ATOM   602  C CB  . GLN A 1 79  ? 14.385  -2.213  7.400   1.00 43.99 ? 79  GLN A CB  1 
ATOM   603  C CG  . GLN A 1 79  ? 13.046  -2.580  8.095   1.00 43.42 ? 79  GLN A CG  1 
ATOM   604  C CD  . GLN A 1 79  ? 12.751  -1.772  9.342   0.50 43.78 ? 79  GLN A CD  1 
ATOM   605  O OE1 . GLN A 1 79  ? 13.231  -0.650  9.503   0.50 46.01 ? 79  GLN A OE1 1 
ATOM   606  N NE2 . GLN A 1 79  ? 11.934  -2.331  10.222  0.50 43.35 ? 79  GLN A NE2 1 
ATOM   607  N N   . GLU A 1 80  ? 16.662  -2.584  5.028   1.00 43.18 ? 80  GLU A N   1 
ATOM   608  C CA  . GLU A 1 80  ? 17.749  -2.026  4.204   1.00 43.30 ? 80  GLU A CA  1 
ATOM   609  C C   . GLU A 1 80  ? 17.281  -1.846  2.752   1.00 42.41 ? 80  GLU A C   1 
ATOM   610  O O   . GLU A 1 80  ? 17.392  -0.766  2.170   1.00 42.50 ? 80  GLU A O   1 
ATOM   611  C CB  . GLU A 1 80  ? 19.016  -2.917  4.280   1.00 43.22 ? 80  GLU A CB  1 
ATOM   612  C CG  . GLU A 1 80  ? 20.073  -2.568  3.229   1.00 44.13 ? 80  GLU A CG  1 
ATOM   613  C CD  . GLU A 1 80  ? 21.353  -3.384  3.284   1.00 46.46 ? 80  GLU A CD  1 
ATOM   614  O OE1 . GLU A 1 80  ? 21.340  -4.647  3.411   1.00 49.15 ? 80  GLU A OE1 1 
ATOM   615  O OE2 . GLU A 1 80  ? 22.409  -2.720  3.173   1.00 48.95 ? 80  GLU A OE2 1 
ATOM   616  N N   . ARG A 1 81  ? 16.767  -2.916  2.169   1.00 42.02 ? 81  ARG A N   1 
ATOM   617  C CA  . ARG A 1 81  ? 16.347  -2.900  0.767   1.00 42.30 ? 81  ARG A CA  1 
ATOM   618  C C   . ARG A 1 81  ? 15.098  -2.031  0.550   1.00 42.36 ? 81  ARG A C   1 
ATOM   619  O O   . ARG A 1 81  ? 14.968  -1.344  -0.459  1.00 41.44 ? 81  ARG A O   1 
ATOM   620  C CB  . ARG A 1 81  ? 16.084  -4.336  0.302   1.00 42.33 ? 81  ARG A CB  1 
ATOM   621  C CG  . ARG A 1 81  ? 15.607  -4.451  -1.144  1.00 42.85 ? 81  ARG A CG  1 
ATOM   622  C CD  . ARG A 1 81  ? 15.765  -5.883  -1.644  1.00 43.23 ? 81  ARG A CD  1 
ATOM   623  N NE  . ARG A 1 81  ? 15.802  -5.931  -3.102  0.50 41.78 ? 81  ARG A NE  1 
ATOM   624  C CZ  . ARG A 1 81  ? 15.776  -7.048  -3.822  0.50 41.67 ? 81  ARG A CZ  1 
ATOM   625  N NH1 . ARG A 1 81  ? 15.714  -8.230  -3.228  0.50 43.20 ? 81  ARG A NH1 1 
ATOM   626  N NH2 . ARG A 1 81  ? 15.809  -6.970  -5.155  0.50 42.58 ? 81  ARG A NH2 1 
ATOM   627  N N   . ALA A 1 82  ? 14.157  -2.078  1.491   1.00 41.86 ? 82  ALA A N   1 
ATOM   628  C CA  . ALA A 1 82  ? 12.988  -1.202  1.423   1.00 41.67 ? 82  ALA A CA  1 
ATOM   629  C C   . ALA A 1 82  ? 13.375  0.280   1.448   1.00 41.20 ? 82  ALA A C   1 
ATOM   630  O O   . ALA A 1 82  ? 12.800  1.094   0.695   1.00 40.72 ? 82  ALA A O   1 
ATOM   631  C CB  . ALA A 1 82  ? 12.023  -1.535  2.565   1.00 41.65 ? 82  ALA A CB  1 
ATOM   632  N N   . GLN A 1 83  ? 14.359  0.627   2.277   1.00 41.39 ? 83  GLN A N   1 
ATOM   633  C CA  . GLN A 1 83  ? 14.847  2.005   2.382   1.00 41.69 ? 83  GLN A CA  1 
ATOM   634  C C   . GLN A 1 83  ? 15.394  2.506   1.042   1.00 41.29 ? 83  GLN A C   1 
ATOM   635  O O   . GLN A 1 83  ? 15.154  3.658   0.647   1.00 41.58 ? 83  GLN A O   1 
ATOM   636  C CB  . GLN A 1 83  ? 15.902  2.116   3.480   1.00 42.47 ? 83  GLN A CB  1 
ATOM   637  C CG  . GLN A 1 83  ? 16.258  3.534   3.878   1.00 42.10 ? 83  GLN A CG  1 
ATOM   638  C CD  . GLN A 1 83  ? 17.200  3.564   5.060   0.50 42.54 ? 83  GLN A CD  1 
ATOM   639  O OE1 . GLN A 1 83  ? 18.411  3.439   4.898   0.50 44.71 ? 83  GLN A OE1 1 
ATOM   640  N NE2 . GLN A 1 83  ? 16.650  3.718   6.260   0.50 43.24 ? 83  GLN A NE2 1 
ATOM   641  N N   . SER A 1 84  ? 16.101  1.637   0.328   1.00 41.02 ? 84  SER A N   1 
ATOM   642  C CA  . SER A 1 84  ? 16.596  1.961   -1.025  1.00 42.19 ? 84  SER A CA  1 
ATOM   643  C C   . SER A 1 84  ? 15.438  2.179   -1.983  1.00 43.02 ? 84  SER A C   1 
ATOM   644  O O   . SER A 1 84  ? 15.392  3.158   -2.766  1.00 42.34 ? 84  SER A O   1 
ATOM   645  C CB  . SER A 1 84  ? 17.552  0.849   -1.514  0.80 42.21 ? 84  SER A CB  1 
ATOM   646  O OG  . SER A 1 84  ? 17.804  0.922   -2.912  0.80 41.17 ? 84  SER A OG  1 
ATOM   647  N N   . VAL A 1 85  ? 14.438  1.307   -1.878  1.00 43.37 ? 85  VAL A N   1 
ATOM   648  C CA  . VAL A 1 85  ? 13.263  1.410   -2.721  1.00 43.09 ? 85  VAL A CA  1 
ATOM   649  C C   . VAL A 1 85  ? 12.537  2.744   -2.503  1.00 43.26 ? 85  VAL A C   1 
ATOM   650  O O   . VAL A 1 85  ? 12.105  3.389   -3.454  1.00 43.83 ? 85  VAL A O   1 
ATOM   651  C CB  . VAL A 1 85  ? 12.295  0.230   -2.489  1.00 43.28 ? 85  VAL A CB  1 
ATOM   652  C CG1 . VAL A 1 85  ? 10.987  0.447   -3.235  1.00 42.56 ? 85  VAL A CG1 1 
ATOM   653  C CG2 . VAL A 1 85  ? 12.963  -1.063  -2.928  1.00 44.33 ? 85  VAL A CG2 1 
ATOM   654  N N   . MET A 1 86  ? 12.438  3.162   -1.242  1.00 43.27 ? 86  MET A N   1 
ATOM   655  C CA  . MET A 1 86  ? 11.784  4.446   -0.918  1.00 42.88 ? 86  MET A CA  1 
ATOM   656  C C   . MET A 1 86  ? 12.597  5.645   -1.385  1.00 42.35 ? 86  MET A C   1 
ATOM   657  O O   . MET A 1 86  ? 12.038  6.691   -1.708  1.00 40.95 ? 86  MET A O   1 
ATOM   658  C CB  A MET A 1 86  ? 11.515  4.543   0.590   0.70 43.81 ? 86  MET A CB  1 
ATOM   659  C CB  B MET A 1 86  ? 11.486  4.540   0.583   0.30 43.04 ? 86  MET A CB  1 
ATOM   660  C CG  A MET A 1 86  ? 10.575  3.460   1.114   0.70 45.02 ? 86  MET A CG  1 
ATOM   661  C CG  B MET A 1 86  ? 10.627  3.387   1.101   0.30 43.31 ? 86  MET A CG  1 
ATOM   662  S SD  A MET A 1 86  ? 9.003   3.463   0.218   0.70 50.18 ? 86  MET A SD  1 
ATOM   663  S SD  B MET A 1 86  ? 9.920   3.654   2.735   0.30 44.45 ? 86  MET A SD  1 
ATOM   664  C CE  A MET A 1 86  ? 8.175   2.022   0.883   0.70 47.68 ? 86  MET A CE  1 
ATOM   665  C CE  B MET A 1 86  ? 8.349   4.399   2.324   0.30 44.59 ? 86  MET A CE  1 
ATOM   666  N N   . GLY A 1 87  ? 13.915  5.510   -1.432  1.00 41.83 ? 87  GLY A N   1 
ATOM   667  C CA  . GLY A 1 87  ? 14.742  6.564   -2.016  1.00 41.85 ? 87  GLY A CA  1 
ATOM   668  C C   . GLY A 1 87  ? 14.385  6.832   -3.462  1.00 42.03 ? 87  GLY A C   1 
ATOM   669  O O   . GLY A 1 87  ? 14.377  7.985   -3.907  1.00 41.39 ? 87  GLY A O   1 
ATOM   670  N N   . LYS A 1 88  ? 14.040  5.772   -4.189  1.00 41.76 ? 88  LYS A N   1 
ATOM   671  C CA  . LYS A 1 88  ? 13.635  5.871   -5.597  1.00 41.62 ? 88  LYS A CA  1 
ATOM   672  C C   . LYS A 1 88  ? 12.171  6.297   -5.776  1.00 41.08 ? 88  LYS A C   1 
ATOM   673  O O   . LYS A 1 88  ? 11.825  7.095   -6.673  1.00 40.35 ? 88  LYS A O   1 
ATOM   674  C CB  . LYS A 1 88  ? 13.874  4.507   -6.262  1.00 41.99 ? 88  LYS A CB  1 
ATOM   675  C CG  . LYS A 1 88  ? 13.301  4.343   -7.668  1.00 43.48 ? 88  LYS A CG  1 
ATOM   676  C CD  . LYS A 1 88  ? 13.685  2.984   -8.222  0.50 42.14 ? 88  LYS A CD  1 
ATOM   677  C CE  . LYS A 1 88  ? 12.994  2.661   -9.532  0.50 43.06 ? 88  LYS A CE  1 
ATOM   678  N NZ  . LYS A 1 88  ? 13.224  1.222   -9.867  0.50 45.10 ? 88  LYS A NZ  1 
ATOM   679  N N   . CYS A 1 89  ? 11.286  5.784   -4.931  1.00 40.69 ? 89  CYS A N   1 
ATOM   680  C CA  . CYS A 1 89  ? 9.843   5.881   -5.211  1.00 41.19 ? 89  CYS A CA  1 
ATOM   681  C C   . CYS A 1 89  ? 9.122   7.028   -4.478  1.00 40.84 ? 89  CYS A C   1 
ATOM   682  O O   . CYS A 1 89  ? 7.955   7.350   -4.812  1.00 41.63 ? 89  CYS A O   1 
ATOM   683  C CB  . CYS A 1 89  ? 9.157   4.537   -4.927  1.00 41.49 ? 89  CYS A CB  1 
ATOM   684  S SG  . CYS A 1 89  ? 9.795   3.142   -5.898  1.00 44.43 ? 89  CYS A SG  1 
ATOM   685  N N   . LEU A 1 90  ? 9.800   7.632   -3.507  1.00 40.73 ? 90  LEU A N   1 
ATOM   686  C CA  . LEU A 1 90  ? 9.292   8.776   -2.781  1.00 40.28 ? 90  LEU A CA  1 
ATOM   687  C C   . LEU A 1 90  ? 10.124  10.027  -3.129  1.00 40.44 ? 90  LEU A C   1 
ATOM   688  O O   . LEU A 1 90  ? 11.315  9.920   -3.438  1.00 39.47 ? 90  LEU A O   1 
ATOM   689  C CB  . LEU A 1 90  ? 9.359   8.510   -1.278  1.00 40.76 ? 90  LEU A CB  1 
ATOM   690  C CG  . LEU A 1 90  ? 8.514   7.330   -0.797  1.00 40.89 ? 90  LEU A CG  1 
ATOM   691  C CD1 . LEU A 1 90  ? 8.751   7.132   0.716   1.00 41.31 ? 90  LEU A CD1 1 
ATOM   692  C CD2 . LEU A 1 90  ? 7.047   7.573   -1.151  1.00 41.44 ? 90  LEU A CD2 1 
ATOM   693  N N   . PRO A 1 91  ? 9.516   11.222  -3.071  1.00 40.22 ? 91  PRO A N   1 
ATOM   694  C CA  . PRO A 1 91  ? 8.115   11.484  -2.725  1.00 40.38 ? 91  PRO A CA  1 
ATOM   695  C C   . PRO A 1 91  ? 7.109   11.053  -3.781  1.00 40.27 ? 91  PRO A C   1 
ATOM   696  O O   . PRO A 1 91  ? 7.440   10.851  -4.951  1.00 40.62 ? 91  PRO A O   1 
ATOM   697  C CB  . PRO A 1 91  ? 8.078   13.005  -2.569  1.00 40.56 ? 91  PRO A CB  1 
ATOM   698  C CG  . PRO A 1 91  ? 9.193   13.500  -3.390  1.00 41.11 ? 91  PRO A CG  1 
ATOM   699  C CD  . PRO A 1 91  ? 10.259  12.465  -3.322  1.00 40.94 ? 91  PRO A CD  1 
ATOM   700  N N   . THR A 1 92  ? 5.865   10.916  -3.350  1.00 39.96 ? 92  THR A N   1 
ATOM   701  C CA  . THR A 1 92  ? 4.789   10.505  -4.233  1.00 40.53 ? 92  THR A CA  1 
ATOM   702  C C   . THR A 1 92  ? 4.415   11.598  -5.244  1.00 40.27 ? 92  THR A C   1 
ATOM   703  O O   . THR A 1 92  ? 4.683   12.779  -5.039  1.00 41.31 ? 92  THR A O   1 
ATOM   704  C CB  . THR A 1 92  ? 3.539   10.147  -3.423  1.00 40.28 ? 92  THR A CB  1 
ATOM   705  O OG1 . THR A 1 92  ? 3.169   11.275  -2.612  1.00 40.32 ? 92  THR A OG1 1 
ATOM   706  C CG2 . THR A 1 92  ? 3.823   8.935   -2.531  1.00 41.68 ? 92  THR A CG2 1 
ATOM   707  N N   . SER A 1 93  ? 3.792   11.184  -6.340  1.00 40.96 ? 93  SER A N   1 
ATOM   708  C CA  . SER A 1 93  ? 3.376   12.094  -7.406  1.00 41.21 ? 93  SER A CA  1 
ATOM   709  C C   . SER A 1 93  ? 2.208   11.448  -8.102  1.00 41.73 ? 93  SER A C   1 
ATOM   710  O O   . SER A 1 93  ? 2.119   10.229  -8.171  1.00 41.26 ? 93  SER A O   1 
ATOM   711  C CB  . SER A 1 93  ? 4.492   12.343  -8.435  1.00 41.84 ? 93  SER A CB  1 
ATOM   712  O OG  . SER A 1 93  ? 4.910   11.123  -9.016  0.50 41.78 ? 93  SER A OG  1 
ATOM   713  N N   . GLY A 1 94  ? 1.313   12.279  -8.611  1.00 41.73 ? 94  GLY A N   1 
ATOM   714  C CA  . GLY A 1 94  ? 0.112   11.789  -9.268  1.00 42.78 ? 94  GLY A CA  1 
ATOM   715  C C   . GLY A 1 94  ? -0.980  12.842  -9.249  1.00 42.50 ? 94  GLY A C   1 
ATOM   716  O O   . GLY A 1 94  ? -0.782  13.941  -8.699  1.00 44.34 ? 94  GLY A O   1 
ATOM   717  N N   . SER A 1 95  ? -2.146  12.478  -9.781  1.00 42.90 ? 95  SER A N   1 
ATOM   718  C CA  . SER A 1 95  ? -3.222  13.430  -10.090 1.00 42.63 ? 95  SER A CA  1 
ATOM   719  C C   . SER A 1 95  ? -4.153  13.699  -8.903  1.00 42.73 ? 95  SER A C   1 
ATOM   720  O O   . SER A 1 95  ? -4.916  14.682  -8.884  1.00 44.42 ? 95  SER A O   1 
ATOM   721  C CB  . SER A 1 95  ? -4.068  12.914  -11.276 1.00 42.77 ? 95  SER A CB  1 
ATOM   722  O OG  . SER A 1 95  ? -4.623  11.637  -10.962 1.00 46.28 ? 95  SER A OG  1 
ATOM   723  N N   . ASP A 1 96  ? -4.117  12.786  -7.947  1.00 42.61 ? 96  ASP A N   1 
ATOM   724  C CA  . ASP A 1 96  ? -4.929  12.834  -6.752  1.00 41.07 ? 96  ASP A CA  1 
ATOM   725  C C   . ASP A 1 96  ? -4.356  11.803  -5.786  1.00 40.98 ? 96  ASP A C   1 
ATOM   726  O O   . ASP A 1 96  ? -3.368  11.112  -6.110  1.00 41.84 ? 96  ASP A O   1 
ATOM   727  C CB  . ASP A 1 96  ? -6.393  12.518  -7.066  1.00 41.64 ? 96  ASP A CB  1 
ATOM   728  C CG  . ASP A 1 96  ? -6.556  11.243  -7.826  0.70 39.70 ? 96  ASP A CG  1 
ATOM   729  O OD1 . ASP A 1 96  ? -6.195  10.194  -7.286  0.70 41.99 ? 96  ASP A OD1 1 
ATOM   730  O OD2 . ASP A 1 96  ? -7.072  11.284  -8.979  0.70 43.48 ? 96  ASP A OD2 1 
ATOM   731  N N   . ASN A 1 97  ? -4.926  11.719  -4.588  1.00 39.11 ? 97  ASN A N   1 
ATOM   732  C CA  . ASN A 1 97  ? -4.392  10.787  -3.579  1.00 39.56 ? 97  ASN A CA  1 
ATOM   733  C C   . ASN A 1 97  ? -4.385  9.351   -4.054  1.00 40.28 ? 97  ASN A C   1 
ATOM   734  O O   . ASN A 1 97  ? -3.413  8.630   -3.807  1.00 40.18 ? 97  ASN A O   1 
ATOM   735  C CB  . ASN A 1 97  ? -5.150  10.882  -2.261  1.00 38.54 ? 97  ASN A CB  1 
ATOM   736  C CG  . ASN A 1 97  ? -4.851  12.168  -1.480  1.00 38.87 ? 97  ASN A CG  1 
ATOM   737  O OD1 . ASN A 1 97  ? -3.869  12.850  -1.741  1.00 40.79 ? 97  ASN A OD1 1 
ATOM   738  N ND2 . ASN A 1 97  ? -5.687  12.475  -0.517  1.00 38.23 ? 97  ASN A ND2 1 
ATOM   739  N N   . CYS A 1 98  ? -5.430  8.918   -4.744  1.00 40.78 ? 98  CYS A N   1 
ATOM   740  C CA  . CYS A 1 98  ? -5.498  7.508   -5.168  1.00 41.16 ? 98  CYS A CA  1 
ATOM   741  C C   . CYS A 1 98  ? -4.474  7.235   -6.267  1.00 41.07 ? 98  CYS A C   1 
ATOM   742  O O   . CYS A 1 98  ? -3.766  6.210   -6.222  1.00 40.27 ? 98  CYS A O   1 
ATOM   743  C CB  . CYS A 1 98  ? -6.896  7.125   -5.622  1.00 41.13 ? 98  CYS A CB  1 
ATOM   744  S SG  . CYS A 1 98  ? -8.179  7.571   -4.434  1.00 44.49 ? 98  CYS A SG  1 
ATOM   745  N N   . ASN A 1 99  ? -4.347  8.156   -7.206  1.00 41.20 ? 99  ASN A N   1 
ATOM   746  C CA  . ASN A 1 99  ? -3.368  7.984   -8.276  1.00 41.51 ? 99  ASN A CA  1 
ATOM   747  C C   . ASN A 1 99  ? -1.917  8.077   -7.763  1.00 40.83 ? 99  ASN A C   1 
ATOM   748  O O   . ASN A 1 99  ? -1.031  7.406   -8.264  1.00 41.48 ? 99  ASN A O   1 
ATOM   749  C CB  . ASN A 1 99  ? -3.595  8.997   -9.361  1.00 41.87 ? 99  ASN A CB  1 
ATOM   750  C CG  . ASN A 1 99  ? -2.674  8.775   -10.548 1.00 42.84 ? 99  ASN A CG  1 
ATOM   751  O OD1 . ASN A 1 99  ? -2.688  7.705   -11.190 1.00 45.89 ? 99  ASN A OD1 1 
ATOM   752  N ND2 . ASN A 1 99  ? -1.845  9.756   -10.827 1.00 41.80 ? 99  ASN A ND2 1 
ATOM   753  N N   . LYS A 1 100 ? -1.685  8.861   -6.710  1.00 40.65 ? 100 LYS A N   1 
ATOM   754  C CA  . LYS A 1 100 ? -0.366  8.880   -6.088  1.00 40.37 ? 100 LYS A CA  1 
ATOM   755  C C   . LYS A 1 100 ? 0.020   7.516   -5.552  1.00 40.65 ? 100 LYS A C   1 
ATOM   756  O O   . LYS A 1 100 ? 1.143   7.049   -5.757  1.00 40.92 ? 100 LYS A O   1 
ATOM   757  C CB  . LYS A 1 100 ? -0.321  9.936   -4.997  1.00 40.03 ? 100 LYS A CB  1 
ATOM   758  C CG  . LYS A 1 100 ? -0.191  11.341  -5.521  1.00 39.91 ? 100 LYS A CG  1 
ATOM   759  C CD  . LYS A 1 100 ? -0.214  12.370  -4.394  1.00 41.59 ? 100 LYS A CD  1 
ATOM   760  C CE  . LYS A 1 100 ? 0.037   13.772  -4.936  1.00 40.53 ? 100 LYS A CE  1 
ATOM   761  N NZ  . LYS A 1 100 ? -0.083  14.830  -3.854  1.00 42.07 ? 100 LYS A NZ  1 
ATOM   762  N N   . ILE A 1 101 ? -0.923  6.851   -4.890  1.00 39.87 ? 101 ILE A N   1 
ATOM   763  C CA  . ILE A 1 101 ? -0.661  5.529   -4.374  1.00 39.93 ? 101 ILE A CA  1 
ATOM   764  C C   . ILE A 1 101 ? -0.547  4.479   -5.492  1.00 39.86 ? 101 ILE A C   1 
ATOM   765  O O   . ILE A 1 101 ? 0.261   3.537   -5.376  1.00 39.99 ? 101 ILE A O   1 
ATOM   766  C CB  . ILE A 1 101 ? -1.674  5.143   -3.267  1.00 39.74 ? 101 ILE A CB  1 
ATOM   767  C CG1 . ILE A 1 101 ? -1.658  6.176   -2.133  1.00 38.89 ? 101 ILE A CG1 1 
ATOM   768  C CG2 . ILE A 1 101 ? -1.418  3.718   -2.730  1.00 39.57 ? 101 ILE A CG2 1 
ATOM   769  C CD1 . ILE A 1 101 ? -0.267  6.492   -1.517  1.00 42.03 ? 101 ILE A CD1 1 
ATOM   770  N N   . TYR A 1 102 ? -1.314  4.616   -6.570  1.00 39.73 ? 102 TYR A N   1 
ATOM   771  C CA  . TYR A 1 102 ? -1.105  3.785   -7.734  1.00 39.89 ? 102 TYR A CA  1 
ATOM   772  C C   . TYR A 1 102 ? 0.351   3.869   -8.218  1.00 40.32 ? 102 TYR A C   1 
ATOM   773  O O   . TYR A 1 102 ? 1.015   2.859   -8.419  1.00 40.09 ? 102 TYR A O   1 
ATOM   774  C CB  . TYR A 1 102 ? -2.025  4.215   -8.881  1.00 39.73 ? 102 TYR A CB  1 
ATOM   775  C CG  . TYR A 1 102 ? -1.715  3.521   -10.191 1.00 39.50 ? 102 TYR A CG  1 
ATOM   776  C CD1 . TYR A 1 102 ? -2.034  2.178   -10.394 1.00 38.91 ? 102 TYR A CD1 1 
ATOM   777  C CD2 . TYR A 1 102 ? -1.071  4.197   -11.201 1.00 41.69 ? 102 TYR A CD2 1 
ATOM   778  C CE1 . TYR A 1 102 ? -1.745  1.553   -11.599 1.00 39.53 ? 102 TYR A CE1 1 
ATOM   779  C CE2 . TYR A 1 102 ? -0.776  3.591   -12.406 1.00 40.20 ? 102 TYR A CE2 1 
ATOM   780  C CZ  . TYR A 1 102 ? -1.103  2.252   -12.599 1.00 40.45 ? 102 TYR A CZ  1 
ATOM   781  O OH  . TYR A 1 102 ? -0.806  1.632   -13.812 1.00 40.64 ? 102 TYR A OH  1 
ATOM   782  N N   . ASN A 1 103 ? 0.826   5.091   -8.405  1.00 40.66 ? 103 ASN A N   1 
ATOM   783  C CA  . ASN A 1 103 ? 2.192   5.298   -8.901  1.00 40.72 ? 103 ASN A CA  1 
ATOM   784  C C   . ASN A 1 103 ? 3.217   4.733   -7.924  1.00 40.73 ? 103 ASN A C   1 
ATOM   785  O O   . ASN A 1 103 ? 4.217   4.133   -8.350  1.00 40.85 ? 103 ASN A O   1 
ATOM   786  C CB  . ASN A 1 103 ? 2.460   6.785   -9.182  1.00 41.13 ? 103 ASN A CB  1 
ATOM   787  C CG  . ASN A 1 103 ? 1.689   7.311   -10.402 1.00 41.47 ? 103 ASN A CG  1 
ATOM   788  O OD1 . ASN A 1 103 ? 1.352   8.505   -10.466 1.00 47.04 ? 103 ASN A OD1 1 
ATOM   789  N ND2 . ASN A 1 103 ? 1.448   6.445   -11.395 1.00 40.23 ? 103 ASN A ND2 1 
ATOM   790  N N   . LEU A 1 104 ? 2.986   4.917   -6.625  1.00 40.80 ? 104 LEU A N   1 
ATOM   791  C CA  . LEU A 1 104 ? 3.885   4.369   -5.619  1.00 40.67 ? 104 LEU A CA  1 
ATOM   792  C C   . LEU A 1 104 ? 3.931   2.846   -5.667  1.00 41.02 ? 104 LEU A C   1 
ATOM   793  O O   . LEU A 1 104 ? 5.012   2.237   -5.689  1.00 40.89 ? 104 LEU A O   1 
ATOM   794  C CB  . LEU A 1 104 ? 3.456   4.831   -4.224  1.00 40.70 ? 104 LEU A CB  1 
ATOM   795  C CG  . LEU A 1 104 ? 4.216   4.255   -3.047  1.00 40.59 ? 104 LEU A CG  1 
ATOM   796  C CD1 . LEU A 1 104 ? 5.720   4.573   -3.142  1.00 40.78 ? 104 LEU A CD1 1 
ATOM   797  C CD2 . LEU A 1 104 ? 3.590   4.791   -1.767  1.00 41.48 ? 104 LEU A CD2 1 
ATOM   798  N N   . ALA A 1 105 ? 2.771   2.213   -5.672  1.00 40.12 ? 105 ALA A N   1 
ATOM   799  C CA  . ALA A 1 105 ? 2.704   0.765   -5.713  1.00 40.01 ? 105 ALA A CA  1 
ATOM   800  C C   . ALA A 1 105 ? 3.400   0.195   -6.949  1.00 40.12 ? 105 ALA A C   1 
ATOM   801  O O   . ALA A 1 105 ? 4.140   -0.786  -6.864  1.00 39.94 ? 105 ALA A O   1 
ATOM   802  C CB  . ALA A 1 105 ? 1.245   0.304   -5.679  1.00 39.57 ? 105 ALA A CB  1 
ATOM   803  N N   . LYS A 1 106 ? 3.156   0.799   -8.102  1.00 40.13 ? 106 LYS A N   1 
ATOM   804  C CA  . LYS A 1 106 ? 3.820   0.362   -9.324  1.00 40.18 ? 106 LYS A CA  1 
ATOM   805  C C   . LYS A 1 106 ? 5.340   0.469   -9.206  1.00 40.31 ? 106 LYS A C   1 
ATOM   806  O O   . LYS A 1 106 ? 6.066   -0.439  -9.608  1.00 40.20 ? 106 LYS A O   1 
ATOM   807  C CB  . LYS A 1 106 ? 3.317   1.164   -10.537 1.00 40.17 ? 106 LYS A CB  1 
ATOM   808  C CG  . LYS A 1 106 ? 1.828   0.985   -10.877 0.50 40.16 ? 106 LYS A CG  1 
ATOM   809  C CD  . LYS A 1 106 ? 1.432   -0.448  -11.249 0.50 40.42 ? 106 LYS A CD  1 
ATOM   810  C CE  . LYS A 1 106 ? 1.729   -0.777  -12.689 0.50 40.09 ? 106 LYS A CE  1 
ATOM   811  N NZ  . LYS A 1 106 ? 1.078   -2.055  -13.084 0.50 40.75 ? 106 LYS A NZ  1 
ATOM   812  N N   . CYS A 1 107 ? 5.814   1.555   -8.611  1.00 40.60 ? 107 CYS A N   1 
ATOM   813  C CA  . CYS A 1 107 ? 7.251   1.775   -8.454  1.00 39.60 ? 107 CYS A CA  1 
ATOM   814  C C   . CYS A 1 107 ? 7.861   0.769   -7.502  1.00 39.31 ? 107 CYS A C   1 
ATOM   815  O O   . CYS A 1 107 ? 8.948   0.232   -7.784  1.00 38.47 ? 107 CYS A O   1 
ATOM   816  C CB  . CYS A 1 107 ? 7.506   3.200   -7.966  1.00 40.57 ? 107 CYS A CB  1 
ATOM   817  S SG  . CYS A 1 107 ? 9.255   3.671   -7.815  1.00 42.47 ? 107 CYS A SG  1 
ATOM   818  N N   . VAL A 1 108 ? 7.197   0.507   -6.378  1.00 38.40 ? 108 VAL A N   1 
ATOM   819  C CA  . VAL A 1 108 ? 7.758   -0.444  -5.395  1.00 38.91 ? 108 VAL A CA  1 
ATOM   820  C C   . VAL A 1 108 ? 7.764   -1.838  -5.987  1.00 38.93 ? 108 VAL A C   1 
ATOM   821  O O   . VAL A 1 108 ? 8.766   -2.564  -5.880  1.00 37.88 ? 108 VAL A O   1 
ATOM   822  C CB  . VAL A 1 108 ? 6.972   -0.432  -4.065  1.00 38.44 ? 108 VAL A CB  1 
ATOM   823  C CG1 . VAL A 1 108 ? 7.453   -1.521  -3.111  1.00 38.43 ? 108 VAL A CG1 1 
ATOM   824  C CG2 . VAL A 1 108 ? 7.109   0.931   -3.395  1.00 39.58 ? 108 VAL A CG2 1 
ATOM   825  N N   . GLN A 1 109 ? 6.666   -2.218  -6.639  1.00 39.11 ? 109 GLN A N   1 
ATOM   826  C CA  . GLN A 1 109 ? 6.588   -3.551  -7.248  1.00 40.27 ? 109 GLN A CA  1 
ATOM   827  C C   . GLN A 1 109 ? 7.610   -3.771  -8.360  1.00 40.57 ? 109 GLN A C   1 
ATOM   828  O O   . GLN A 1 109 ? 8.148   -4.876  -8.500  1.00 40.27 ? 109 GLN A O   1 
ATOM   829  C CB  . GLN A 1 109 ? 5.180   -3.849  -7.739  1.00 40.28 ? 109 GLN A CB  1 
ATOM   830  C CG  . GLN A 1 109 ? 4.201   -4.045  -6.596  1.00 40.94 ? 109 GLN A CG  1 
ATOM   831  C CD  . GLN A 1 109 ? 2.901   -4.651  -7.059  0.50 40.46 ? 109 GLN A CD  1 
ATOM   832  O OE1 . GLN A 1 109 ? 2.376   -4.265  -8.098  0.50 42.48 ? 109 GLN A OE1 1 
ATOM   833  N NE2 . GLN A 1 109 ? 2.366   -5.595  -6.286  0.50 39.82 ? 109 GLN A NE2 1 
ATOM   834  N N   . GLU A 1 110 ? 7.893   -2.722  -9.124  1.00 41.16 ? 110 GLU A N   1 
ATOM   835  C CA  . GLU A 1 110 ? 8.910   -2.781  -10.175 1.00 42.45 ? 110 GLU A CA  1 
ATOM   836  C C   . GLU A 1 110 ? 10.331  -2.887  -9.617  1.00 42.61 ? 110 GLU A C   1 
ATOM   837  O O   . GLU A 1 110 ? 11.216  -3.417  -10.282 1.00 43.35 ? 110 GLU A O   1 
ATOM   838  C CB  . GLU A 1 110 ? 8.815   -1.556  -11.102 1.00 42.77 ? 110 GLU A CB  1 
ATOM   839  C CG  . GLU A 1 110 ? 8.209   -1.835  -12.470 1.00 46.23 ? 110 GLU A CG  1 
ATOM   840  C CD  . GLU A 1 110 ? 6.711   -1.615  -12.552 0.50 47.50 ? 110 GLU A CD  1 
ATOM   841  O OE1 . GLU A 1 110 ? 6.271   -1.057  -13.580 0.50 49.46 ? 110 GLU A OE1 1 
ATOM   842  O OE2 . GLU A 1 110 ? 5.965   -2.000  -11.622 0.50 50.13 ? 110 GLU A OE2 1 
ATOM   843  N N   . SER A 1 111 ? 10.542  -2.387  -8.403  1.00 43.35 ? 111 SER A N   1 
ATOM   844  C CA  . SER A 1 111 ? 11.885  -2.260  -7.835  1.00 44.24 ? 111 SER A CA  1 
ATOM   845  C C   . SER A 1 111 ? 12.271  -3.385  -6.881  1.00 44.79 ? 111 SER A C   1 
ATOM   846  O O   . SER A 1 111 ? 13.455  -3.674  -6.720  1.00 44.41 ? 111 SER A O   1 
ATOM   847  C CB  . SER A 1 111 ? 12.010  -0.946  -7.070  1.00 44.25 ? 111 SER A CB  1 
ATOM   848  O OG  . SER A 1 111 ? 11.640  0.164   -7.859  1.00 45.68 ? 111 SER A OG  1 
ATOM   849  N N   . ALA A 1 112 ? 11.288  -3.979  -6.210  1.00 45.58 ? 112 ALA A N   1 
ATOM   850  C CA  . ALA A 1 112 ? 11.563  -4.939  -5.144  1.00 46.95 ? 112 ALA A CA  1 
ATOM   851  C C   . ALA A 1 112 ? 10.477  -6.001  -5.104  1.00 47.71 ? 112 ALA A C   1 
ATOM   852  O O   . ALA A 1 112 ? 9.307   -5.665  -5.039  1.00 47.54 ? 112 ALA A O   1 
ATOM   853  C CB  . ALA A 1 112 ? 11.632  -4.217  -3.810  1.00 47.31 ? 112 ALA A CB  1 
ATOM   854  N N   . PRO A 1 113 ? 10.865  -7.290  -5.116  1.00 48.71 ? 113 PRO A N   1 
ATOM   855  C CA  . PRO A 1 113 ? 9.822   -8.328  -5.139  1.00 49.16 ? 113 PRO A CA  1 
ATOM   856  C C   . PRO A 1 113 ? 8.922   -8.397  -3.892  1.00 49.73 ? 113 PRO A C   1 
ATOM   857  O O   . PRO A 1 113 ? 7.702   -8.504  -4.025  1.00 50.67 ? 113 PRO A O   1 
ATOM   858  C CB  . PRO A 1 113 ? 10.616  -9.634  -5.277  0.50 49.05 ? 113 PRO A CB  1 
ATOM   859  C CG  . PRO A 1 113 ? 11.991  -9.235  -5.679  0.50 49.10 ? 113 PRO A CG  1 
ATOM   860  C CD  . PRO A 1 113 ? 12.218  -7.870  -5.134  0.50 48.62 ? 113 PRO A CD  1 
ATOM   861  N N   . ASP A 1 114 ? 9.521   -8.338  -2.702  1.00 49.88 ? 114 ASP A N   1 
ATOM   862  C CA  . ASP A 1 114 ? 8.832   -8.749  -1.471  1.00 49.32 ? 114 ASP A CA  1 
ATOM   863  C C   . ASP A 1 114 ? 8.191   -7.607  -0.675  1.00 49.04 ? 114 ASP A C   1 
ATOM   864  O O   . ASP A 1 114 ? 7.737   -7.824  0.443   1.00 49.76 ? 114 ASP A O   1 
ATOM   865  C CB  . ASP A 1 114 ? 9.810   -9.491  -0.542  0.50 49.40 ? 114 ASP A CB  1 
ATOM   866  C CG  . ASP A 1 114 ? 10.704  -10.477 -1.280  0.50 49.94 ? 114 ASP A CG  1 
ATOM   867  O OD1 . ASP A 1 114 ? 11.518  -10.034 -2.119  0.50 50.55 ? 114 ASP A OD1 1 
ATOM   868  O OD2 . ASP A 1 114 ? 10.612  -11.693 -1.001  0.50 50.05 ? 114 ASP A OD2 1 
ATOM   869  N N   . VAL A 1 115 ? 8.135   -6.402  -1.225  1.00 47.90 ? 115 VAL A N   1 
ATOM   870  C CA  . VAL A 1 115 ? 7.957   -5.231  -0.374  1.00 47.35 ? 115 VAL A CA  1 
ATOM   871  C C   . VAL A 1 115 ? 6.510   -4.750  -0.332  1.00 47.02 ? 115 VAL A C   1 
ATOM   872  O O   . VAL A 1 115 ? 5.921   -4.670  0.743   1.00 47.34 ? 115 VAL A O   1 
ATOM   873  C CB  . VAL A 1 115 ? 8.920   -4.099  -0.796  1.00 47.30 ? 115 VAL A CB  1 
ATOM   874  C CG1 . VAL A 1 115 ? 8.784   -2.899  0.120   1.00 47.41 ? 115 VAL A CG1 1 
ATOM   875  C CG2 . VAL A 1 115 ? 10.361  -4.625  -0.771  1.00 47.66 ? 115 VAL A CG2 1 
ATOM   876  N N   . TRP A 1 116 ? 5.937   -4.435  -1.486  1.00 45.96 ? 116 TRP A N   1 
ATOM   877  C CA  . TRP A 1 116 ? 4.536   -4.006  -1.525  1.00 45.95 ? 116 TRP A CA  1 
ATOM   878  C C   . TRP A 1 116 ? 3.635   -5.212  -1.292  1.00 45.95 ? 116 TRP A C   1 
ATOM   879  O O   . TRP A 1 116 ? 3.860   -6.308  -1.837  1.00 46.02 ? 116 TRP A O   1 
ATOM   880  C CB  . TRP A 1 116 ? 4.195   -3.323  -2.850  1.00 45.45 ? 116 TRP A CB  1 
ATOM   881  C CG  . TRP A 1 116 ? 2.952   -2.483  -2.791  1.00 45.00 ? 116 TRP A CG  1 
ATOM   882  C CD1 . TRP A 1 116 ? 1.702   -2.829  -3.225  1.00 44.76 ? 116 TRP A CD1 1 
ATOM   883  C CD2 . TRP A 1 116 ? 2.840   -1.163  -2.259  1.00 43.62 ? 116 TRP A CD2 1 
ATOM   884  N NE1 . TRP A 1 116 ? 0.820   -1.804  -2.989  1.00 43.86 ? 116 TRP A NE1 1 
ATOM   885  C CE2 . TRP A 1 116 ? 1.493   -0.762  -2.408  1.00 44.81 ? 116 TRP A CE2 1 
ATOM   886  C CE3 . TRP A 1 116 ? 3.751   -0.263  -1.680  1.00 45.02 ? 116 TRP A CE3 1 
ATOM   887  C CZ2 . TRP A 1 116 ? 1.035   0.482   -1.993  1.00 45.94 ? 116 TRP A CZ2 1 
ATOM   888  C CZ3 . TRP A 1 116 ? 3.289   0.988   -1.270  1.00 44.29 ? 116 TRP A CZ3 1 
ATOM   889  C CH2 . TRP A 1 116 ? 1.941   1.356   -1.455  1.00 46.05 ? 116 TRP A CH2 1 
ATOM   890  N N   . PHE A 1 117 ? 2.662   -5.031  -0.417  1.00 45.69 ? 117 PHE A N   1 
ATOM   891  C CA  . PHE A 1 117 ? 1.681   -6.065  -0.137  1.00 45.60 ? 117 PHE A CA  1 
ATOM   892  C C   . PHE A 1 117 ? 0.392   -5.319  0.139   1.00 45.58 ? 117 PHE A C   1 
ATOM   893  O O   . PHE A 1 117 ? 0.416   -4.199  0.643   1.00 45.24 ? 117 PHE A O   1 
ATOM   894  C CB  . PHE A 1 117 ? 2.103   -6.932  1.057   1.00 46.27 ? 117 PHE A CB  1 
ATOM   895  C CG  . PHE A 1 117 ? 2.072   -6.218  2.384   1.00 45.79 ? 117 PHE A CG  1 
ATOM   896  C CD1 . PHE A 1 117 ? 1.047   -6.463  3.297   1.00 46.66 ? 117 PHE A CD1 1 
ATOM   897  C CD2 . PHE A 1 117 ? 3.079   -5.327  2.730   1.00 46.73 ? 117 PHE A CD2 1 
ATOM   898  C CE1 . PHE A 1 117 ? 1.023   -5.820  4.533   1.00 46.86 ? 117 PHE A CE1 1 
ATOM   899  C CE2 . PHE A 1 117 ? 3.062   -4.669  3.956   1.00 46.78 ? 117 PHE A CE2 1 
ATOM   900  C CZ  . PHE A 1 117 ? 2.028   -4.904  4.854   1.00 46.90 ? 117 PHE A CZ  1 
ATOM   901  N N   . VAL A 1 118 ? -0.728  -5.926  -0.222  1.00 44.95 ? 118 VAL A N   1 
ATOM   902  C CA  . VAL A 1 118 ? -2.006  -5.317  0.056   1.00 44.76 ? 118 VAL A CA  1 
ATOM   903  C C   . VAL A 1 118 ? -2.874  -6.305  0.767   1.00 43.98 ? 118 VAL A C   1 
ATOM   904  O O   . VAL A 1 118 ? -3.048  -7.413  0.284   1.00 44.82 ? 118 VAL A O   1 
ATOM   905  C CB  . VAL A 1 118 ? -2.687  -4.834  -1.242  1.00 44.96 ? 118 VAL A CB  1 
ATOM   906  C CG1 . VAL A 1 118 ? -4.018  -4.149  -0.929  1.00 44.80 ? 118 VAL A CG1 1 
ATOM   907  C CG2 . VAL A 1 118 ? -1.761  -3.904  -1.991  1.00 45.11 ? 118 VAL A CG2 1 
ATOM   908  N N   . ILE A 1 119 ? -3.376  -5.924  1.938   1.00 43.60 ? 119 ILE A N   1 
ATOM   909  C CA  . ILE A 1 119 ? -4.289  -6.768  2.698   1.00 43.96 ? 119 ILE A CA  1 
ATOM   910  C C   . ILE A 1 119 ? -5.723  -6.342  2.423   1.00 43.53 ? 119 ILE A C   1 
ATOM   911  O O   . ILE A 1 119 ? -6.626  -7.177  2.371   1.00 43.32 ? 119 ILE A O   1 
ATOM   912  C CB  . ILE A 1 119 ? -4.004  -6.717  4.220   1.00 43.82 ? 119 ILE A CB  1 
ATOM   913  C CG1 . ILE A 1 119 ? -2.783  -7.570  4.553   1.00 44.96 ? 119 ILE A CG1 1 
ATOM   914  C CG2 . ILE A 1 119 ? -5.202  -7.229  5.013   1.00 43.73 ? 119 ILE A CG2 1 
ATOM   915  C CD1 . ILE A 1 119 ? -2.700  -7.970  5.997   1.00 44.37 ? 119 ILE A CD1 1 
ATOM   916  O OXT . ILE A 1 119 ? -5.969  -5.147  2.226   1.00 44.01 ? 119 ILE A OXT 1 
HETATM 917  O O1S . NBB B 2 .   ? -2.366  -0.371  1.554   0.70 46.02 ? 120 NBB A O1S 1 
HETATM 918  S S   . NBB B 2 .   ? -1.795  -1.626  2.106   0.70 44.20 ? 120 NBB A S   1 
HETATM 919  O O2S . NBB B 2 .   ? -2.733  -2.745  1.861   0.70 43.76 ? 120 NBB A O2S 1 
HETATM 920  N N10 . NBB B 2 .   ? -0.438  -1.862  1.439   0.70 43.92 ? 120 NBB A N10 1 
HETATM 921  C C11 . NBB B 2 .   ? 0.666   -0.920  1.615   0.70 44.42 ? 120 NBB A C11 1 
HETATM 922  C C12 . NBB B 2 .   ? 1.947   -1.716  1.835   0.70 44.77 ? 120 NBB A C12 1 
HETATM 923  C C13 . NBB B 2 .   ? 3.080   -0.796  2.271   0.70 45.11 ? 120 NBB A C13 1 
HETATM 924  C C14 . NBB B 2 .   ? 4.437   -1.348  1.881   0.70 45.35 ? 120 NBB A C14 1 
HETATM 925  C C4  . NBB B 2 .   ? -1.601  -1.544  3.692   0.70 42.90 ? 120 NBB A C4  1 
HETATM 926  C C5  . NBB B 2 .   ? -0.947  -2.585  4.338   0.70 43.14 ? 120 NBB A C5  1 
HETATM 927  C C6  . NBB B 2 .   ? -0.766  -2.552  5.715   0.70 43.03 ? 120 NBB A C6  1 
HETATM 928  C C1  . NBB B 2 .   ? -1.240  -1.475  6.460   0.70 43.42 ? 120 NBB A C1  1 
HETATM 929  C C2  . NBB B 2 .   ? -1.895  -0.429  5.816   0.70 42.75 ? 120 NBB A C2  1 
HETATM 930  C C3  . NBB B 2 .   ? -2.070  -0.466  4.439   0.70 42.27 ? 120 NBB A C3  1 
HETATM 931  C C1  . GOL C 3 .   ? 0.884   -3.292  15.329  1.00 69.51 ? 121 GOL A C1  1 
HETATM 932  O O1  . GOL C 3 .   ? 0.241   -2.676  16.430  1.00 69.73 ? 121 GOL A O1  1 
HETATM 933  C C2  . GOL C 3 .   ? 1.270   -2.272  14.256  1.00 69.20 ? 121 GOL A C2  1 
HETATM 934  O O2  . GOL C 3 .   ? 1.912   -1.152  14.833  1.00 69.37 ? 121 GOL A O2  1 
HETATM 935  C C3  . GOL C 3 .   ? 0.041   -1.806  13.478  1.00 68.85 ? 121 GOL A C3  1 
HETATM 936  O O3  . GOL C 3 .   ? -0.148  -2.616  12.338  0.50 68.41 ? 121 GOL A O3  1 
HETATM 937  O O   . HOH D 4 .   ? -14.241 3.749   -6.414  1.00 26.45 ? 122 HOH A O   1 
HETATM 938  O O   . HOH D 4 .   ? -13.164 -7.874  -9.222  1.00 24.55 ? 123 HOH A O   1 
HETATM 939  O O   . HOH D 4 .   ? -9.113  -2.064  11.500  1.00 30.52 ? 124 HOH A O   1 
HETATM 940  O O   . HOH D 4 .   ? -17.154 -3.591  -2.396  1.00 24.90 ? 125 HOH A O   1 
HETATM 941  O O   . HOH D 4 .   ? -7.172  18.557  3.334   1.00 24.08 ? 126 HOH A O   1 
HETATM 942  O O   . HOH D 4 .   ? 3.695   8.237   -6.185  1.00 23.70 ? 127 HOH A O   1 
HETATM 943  O O   . HOH D 4 .   ? -13.095 0.908   -16.030 1.00 32.13 ? 128 HOH A O   1 
HETATM 944  O O   . HOH D 4 .   ? -19.010 -1.275  -2.050  1.00 26.81 ? 129 HOH A O   1 
HETATM 945  O O   . HOH D 4 .   ? 3.205   14.092  6.137   1.00 33.70 ? 130 HOH A O   1 
HETATM 946  O O   . HOH D 4 .   ? -11.121 -2.236  -15.749 1.00 29.23 ? 131 HOH A O   1 
HETATM 947  O O   . HOH D 4 .   ? 5.798   11.018  -0.038  1.00 28.65 ? 132 HOH A O   1 
HETATM 948  O O   . HOH D 4 .   ? -13.626 5.638   -4.596  1.00 28.48 ? 133 HOH A O   1 
HETATM 949  O O   . HOH D 4 .   ? -8.992  -3.317  -10.911 1.00 30.88 ? 134 HOH A O   1 
HETATM 950  O O   . HOH D 4 .   ? -6.362  6.166   -9.239  1.00 27.13 ? 135 HOH A O   1 
HETATM 951  O O   . HOH D 4 .   ? -16.841 -4.456  2.953   1.00 34.53 ? 136 HOH A O   1 
HETATM 952  O O   . HOH D 4 .   ? 2.915   11.287  6.174   1.00 30.34 ? 137 HOH A O   1 
HETATM 953  O O   . HOH D 4 .   ? -7.672  8.477   -9.484  1.00 37.02 ? 138 HOH A O   1 
HETATM 954  O O   . HOH D 4 .   ? -7.814  -11.902 -8.504  1.00 36.27 ? 139 HOH A O   1 
HETATM 955  O O   . HOH D 4 .   ? -17.414 4.682   5.713   1.00 32.67 ? 140 HOH A O   1 
HETATM 956  O O   . HOH D 4 .   ? 1.442   17.617  -0.302  1.00 33.46 ? 141 HOH A O   1 
HETATM 957  O O   . HOH D 4 .   ? -2.961  14.681  -3.445  1.00 29.58 ? 142 HOH A O   1 
HETATM 958  O O   . HOH D 4 .   ? -5.563  -4.938  -8.661  1.00 35.95 ? 143 HOH A O   1 
HETATM 959  O O   . HOH D 4 .   ? -9.710  -3.698  -13.667 1.00 34.30 ? 144 HOH A O   1 
HETATM 960  O O   . HOH D 4 .   ? 17.014  -5.709  3.480   1.00 36.89 ? 145 HOH A O   1 
HETATM 961  O O   . HOH D 4 .   ? -10.991 -8.763  -10.612 1.00 37.46 ? 146 HOH A O   1 
HETATM 962  O O   . HOH D 4 .   ? -3.913  1.427   -15.663 1.00 38.96 ? 147 HOH A O   1 
HETATM 963  O O   . HOH D 4 .   ? 2.450   14.059  -2.463  1.00 36.55 ? 148 HOH A O   1 
HETATM 964  O O   . HOH D 4 .   ? -15.902 -1.706  9.351   1.00 37.37 ? 149 HOH A O   1 
HETATM 965  O O   . HOH D 4 .   ? -13.081 1.621   10.265  1.00 37.61 ? 150 HOH A O   1 
HETATM 966  O O   . HOH D 4 .   ? -6.105  -3.634  -10.832 1.00 33.87 ? 151 HOH A O   1 
HETATM 967  O O   . HOH D 4 .   ? -0.532  7.258   -13.189 1.00 35.43 ? 152 HOH A O   1 
HETATM 968  O O   . HOH D 4 .   ? 8.885   10.572  5.950   1.00 44.81 ? 153 HOH A O   1 
HETATM 969  O O   . HOH D 4 .   ? -8.287  -13.936 -0.894  1.00 35.08 ? 154 HOH A O   1 
HETATM 970  O O   . HOH D 4 .   ? -0.524  21.121  -1.666  1.00 42.33 ? 155 HOH A O   1 
HETATM 971  O O   . HOH D 4 .   ? -10.310 -4.784  13.175  1.00 38.27 ? 156 HOH A O   1 
HETATM 972  O O   . HOH D 4 .   ? 2.156   15.207  -8.210  1.00 44.61 ? 157 HOH A O   1 
HETATM 973  O O   . HOH D 4 .   ? -12.954 7.828   -6.215  1.00 40.39 ? 158 HOH A O   1 
HETATM 974  O O   . HOH D 4 .   ? -9.526  9.241   -1.415  1.00 41.82 ? 159 HOH A O   1 
HETATM 975  O O   . HOH D 4 .   ? -8.085  -5.637  -14.549 1.00 44.44 ? 160 HOH A O   1 
HETATM 976  O O   . HOH D 4 .   ? -12.601 -9.679  1.708   1.00 43.01 ? 161 HOH A O   1 
HETATM 977  O O   . HOH D 4 .   ? 1.250   10.307  8.079   1.00 39.31 ? 162 HOH A O   1 
HETATM 978  O O   . HOH D 4 .   ? -8.705  6.066   -13.380 1.00 42.26 ? 163 HOH A O   1 
HETATM 979  O O   . HOH D 4 .   ? -15.757 0.801   10.606  1.00 41.38 ? 164 HOH A O   1 
HETATM 980  O O   . HOH D 4 .   ? -10.728 -13.383 -4.588  1.00 44.05 ? 165 HOH A O   1 
HETATM 981  O O   . HOH D 4 .   ? 5.610   13.583  -0.583  1.00 42.02 ? 166 HOH A O   1 
HETATM 982  O O   . HOH D 4 .   ? -14.110 2.613   -13.966 1.00 41.21 ? 167 HOH A O   1 
HETATM 983  O O   . HOH D 4 .   ? -8.419  11.228  -0.085  1.00 40.21 ? 168 HOH A O   1 
HETATM 984  O O   . HOH D 4 .   ? -8.749  6.539   10.032  1.00 43.50 ? 169 HOH A O   1 
HETATM 985  O O   . HOH D 4 .   ? -5.621  9.151   -12.478 1.00 44.27 ? 170 HOH A O   1 
HETATM 986  O O   . HOH D 4 .   ? 7.138   -5.429  -3.802  1.00 45.24 ? 171 HOH A O   1 
HETATM 987  O O   . HOH D 4 .   ? -13.307 -7.887  4.532   1.00 46.81 ? 172 HOH A O   1 
HETATM 988  O O   . HOH D 4 .   ? 13.286  -10.019 9.897   1.00 50.95 ? 173 HOH A O   1 
HETATM 989  O O   . HOH D 4 .   ? -5.572  18.515  -1.169  1.00 48.76 ? 174 HOH A O   1 
HETATM 990  O O   . HOH D 4 .   ? 2.448   -3.702  -10.531 1.00 47.55 ? 175 HOH A O   1 
HETATM 991  O O   . HOH D 4 .   ? 5.130   16.764  3.589   1.00 40.60 ? 176 HOH A O   1 
HETATM 992  O O   . HOH D 4 .   ? -0.064  9.747   -12.938 1.00 48.58 ? 177 HOH A O   1 
HETATM 993  O O   . HOH D 4 .   ? 6.178   14.801  -6.370  1.00 45.22 ? 178 HOH A O   1 
HETATM 994  O O   . HOH D 4 .   ? 15.555  -3.860  -5.159  1.00 51.78 ? 179 HOH A O   1 
HETATM 995  O O   . HOH D 4 .   ? 5.453   14.690  4.942   1.00 55.23 ? 180 HOH A O   1 
HETATM 996  O O   . HOH D 4 .   ? 2.936   4.651   -12.759 1.00 44.97 ? 181 HOH A O   1 
HETATM 997  O O   . HOH D 4 .   ? -14.448 7.041   -9.204  1.00 46.59 ? 182 HOH A O   1 
HETATM 998  O O   . HOH D 4 .   ? -8.363  -6.657  -10.622 1.00 42.93 ? 183 HOH A O   1 
HETATM 999  O O   . HOH D 4 .   ? 5.145   4.589   -11.057 1.00 36.30 ? 184 HOH A O   1 
HETATM 1000 O O   . HOH D 4 .   ? -19.940 2.321   -2.635  1.00 70.63 ? 185 HOH A O   1 
HETATM 1001 O O   . HOH D 4 .   ? 17.476  4.555   -4.037  1.00 42.76 ? 186 HOH A O   1 
HETATM 1002 O O   . HOH D 4 .   ? 16.197  -7.761  2.148   1.00 52.94 ? 187 HOH A O   1 
HETATM 1003 O O   . HOH D 4 .   ? 13.137  9.609   -1.088  1.00 44.62 ? 188 HOH A O   1 
HETATM 1004 O O   . HOH D 4 .   ? -10.186 8.778   -7.770  1.00 46.85 ? 189 HOH A O   1 
HETATM 1005 O O   . HOH D 4 .   ? 17.207  -9.170  11.189  1.00 46.02 ? 190 HOH A O   1 
HETATM 1006 O O   . HOH D 4 .   ? -19.701 2.683   2.608   1.00 46.33 ? 191 HOH A O   1 
HETATM 1007 O O   . HOH D 4 .   ? -7.948  12.887  -10.541 1.00 48.34 ? 192 HOH A O   1 
HETATM 1008 O O   . HOH D 4 .   ? 9.138   9.562   8.469   1.00 55.18 ? 193 HOH A O   1 
HETATM 1009 O O   . HOH D 4 .   ? -8.869  -8.984  7.475   1.00 40.55 ? 194 HOH A O   1 
HETATM 1010 O O   . HOH D 4 .   ? -5.847  -5.717  -12.808 1.00 42.13 ? 195 HOH A O   1 
HETATM 1011 O O   . HOH D 4 .   ? -5.474  7.430   10.877  1.00 45.36 ? 196 HOH A O   1 
HETATM 1012 O O   . HOH D 4 .   ? -11.489 -9.487  7.836   1.00 55.35 ? 197 HOH A O   1 
HETATM 1013 O O   . HOH D 4 .   ? -9.029  -13.868 -7.090  1.00 52.93 ? 198 HOH A O   1 
HETATM 1014 O O   . HOH D 4 .   ? -3.343  21.539  -2.046  1.00 51.34 ? 199 HOH A O   1 
HETATM 1015 O O   . HOH D 4 .   ? -10.138 10.514  -6.092  1.00 54.60 ? 200 HOH A O   1 
HETATM 1016 O O   . HOH D 4 .   ? -9.311  -10.989 -10.866 1.00 52.39 ? 201 HOH A O   1 
HETATM 1017 O O   . HOH D 4 .   ? -17.636 -4.595  0.161   1.00 47.70 ? 202 HOH A O   1 
HETATM 1018 O O   . HOH D 4 .   ? 2.233   -15.240 13.940  1.00 53.58 ? 203 HOH A O   1 
HETATM 1019 O O   . HOH D 4 .   ? -2.531  3.919   -16.122 1.00 51.75 ? 204 HOH A O   1 
HETATM 1020 O O   . HOH D 4 .   ? -17.928 2.254   9.024   1.00 57.16 ? 205 HOH A O   1 
HETATM 1021 O O   . HOH D 4 .   ? 14.961  6.235   1.717   1.00 52.08 ? 206 HOH A O   1 
HETATM 1022 O O   . HOH D 4 .   ? 19.377  -6.116  2.486   1.00 48.58 ? 207 HOH A O   1 
HETATM 1023 O O   . HOH D 4 .   ? 18.212  -12.358 6.214   1.00 49.24 ? 208 HOH A O   1 
HETATM 1024 O O   . HOH D 4 .   ? 9.228   17.201  -2.937  1.00 45.54 ? 209 HOH A O   1 
HETATM 1025 O O   . HOH D 4 .   ? 7.775   14.913  0.281   1.00 60.61 ? 210 HOH A O   1 
HETATM 1026 O O   . HOH D 4 .   ? -16.411 -4.290  10.594  1.00 54.99 ? 211 HOH A O   1 
HETATM 1027 O O   . HOH D 4 .   ? -9.093  5.658   5.875   1.00 22.18 ? 212 HOH A O   1 
HETATM 1028 O O   . HOH D 4 .   ? 6.331   9.491   12.306  1.00 64.41 ? 213 HOH A O   1 
HETATM 1029 O O   . HOH D 4 .   ? 11.605  -8.601  12.297  1.00 67.24 ? 214 HOH A O   1 
HETATM 1030 O O   . HOH D 4 .   ? 16.629  9.713   -4.464  1.00 62.57 ? 215 HOH A O   1 
HETATM 1031 O O   . HOH D 4 .   ? 8.525   15.678  -5.754  1.00 49.99 ? 216 HOH A O   1 
HETATM 1032 O O   . HOH D 4 .   ? -14.970 -6.464  10.048  1.00 57.65 ? 217 HOH A O   1 
HETATM 1033 O O   . HOH D 4 .   ? -8.113  15.090  -5.419  1.00 58.19 ? 218 HOH A O   1 
HETATM 1034 O O   . HOH D 4 .   ? 4.563   -6.451  -11.222 1.00 58.79 ? 219 HOH A O   1 
HETATM 1035 O O   . HOH D 4 .   ? 6.640   -6.762  10.211  1.00 62.69 ? 220 HOH A O   1 
HETATM 1036 O O   . HOH D 4 .   ? -7.671  12.072  2.851   0.50 30.59 ? 221 HOH A O   1 
HETATM 1037 O O   . HOH D 4 .   ? -12.576 -7.337  6.824   1.00 39.35 ? 222 HOH A O   1 
HETATM 1038 O O   . HOH D 4 .   ? 19.308  -7.358  0.427   1.00 48.76 ? 223 HOH A O   1 
HETATM 1039 O O   . HOH D 4 .   ? 9.729   11.143  -6.409  1.00 53.30 ? 224 HOH A O   1 
HETATM 1040 O O   . HOH D 4 .   ? 11.639  16.181  -2.575  1.00 51.45 ? 225 HOH A O   1 
HETATM 1041 O O   . HOH D 4 .   ? 7.173   16.689  -4.260  1.00 55.32 ? 226 HOH A O   1 
HETATM 1042 O O   . HOH D 4 .   ? 7.667   10.554  1.860   1.00 47.37 ? 227 HOH A O   1 
HETATM 1043 O O   . HOH D 4 .   ? -18.558 0.562   6.653   1.00 48.16 ? 228 HOH A O   1 
HETATM 1044 O O   . HOH D 4 .   ? -18.364 3.488   -4.116  0.50 47.78 ? 229 HOH A O   1 
HETATM 1045 O O   . HOH D 4 .   ? 16.459  -11.039 -3.819  1.00 51.20 ? 230 HOH A O   1 
HETATM 1046 O O   . HOH D 4 .   ? -17.774 -1.590  7.249   1.00 53.07 ? 231 HOH A O   1 
HETATM 1047 O O   . HOH D 4 .   ? -1.365  -3.201  -15.930 1.00 54.81 ? 232 HOH A O   1 
HETATM 1048 O O   . HOH D 4 .   ? 16.874  -10.301 -5.976  1.00 60.70 ? 233 HOH A O   1 
HETATM 1049 O O   . HOH D 4 .   ? 7.453   3.730   -11.815 1.00 52.94 ? 234 HOH A O   1 
HETATM 1050 O O   . HOH D 4 .   ? -8.691  0.537   -16.408 1.00 51.18 ? 235 HOH A O   1 
HETATM 1051 O O   . HOH D 4 .   ? -7.048  2.215   12.469  1.00 58.45 ? 236 HOH A O   1 
HETATM 1052 O O   . HOH D 4 .   ? 9.013   20.249  -2.765  1.00 55.36 ? 237 HOH A O   1 
HETATM 1053 O O   . HOH D 4 .   ? 13.285  10.047  -5.105  1.00 56.80 ? 238 HOH A O   1 
HETATM 1054 O O   . HOH D 4 .   ? -1.727  16.297  -7.673  1.00 54.43 ? 239 HOH A O   1 
HETATM 1055 O O   . HOH D 4 .   ? 12.351  14.901  -4.875  1.00 63.55 ? 240 HOH A O   1 
HETATM 1056 O O   . HOH D 4 .   ? -3.953  5.870   12.669  1.00 50.24 ? 241 HOH A O   1 
HETATM 1057 O O   . HOH D 4 .   ? -0.076  3.226   -15.897 1.00 70.70 ? 242 HOH A O   1 
HETATM 1058 O O   . HOH D 4 .   ? -5.483  5.790   -16.031 1.00 52.71 ? 243 HOH A O   1 
HETATM 1059 O O   . HOH D 4 .   ? 1.372   1.938   11.601  1.00 56.40 ? 244 HOH A O   1 
HETATM 1060 O O   . HOH D 4 .   ? -18.564 2.381   4.590   1.00 47.16 ? 245 HOH A O   1 
HETATM 1061 O O   . HOH D 4 .   ? -7.174  2.441   -16.466 1.00 71.69 ? 246 HOH A O   1 
HETATM 1062 O O   . HOH D 4 .   ? 5.185   -7.824  -9.091  1.00 58.35 ? 247 HOH A O   1 
HETATM 1063 O O   . HOH D 4 .   ? 14.114  6.392   6.557   1.00 65.90 ? 248 HOH A O   1 
HETATM 1064 O O   . HOH D 4 .   ? -1.306  -0.625  -15.408 1.00 65.41 ? 249 HOH A O   1 
HETATM 1065 O O   . HOH D 4 .   ? 4.616   8.905   -12.245 1.00 67.31 ? 250 HOH A O   1 
HETATM 1066 O O   . HOH D 4 .   ? 0.858   17.016  -6.006  1.00 56.61 ? 251 HOH A O   1 
HETATM 1067 O O   . HOH D 4 .   ? -6.558  16.437  -7.060  1.00 55.14 ? 252 HOH A O   1 
HETATM 1068 O O   . HOH D 4 .   ? 0.545   -10.950 1.299   1.00 49.53 ? 253 HOH A O   1 
HETATM 1069 O O   . HOH D 4 .   ? 17.237  -6.805  13.460  1.00 54.45 ? 254 HOH A O   1 
HETATM 1070 O O   . HOH D 4 .   ? 15.250  -3.330  -8.959  1.00 50.27 ? 255 HOH A O   1 
HETATM 1071 O O   . HOH D 4 .   ? -10.073 4.376   10.838  1.00 51.68 ? 256 HOH A O   1 
HETATM 1072 O O   . HOH D 4 .   ? -0.816  -4.904  -14.128 1.00 50.55 ? 257 HOH A O   1 
HETATM 1073 O O   . HOH D 4 .   ? -12.745 1.579   -10.286 1.00 21.61 ? 258 HOH A O   1 
HETATM 1074 O O   . HOH D 4 .   ? -0.106  3.011   13.214  1.00 64.04 ? 259 HOH A O   1 
HETATM 1075 O O   . HOH D 4 .   ? -14.615 -2.952  -8.297  0.50 26.54 ? 260 HOH A O   1 
HETATM 1076 O O   . HOH D 4 .   ? -13.361 -5.128  -9.701  0.50 26.17 ? 261 HOH A O   1 
HETATM 1077 O O   . HOH D 4 .   ? -10.611 -8.490  13.959  1.00 67.69 ? 262 HOH A O   1 
HETATM 1078 O O   . HOH D 4 .   ? -7.567  -9.744  -13.431 1.00 56.09 ? 263 HOH A O   1 
HETATM 1079 O O   . HOH D 4 .   ? -11.799 -11.746 -11.243 1.00 44.15 ? 264 HOH A O   1 
HETATM 1080 O O   . HOH D 4 .   ? -2.855  3.920   13.539  1.00 63.83 ? 265 HOH A O   1 
HETATM 1081 O O   . HOH D 4 .   ? 1.037   9.901   12.734  1.00 55.34 ? 266 HOH A O   1 
HETATM 1082 O O   . HOH D 4 .   ? 3.778   11.118  -11.410 1.00 63.23 ? 267 HOH A O   1 
HETATM 1083 O O   . HOH D 4 .   ? -3.674  16.013  -5.773  1.00 55.97 ? 268 HOH A O   1 
HETATM 1084 O O   . HOH D 4 .   ? -4.428  8.888   9.565   0.50 51.09 ? 269 HOH A O   1 
HETATM 1085 O O   . HOH D 4 .   ? -7.528  8.781   10.205  1.00 57.04 ? 270 HOH A O   1 
HETATM 1086 O O   . HOH D 4 .   ? 2.138   9.335   10.402  1.00 55.84 ? 271 HOH A O   1 
HETATM 1087 O O   . HOH D 4 .   ? 13.632  8.402   1.104   1.00 59.68 ? 272 HOH A O   1 
HETATM 1088 O O   . HOH D 4 .   ? 1.663   12.922  -12.229 1.00 62.76 ? 273 HOH A O   1 
HETATM 1089 O O   . HOH D 4 .   ? 6.816   13.907  2.727   1.00 62.00 ? 274 HOH A O   1 
HETATM 1090 O O   . HOH D 4 .   ? 19.340  0.877   2.016   1.00 38.63 ? 275 HOH A O   1 
HETATM 1091 O O   . HOH D 4 .   ? 19.919  -0.490  6.178   1.00 70.57 ? 276 HOH A O   1 
HETATM 1092 O O   . HOH D 4 .   ? 21.860  -1.843  5.662   1.00 63.98 ? 277 HOH A O   1 
HETATM 1093 O O   . HOH D 4 .   ? 10.603  14.694  -6.749  1.00 56.37 ? 278 HOH A O   1 
HETATM 1094 O O   . HOH D 4 .   ? 11.978  -14.072 10.348  1.00 65.60 ? 279 HOH A O   1 
# 
